data_5FK0
#
_entry.id   5FK0
#
_cell.length_a   86.900
_cell.length_b   148.630
_cell.length_c   222.720
_cell.angle_alpha   90.00
_cell.angle_beta   90.00
_cell.angle_gamma   90.00
#
_symmetry.space_group_name_H-M   'P 21 21 21'
#
loop_
_entity.id
_entity.type
_entity.pdbx_description
1 polymer 'COATOMER SUBUNIT DELTA'
2 non-polymer 'CALCIUM ION'
3 water water
#
_entity_poly.entity_id   1
_entity_poly.type   'polypeptide(L)'
_entity_poly.pdbx_seq_one_letter_code
;GPLGSEEDVPENNGILISIKEVINAEFSRDGTIHSSELKGVLELRINDHDLSHSNLKLADSIDVRDKSFQFKTHPNIDKQ
SFLSTKLISLRDKSKAFPANDQSLGVLRWRKVAPAEDDSLIPLTLTTWVSPSESQQGFDVIIEYESVLETELADVIFTIP
VFPQEPVDINTESSTCSDAEVVNMDQEMGTSIKISKIAANDAGALAFTIEAPYEDALYPMTVSFQESTRDKLAKSFTGMA
IQSVVMANDHDQELPYDVITSLKSDEYLVQ
;
_entity_poly.pdbx_strand_id   A,B,C,D,E,F,G,H
#
# COMPACT_ATOMS: atom_id res chain seq x y z
N ASP A 8 -6.52 11.55 34.33
CA ASP A 8 -5.62 10.67 33.51
C ASP A 8 -4.25 11.30 33.11
N VAL A 9 -3.95 12.53 33.57
CA VAL A 9 -2.69 13.24 33.32
C VAL A 9 -1.53 12.83 34.25
N PRO A 10 -0.42 12.35 33.67
CA PRO A 10 0.69 11.83 34.49
C PRO A 10 1.40 12.88 35.33
N GLU A 11 2.03 12.42 36.40
CA GLU A 11 2.59 13.31 37.41
C GLU A 11 3.96 13.83 36.97
N ASN A 12 4.21 15.12 37.16
CA ASN A 12 5.48 15.74 36.82
C ASN A 12 6.31 16.14 38.06
N ASN A 13 7.55 15.65 38.14
CA ASN A 13 8.45 16.00 39.25
C ASN A 13 9.45 17.09 38.92
N GLY A 14 9.16 17.94 37.95
CA GLY A 14 10.12 18.94 37.46
C GLY A 14 10.11 19.07 35.95
N ILE A 15 10.85 18.19 35.29
CA ILE A 15 10.82 18.03 33.84
C ILE A 15 10.23 16.69 33.47
N LEU A 16 9.18 16.73 32.65
CA LEU A 16 8.61 15.52 32.09
C LEU A 16 8.54 15.60 30.57
N ILE A 17 9.17 14.61 29.93
CA ILE A 17 9.18 14.56 28.48
C ILE A 17 8.31 13.43 28.02
N SER A 18 7.31 13.76 27.21
CA SER A 18 6.45 12.76 26.64
C SER A 18 6.72 12.60 25.15
N ILE A 19 6.94 11.36 24.75
CA ILE A 19 7.17 10.99 23.36
C ILE A 19 6.00 10.15 22.92
N LYS A 20 5.18 10.70 22.03
CA LYS A 20 3.91 10.08 21.74
C LYS A 20 3.75 9.75 20.27
N GLU A 21 3.65 8.46 20.01
CA GLU A 21 3.54 7.97 18.66
C GLU A 21 2.19 7.30 18.44
N VAL A 22 1.62 7.53 17.28
CA VAL A 22 0.36 6.92 16.86
C VAL A 22 0.53 6.20 15.54
N ILE A 23 -0.03 5.00 15.43
CA ILE A 23 0.17 4.15 14.27
C ILE A 23 -1.14 3.81 13.59
N ASN A 24 -1.20 4.06 12.28
CA ASN A 24 -2.29 3.60 11.41
C ASN A 24 -1.75 2.51 10.52
N ALA A 25 -2.60 1.56 10.17
CA ALA A 25 -2.15 0.48 9.28
C ALA A 25 -3.34 -0.23 8.65
N GLU A 26 -3.16 -0.73 7.44
CA GLU A 26 -4.20 -1.44 6.73
C GLU A 26 -3.62 -2.71 6.18
N PHE A 27 -4.25 -3.83 6.51
CA PHE A 27 -3.83 -5.15 6.02
C PHE A 27 -4.90 -5.73 5.10
N SER A 28 -4.50 -6.62 4.20
CA SER A 28 -5.44 -7.48 3.48
C SER A 28 -5.86 -8.59 4.41
N ARG A 29 -6.91 -9.29 4.04
CA ARG A 29 -7.39 -10.42 4.81
C ARG A 29 -6.34 -11.47 4.97
N ASP A 30 -5.55 -11.67 3.93
CA ASP A 30 -4.50 -12.70 3.92
C ASP A 30 -3.23 -12.27 4.62
N GLY A 31 -3.17 -11.04 5.12
CA GLY A 31 -2.03 -10.58 5.92
C GLY A 31 -1.03 -9.64 5.28
N THR A 32 -1.23 -9.29 4.01
CA THR A 32 -0.31 -8.42 3.32
C THR A 32 -0.52 -6.98 3.75
N ILE A 33 0.58 -6.26 3.95
CA ILE A 33 0.50 -4.89 4.40
C ILE A 33 0.19 -4.02 3.18
N HIS A 34 -0.95 -3.34 3.18
CA HIS A 34 -1.30 -2.42 2.07
CA HIS A 34 -1.30 -2.42 2.09
C HIS A 34 -0.69 -1.03 2.32
N SER A 35 -0.66 -0.60 3.59
CA SER A 35 -0.13 0.73 3.94
C SER A 35 0.05 0.94 5.44
N SER A 36 0.93 1.86 5.81
CA SER A 36 1.04 2.26 7.20
C SER A 36 1.53 3.68 7.31
N GLU A 37 1.16 4.36 8.40
CA GLU A 37 1.51 5.75 8.61
C GLU A 37 1.68 5.95 10.10
N LEU A 38 2.84 6.44 10.51
CA LEU A 38 3.11 6.74 11.90
C LEU A 38 3.32 8.21 12.13
N LYS A 39 2.58 8.78 13.09
CA LYS A 39 2.74 10.17 13.48
C LYS A 39 3.31 10.19 14.90
N GLY A 40 4.16 11.15 15.18
CA GLY A 40 4.77 11.26 16.46
C GLY A 40 5.04 12.70 16.87
N VAL A 41 5.23 12.89 18.17
CA VAL A 41 5.48 14.20 18.71
C VAL A 41 6.25 14.10 20.04
N LEU A 42 7.09 15.10 20.29
CA LEU A 42 7.84 15.18 21.51
C LEU A 42 7.30 16.37 22.27
N GLU A 43 6.67 16.09 23.40
CA GLU A 43 6.10 17.12 24.25
C GLU A 43 6.97 17.34 25.47
N LEU A 44 7.03 18.59 25.89
CA LEU A 44 7.86 19.00 27.01
C LEU A 44 7.02 19.69 28.06
N ARG A 45 7.00 19.13 29.27
CA ARG A 45 6.32 19.75 30.42
C ARG A 45 7.32 20.11 31.51
N ILE A 46 7.34 21.37 31.91
CA ILE A 46 8.20 21.82 33.01
C ILE A 46 7.40 22.61 34.03
N ASN A 47 7.58 22.32 35.32
CA ASN A 47 6.86 23.02 36.40
C ASN A 47 7.72 23.80 37.42
N ASP A 48 9.03 23.88 37.18
CA ASP A 48 9.95 24.53 38.11
C ASP A 48 10.90 25.50 37.38
N HIS A 49 10.83 26.79 37.71
CA HIS A 49 11.67 27.81 37.05
C HIS A 49 13.16 27.53 37.07
N ASP A 50 13.62 26.77 38.06
CA ASP A 50 15.01 26.31 38.13
C ASP A 50 15.42 25.54 36.87
N LEU A 51 14.48 24.83 36.27
CA LEU A 51 14.74 24.01 35.10
C LEU A 51 14.23 24.60 33.75
N SER A 52 13.51 25.72 33.79
CA SER A 52 13.03 26.39 32.59
C SER A 52 14.11 26.61 31.56
N HIS A 53 15.33 26.92 32.03
CA HIS A 53 16.40 27.37 31.15
C HIS A 53 17.31 26.20 30.78
N SER A 54 16.76 25.32 29.94
CA SER A 54 17.36 24.03 29.60
C SER A 54 17.27 23.69 28.11
N ASN A 55 18.01 22.66 27.72
CA ASN A 55 18.11 22.16 26.35
C ASN A 55 18.02 20.63 26.36
N LEU A 56 17.44 20.04 25.31
CA LEU A 56 17.31 18.58 25.21
C LEU A 56 18.26 18.00 24.19
N LYS A 57 18.92 16.92 24.57
CA LYS A 57 19.80 16.23 23.67
C LYS A 57 19.14 14.94 23.30
N LEU A 58 18.91 14.76 22.01
CA LEU A 58 18.29 13.54 21.50
C LEU A 58 19.34 12.48 21.45
N ALA A 59 18.94 11.23 21.63
CA ALA A 59 19.87 10.12 21.46
C ALA A 59 20.68 10.31 20.19
N ASP A 60 22.01 10.12 20.25
CA ASP A 60 22.85 10.20 19.03
C ASP A 60 22.62 8.96 18.15
N SER A 61 21.85 7.99 18.65
CA SER A 61 21.35 6.89 17.81
C SER A 61 20.44 7.36 16.65
N ILE A 62 19.90 8.57 16.74
CA ILE A 62 18.83 9.04 15.85
C ILE A 62 19.38 9.87 14.70
N ASP A 63 18.91 9.58 13.49
CA ASP A 63 19.27 10.39 12.33
C ASP A 63 18.27 11.53 12.15
N VAL A 64 18.65 12.72 12.61
CA VAL A 64 17.75 13.87 12.56
C VAL A 64 17.65 14.47 11.15
N ARG A 65 18.32 13.84 10.20
CA ARG A 65 18.26 14.31 8.82
C ARG A 65 17.57 13.32 7.89
N ASP A 66 17.03 12.25 8.45
CA ASP A 66 16.30 11.27 7.68
C ASP A 66 15.05 11.92 7.06
N LYS A 67 15.06 12.07 5.75
CA LYS A 67 13.96 12.71 5.03
C LYS A 67 12.62 11.98 5.28
N SER A 68 12.66 10.68 5.54
CA SER A 68 11.43 9.86 5.62
C SER A 68 10.62 10.15 6.88
N PHE A 69 11.29 10.65 7.91
CA PHE A 69 10.66 11.06 9.16
C PHE A 69 9.98 12.43 9.07
N GLN A 70 10.25 13.21 8.04
CA GLN A 70 9.63 14.54 7.89
C GLN A 70 9.63 15.33 9.21
N PHE A 71 10.77 15.38 9.88
CA PHE A 71 10.88 16.09 11.16
C PHE A 71 10.55 17.57 11.04
N LYS A 72 9.65 18.06 11.90
CA LYS A 72 9.36 19.49 11.97
C LYS A 72 9.45 19.97 13.41
N THR A 73 10.20 21.05 13.60
CA THR A 73 10.41 21.67 14.90
C THR A 73 9.47 22.86 15.08
N HIS A 74 9.05 23.06 16.31
CA HIS A 74 8.25 24.20 16.69
C HIS A 74 8.95 25.46 16.20
N PRO A 75 8.19 26.41 15.67
CA PRO A 75 8.77 27.61 15.06
C PRO A 75 9.72 28.43 15.92
N ASN A 76 9.75 28.22 17.23
CA ASN A 76 10.66 28.96 18.12
C ASN A 76 11.89 28.17 18.50
N ILE A 77 11.94 26.91 18.09
CA ILE A 77 13.11 26.08 18.26
C ILE A 77 14.16 26.42 17.18
N ASP A 78 15.43 26.24 17.54
CA ASP A 78 16.54 26.48 16.64
C ASP A 78 16.69 25.30 15.69
N LYS A 79 16.26 25.47 14.43
CA LYS A 79 16.40 24.42 13.40
C LYS A 79 17.85 24.02 13.23
N GLN A 80 18.72 25.02 13.23
CA GLN A 80 20.14 24.82 13.05
C GLN A 80 20.76 23.87 14.09
N SER A 81 20.66 24.22 15.36
CA SER A 81 21.18 23.37 16.45
C SER A 81 20.55 21.99 16.43
N PHE A 82 19.27 21.91 16.06
CA PHE A 82 18.63 20.63 15.94
C PHE A 82 19.34 19.77 14.89
N LEU A 83 19.50 20.35 13.71
CA LEU A 83 19.99 19.59 12.55
C LEU A 83 21.45 19.20 12.67
N SER A 84 22.28 20.11 13.14
CA SER A 84 23.71 19.81 13.33
C SER A 84 24.00 19.01 14.63
N THR A 85 23.46 19.43 15.77
CA THR A 85 23.81 18.82 17.08
C THR A 85 22.76 17.87 17.73
N LYS A 86 21.61 17.67 17.08
CA LYS A 86 20.51 16.88 17.68
C LYS A 86 20.07 17.48 19.02
N LEU A 87 19.97 18.80 18.99
CA LEU A 87 19.79 19.60 20.17
C LEU A 87 18.49 20.42 20.05
N ILE A 88 17.60 20.28 21.04
CA ILE A 88 16.36 21.03 21.08
C ILE A 88 16.55 22.24 21.98
N SER A 89 16.52 23.43 21.39
CA SER A 89 16.69 24.65 22.15
C SER A 89 16.01 25.81 21.46
N LEU A 90 15.81 26.89 22.19
CA LEU A 90 15.14 28.05 21.63
C LEU A 90 16.09 28.87 20.77
N ARG A 91 15.55 29.48 19.73
CA ARG A 91 16.35 30.33 18.84
C ARG A 91 16.91 31.48 19.65
N ASP A 92 16.03 32.17 20.37
CA ASP A 92 16.41 33.24 21.28
C ASP A 92 17.00 32.65 22.55
N LYS A 93 18.32 32.74 22.69
CA LYS A 93 19.03 32.09 23.79
C LYS A 93 18.79 32.80 25.13
N SER A 94 18.29 34.03 25.08
CA SER A 94 17.90 34.78 26.26
C SER A 94 16.61 34.29 26.94
N LYS A 95 15.73 33.60 26.21
CA LYS A 95 14.44 33.12 26.75
C LYS A 95 14.51 31.68 27.24
N ALA A 96 13.54 31.33 28.08
CA ALA A 96 13.46 30.00 28.68
C ALA A 96 12.12 29.39 28.35
N PHE A 97 11.99 28.09 28.60
CA PHE A 97 10.74 27.38 28.31
C PHE A 97 9.70 27.75 29.36
N PRO A 98 8.41 27.65 29.00
CA PRO A 98 7.34 27.83 29.98
C PRO A 98 7.48 26.89 31.17
N ALA A 99 7.28 27.42 32.38
CA ALA A 99 7.38 26.62 33.60
C ALA A 99 6.02 26.46 34.28
N ASN A 100 4.96 26.54 33.49
CA ASN A 100 3.60 26.38 33.97
C ASN A 100 3.04 24.94 33.90
N ASP A 101 3.92 23.94 33.83
CA ASP A 101 3.55 22.51 33.68
C ASP A 101 2.63 22.20 32.49
N GLN A 102 2.66 23.04 31.46
CA GLN A 102 1.83 22.86 30.28
C GLN A 102 2.61 22.20 29.15
N SER A 103 1.93 21.32 28.44
CA SER A 103 2.56 20.57 27.34
C SER A 103 2.89 21.48 26.19
N LEU A 104 4.18 21.48 25.85
CA LEU A 104 4.67 22.15 24.66
C LEU A 104 5.18 21.10 23.66
N GLY A 105 4.63 21.12 22.44
CA GLY A 105 5.08 20.22 21.38
C GLY A 105 6.21 20.89 20.64
N VAL A 106 7.41 20.38 20.84
CA VAL A 106 8.61 21.00 20.29
C VAL A 106 9.05 20.36 19.00
N LEU A 107 8.64 19.12 18.78
CA LEU A 107 9.05 18.38 17.60
C LEU A 107 8.00 17.38 17.17
N ARG A 108 7.70 17.39 15.88
CA ARG A 108 6.78 16.45 15.28
C ARG A 108 7.48 15.61 14.25
N TRP A 109 6.89 14.46 13.94
CA TRP A 109 7.35 13.68 12.82
C TRP A 109 6.28 12.79 12.24
N ARG A 110 6.49 12.41 10.97
CA ARG A 110 5.55 11.56 10.27
C ARG A 110 6.28 10.69 9.29
N LYS A 111 5.93 9.41 9.27
CA LYS A 111 6.57 8.43 8.40
C LYS A 111 5.47 7.66 7.70
N VAL A 112 5.59 7.52 6.39
CA VAL A 112 4.61 6.77 5.61
C VAL A 112 5.33 5.64 4.92
N ALA A 113 4.84 4.43 5.09
CA ALA A 113 5.42 3.29 4.45
C ALA A 113 4.48 2.80 3.34
N PRO A 114 5.07 2.35 2.24
CA PRO A 114 4.30 1.86 1.12
C PRO A 114 3.92 0.41 1.35
N ALA A 115 3.07 -0.11 0.47
CA ALA A 115 2.69 -1.51 0.54
C ALA A 115 3.90 -2.42 0.76
N GLU A 116 3.71 -3.43 1.62
CA GLU A 116 4.67 -4.50 1.88
C GLU A 116 5.87 -4.10 2.73
N ASP A 117 5.95 -2.83 3.09
CA ASP A 117 6.95 -2.38 4.06
C ASP A 117 6.40 -2.56 5.49
N ASP A 118 7.06 -3.41 6.28
CA ASP A 118 6.57 -3.81 7.59
C ASP A 118 7.31 -3.14 8.75
N SER A 119 8.00 -2.05 8.46
CA SER A 119 8.91 -1.46 9.44
C SER A 119 8.20 -0.68 10.51
N LEU A 120 6.99 -0.21 10.23
CA LEU A 120 6.19 0.54 11.20
C LEU A 120 5.12 -0.29 11.90
N ILE A 121 5.15 -1.60 11.67
CA ILE A 121 4.09 -2.48 12.15
C ILE A 121 4.48 -3.13 13.49
N PRO A 122 3.80 -2.72 14.58
CA PRO A 122 4.09 -3.37 15.84
C PRO A 122 3.32 -4.66 16.00
N LEU A 123 2.26 -4.84 15.22
CA LEU A 123 1.38 -5.99 15.40
C LEU A 123 0.85 -6.47 14.08
N THR A 124 1.30 -7.62 13.61
CA THR A 124 0.81 -8.13 12.33
C THR A 124 -0.57 -8.78 12.49
N LEU A 125 -1.33 -8.89 11.40
CA LEU A 125 -2.68 -9.44 11.45
C LEU A 125 -3.04 -10.22 10.21
N THR A 126 -3.72 -11.33 10.41
CA THR A 126 -4.18 -12.19 9.32
C THR A 126 -5.46 -12.83 9.77
N THR A 127 -6.34 -13.12 8.82
CA THR A 127 -7.58 -13.74 9.19
C THR A 127 -7.75 -15.01 8.41
N TRP A 128 -8.44 -15.95 9.03
CA TRP A 128 -8.87 -17.14 8.36
C TRP A 128 -10.35 -17.33 8.68
N VAL A 129 -11.14 -17.54 7.64
CA VAL A 129 -12.61 -17.47 7.73
C VAL A 129 -13.28 -18.54 6.92
N SER A 130 -14.00 -19.42 7.60
CA SER A 130 -14.82 -20.44 6.92
C SER A 130 -16.25 -20.34 7.44
N PRO A 131 -17.23 -20.74 6.60
CA PRO A 131 -18.61 -20.85 7.05
C PRO A 131 -18.71 -21.85 8.20
N SER A 132 -19.57 -21.57 9.19
CA SER A 132 -19.66 -22.43 10.37
C SER A 132 -20.82 -23.43 10.33
N GLU A 133 -20.74 -24.41 11.23
CA GLU A 133 -21.76 -25.42 11.40
C GLU A 133 -22.77 -24.88 12.41
N SER A 134 -22.26 -24.47 13.58
CA SER A 134 -23.07 -24.19 14.77
C SER A 134 -23.92 -22.91 14.72
N GLN A 135 -23.60 -22.00 13.79
CA GLN A 135 -24.39 -20.76 13.60
C GLN A 135 -24.62 -20.44 12.13
N GLN A 136 -25.56 -19.53 11.88
CA GLN A 136 -25.82 -19.04 10.54
C GLN A 136 -24.81 -17.91 10.26
N GLY A 137 -23.60 -18.31 9.90
CA GLY A 137 -22.51 -17.35 9.74
C GLY A 137 -21.15 -18.01 9.61
N PHE A 138 -20.20 -17.59 10.44
CA PHE A 138 -18.80 -17.81 10.12
C PHE A 138 -17.91 -18.12 11.29
N ASP A 139 -17.00 -19.06 11.05
CA ASP A 139 -15.93 -19.37 11.99
C ASP A 139 -14.72 -18.53 11.59
N VAL A 140 -14.19 -17.78 12.55
CA VAL A 140 -13.17 -16.80 12.29
C VAL A 140 -11.98 -17.02 13.20
N ILE A 141 -10.79 -16.92 12.65
CA ILE A 141 -9.56 -16.88 13.44
C ILE A 141 -8.74 -15.69 13.02
N ILE A 142 -8.37 -14.87 14.00
CA ILE A 142 -7.48 -13.77 13.76
C ILE A 142 -6.12 -14.12 14.34
N GLU A 143 -5.12 -14.31 13.48
CA GLU A 143 -3.73 -14.53 13.92
C GLU A 143 -3.06 -13.19 14.08
N TYR A 144 -2.38 -13.01 15.21
CA TYR A 144 -1.64 -11.81 15.46
C TYR A 144 -0.25 -12.16 15.88
N GLU A 145 0.69 -11.22 15.69
CA GLU A 145 2.03 -11.35 16.26
C GLU A 145 2.60 -10.00 16.64
N SER A 146 3.03 -9.87 17.89
CA SER A 146 3.67 -8.65 18.36
C SER A 146 5.14 -8.71 18.06
N VAL A 147 5.73 -7.55 17.86
CA VAL A 147 7.18 -7.41 17.77
C VAL A 147 7.67 -6.40 18.82
N LEU A 148 6.77 -6.03 19.71
CA LEU A 148 7.10 -5.13 20.79
C LEU A 148 7.82 -5.85 21.92
N GLU A 149 8.65 -5.11 22.63
CA GLU A 149 9.44 -5.68 23.71
C GLU A 149 8.64 -5.64 25.02
N THR A 150 7.70 -4.71 25.15
CA THR A 150 6.74 -4.73 26.26
C THR A 150 5.51 -5.54 25.87
N GLU A 151 4.64 -5.79 26.83
CA GLU A 151 3.41 -6.53 26.55
C GLU A 151 2.26 -5.55 26.39
N LEU A 152 1.25 -5.96 25.62
CA LEU A 152 0.06 -5.16 25.37
C LEU A 152 -1.06 -5.71 26.22
N ALA A 153 -1.85 -4.81 26.80
CA ALA A 153 -2.98 -5.19 27.64
C ALA A 153 -4.28 -4.65 27.07
N ASP A 154 -5.36 -5.41 27.24
CA ASP A 154 -6.70 -4.97 26.84
C ASP A 154 -6.81 -4.52 25.38
N VAL A 155 -6.48 -5.47 24.51
CA VAL A 155 -6.47 -5.23 23.08
C VAL A 155 -7.89 -5.54 22.59
N ILE A 156 -8.47 -4.65 21.79
CA ILE A 156 -9.85 -4.82 21.40
C ILE A 156 -10.06 -4.96 19.89
N PHE A 157 -10.49 -6.15 19.48
CA PHE A 157 -10.83 -6.45 18.09
C PHE A 157 -12.31 -6.17 17.86
N THR A 158 -12.63 -5.44 16.80
CA THR A 158 -14.00 -5.05 16.52
C THR A 158 -14.42 -5.51 15.13
N ILE A 159 -15.51 -6.29 15.08
CA ILE A 159 -16.09 -6.73 13.82
C ILE A 159 -17.34 -5.88 13.56
N PRO A 160 -17.53 -5.39 12.32
CA PRO A 160 -18.65 -4.50 12.06
C PRO A 160 -19.95 -5.26 11.73
N VAL A 161 -20.44 -6.06 12.69
CA VAL A 161 -21.75 -6.71 12.57
C VAL A 161 -22.43 -6.77 13.92
N PHE A 162 -23.77 -6.80 13.86
CA PHE A 162 -24.63 -6.93 15.03
C PHE A 162 -25.41 -8.21 14.85
N PRO A 163 -24.96 -9.30 15.51
CA PRO A 163 -25.67 -10.55 15.34
C PRO A 163 -26.78 -10.73 16.36
N GLN A 164 -27.68 -11.66 16.07
CA GLN A 164 -28.83 -11.93 16.93
C GLN A 164 -28.44 -12.89 18.06
N GLU A 165 -28.08 -14.11 17.68
CA GLU A 165 -27.44 -15.07 18.59
C GLU A 165 -26.12 -14.49 19.11
N PRO A 166 -25.77 -14.76 20.38
CA PRO A 166 -24.51 -14.17 20.83
C PRO A 166 -23.28 -14.89 20.21
N VAL A 167 -22.12 -14.25 20.34
CA VAL A 167 -20.87 -14.81 19.85
C VAL A 167 -20.42 -15.99 20.69
N ASP A 168 -19.94 -17.06 20.03
CA ASP A 168 -19.36 -18.20 20.76
C ASP A 168 -17.82 -18.21 20.52
N ILE A 169 -17.08 -17.85 21.57
CA ILE A 169 -15.63 -17.84 21.52
C ILE A 169 -15.13 -19.26 21.66
N ASN A 170 -14.37 -19.73 20.67
CA ASN A 170 -13.71 -21.01 20.79
C ASN A 170 -12.47 -20.88 21.65
N THR A 171 -12.58 -21.32 22.91
CA THR A 171 -11.60 -21.01 23.96
C THR A 171 -10.41 -21.96 23.86
N GLU A 172 -10.61 -23.08 23.16
CA GLU A 172 -9.56 -24.09 23.04
C GLU A 172 -8.68 -23.71 21.86
N SER A 173 -9.27 -23.13 20.81
CA SER A 173 -8.56 -22.79 19.57
C SER A 173 -7.95 -21.38 19.64
N SER A 174 -8.25 -20.63 20.71
CA SER A 174 -7.68 -19.31 20.98
C SER A 174 -6.43 -19.46 21.82
N THR A 175 -5.79 -18.35 22.13
CA THR A 175 -4.51 -18.33 22.85
C THR A 175 -4.67 -17.71 24.21
N CYS A 176 -5.40 -16.61 24.27
CA CYS A 176 -5.81 -16.04 25.55
C CYS A 176 -7.24 -16.48 25.81
N SER A 177 -7.39 -17.55 26.59
CA SER A 177 -8.63 -18.34 26.67
C SER A 177 -9.81 -17.56 27.26
N ASP A 178 -9.49 -16.69 28.22
CA ASP A 178 -10.48 -15.81 28.87
C ASP A 178 -10.75 -14.48 28.13
N ALA A 179 -10.75 -14.52 26.79
CA ALA A 179 -11.19 -13.39 25.97
C ALA A 179 -12.68 -13.25 26.14
N GLU A 180 -13.18 -12.03 26.18
CA GLU A 180 -14.62 -11.81 26.39
C GLU A 180 -15.18 -10.76 25.45
N VAL A 181 -16.41 -10.95 25.00
CA VAL A 181 -17.12 -9.88 24.29
C VAL A 181 -17.37 -8.74 25.28
N VAL A 182 -17.20 -7.49 24.86
CA VAL A 182 -17.47 -6.35 25.72
C VAL A 182 -18.44 -5.36 25.11
N ASN A 183 -18.96 -5.63 23.91
CA ASN A 183 -19.85 -4.68 23.25
C ASN A 183 -20.49 -5.19 21.96
N MET A 184 -21.83 -5.33 21.94
CA MET A 184 -22.66 -5.45 20.67
C MET A 184 -23.65 -4.26 20.09
N ASP A 185 -23.35 -2.97 20.26
CA ASP A 185 -24.18 -1.80 19.80
C ASP A 185 -25.14 -1.65 18.54
N GLN A 186 -25.01 -2.40 17.45
CA GLN A 186 -25.49 -1.85 16.08
C GLN A 186 -24.67 -0.70 15.45
N GLU A 187 -24.42 0.36 16.22
CA GLU A 187 -23.60 1.49 15.76
C GLU A 187 -22.17 1.00 15.50
N MET A 188 -21.51 0.55 16.56
CA MET A 188 -20.11 0.08 16.49
C MET A 188 -19.92 -1.34 15.91
N GLY A 189 -20.85 -2.25 16.21
CA GLY A 189 -20.71 -3.66 15.87
C GLY A 189 -20.23 -4.43 17.09
N THR A 190 -19.67 -5.60 16.87
CA THR A 190 -19.22 -6.49 17.94
C THR A 190 -17.73 -6.38 18.31
N SER A 191 -17.44 -6.16 19.59
CA SER A 191 -16.07 -5.94 20.05
C SER A 191 -15.64 -6.97 21.08
N ILE A 192 -14.52 -7.63 20.82
CA ILE A 192 -13.97 -8.65 21.69
C ILE A 192 -12.66 -8.15 22.28
N LYS A 193 -12.50 -8.35 23.58
CA LYS A 193 -11.33 -7.89 24.32
C LYS A 193 -10.42 -9.07 24.69
N ILE A 194 -9.12 -8.82 24.70
CA ILE A 194 -8.11 -9.81 25.05
C ILE A 194 -7.29 -9.25 26.21
N SER A 195 -6.98 -10.10 27.18
CA SER A 195 -6.24 -9.65 28.38
C SER A 195 -4.89 -9.10 28.01
N LYS A 196 -4.08 -9.95 27.38
CA LYS A 196 -2.68 -9.67 27.18
C LYS A 196 -2.23 -10.20 25.83
N ILE A 197 -1.31 -9.47 25.20
CA ILE A 197 -0.50 -10.02 24.11
C ILE A 197 0.95 -9.91 24.53
N ALA A 198 1.59 -11.08 24.66
CA ALA A 198 2.92 -11.16 25.21
C ALA A 198 3.92 -10.56 24.25
N ALA A 199 4.87 -9.83 24.80
CA ALA A 199 5.99 -9.32 24.00
C ALA A 199 6.57 -10.37 23.04
N ASN A 200 6.86 -9.95 21.82
CA ASN A 200 7.40 -10.82 20.77
C ASN A 200 6.76 -12.17 20.58
N ASP A 201 5.50 -12.32 20.99
CA ASP A 201 4.83 -13.61 20.86
C ASP A 201 3.67 -13.50 19.89
N ALA A 202 3.47 -14.57 19.13
CA ALA A 202 2.30 -14.78 18.31
C ALA A 202 1.14 -15.34 19.13
N GLY A 203 -0.06 -15.24 18.55
CA GLY A 203 -1.26 -15.72 19.19
C GLY A 203 -2.37 -15.79 18.17
N ALA A 204 -3.54 -16.18 18.64
CA ALA A 204 -4.72 -16.26 17.80
C ALA A 204 -5.95 -16.04 18.62
N LEU A 205 -7.01 -15.57 17.96
CA LEU A 205 -8.29 -15.35 18.58
C LEU A 205 -9.30 -15.98 17.67
N ALA A 206 -10.00 -16.99 18.19
CA ALA A 206 -10.91 -17.79 17.38
C ALA A 206 -12.33 -17.72 17.94
N PHE A 207 -13.30 -17.63 17.05
CA PHE A 207 -14.68 -17.48 17.46
C PHE A 207 -15.63 -17.71 16.29
N THR A 208 -16.90 -17.85 16.64
CA THR A 208 -17.96 -18.02 15.66
C THR A 208 -18.93 -16.88 15.81
N ILE A 209 -19.42 -16.39 14.68
CA ILE A 209 -20.26 -15.21 14.66
C ILE A 209 -21.26 -15.27 13.51
N GLU A 210 -22.45 -14.74 13.78
CA GLU A 210 -23.52 -14.64 12.80
C GLU A 210 -23.25 -13.51 11.79
N ALA A 211 -23.39 -13.80 10.50
CA ALA A 211 -23.36 -12.76 9.50
C ALA A 211 -23.89 -13.24 8.16
N PRO A 212 -24.39 -12.31 7.33
CA PRO A 212 -24.96 -12.62 6.02
C PRO A 212 -23.99 -13.25 5.03
N TYR A 213 -22.84 -12.63 4.86
CA TYR A 213 -21.83 -13.10 3.91
C TYR A 213 -20.45 -12.69 4.42
N GLU A 214 -19.41 -13.25 3.79
CA GLU A 214 -18.05 -13.01 4.24
C GLU A 214 -17.65 -11.51 4.29
N ASP A 215 -17.86 -10.75 3.20
CA ASP A 215 -17.48 -9.32 3.16
C ASP A 215 -18.05 -8.48 4.31
N ALA A 216 -19.11 -8.97 4.94
CA ALA A 216 -19.79 -8.25 6.03
C ALA A 216 -18.99 -8.17 7.29
N LEU A 217 -17.99 -9.02 7.40
CA LEU A 217 -17.09 -9.08 8.57
C LEU A 217 -15.99 -8.04 8.53
N TYR A 218 -15.79 -7.41 7.39
CA TYR A 218 -14.69 -6.50 7.22
C TYR A 218 -15.27 -5.13 7.00
N PRO A 219 -14.50 -4.08 7.35
CA PRO A 219 -13.18 -4.13 7.93
C PRO A 219 -13.20 -4.38 9.43
N MET A 220 -12.27 -5.23 9.89
CA MET A 220 -12.06 -5.50 11.31
C MET A 220 -11.07 -4.52 11.85
N THR A 221 -11.36 -3.94 12.99
CA THR A 221 -10.45 -2.96 13.57
C THR A 221 -9.86 -3.49 14.85
N VAL A 222 -8.57 -3.26 15.02
CA VAL A 222 -7.90 -3.55 16.26
C VAL A 222 -7.59 -2.25 16.95
N SER A 223 -7.52 -2.31 18.27
CA SER A 223 -7.25 -1.15 19.05
C SER A 223 -6.40 -1.53 20.26
N PHE A 224 -5.29 -0.82 20.42
CA PHE A 224 -4.31 -1.15 21.45
C PHE A 224 -3.51 0.09 21.83
N GLN A 225 -2.71 -0.04 22.88
CA GLN A 225 -2.14 1.10 23.53
C GLN A 225 -1.02 0.60 24.40
N GLU A 226 -0.04 1.44 24.68
CA GLU A 226 1.13 0.99 25.42
C GLU A 226 1.93 2.18 25.92
N SER A 227 2.47 2.07 27.13
CA SER A 227 3.13 3.19 27.77
C SER A 227 4.20 2.70 28.73
N THR A 228 5.37 3.35 28.73
CA THR A 228 6.34 3.11 29.80
C THR A 228 6.99 4.39 30.27
N ARG A 229 7.39 4.39 31.54
CA ARG A 229 7.93 5.57 32.17
C ARG A 229 9.45 5.48 32.35
N ASP A 230 10.01 4.29 32.10
CA ASP A 230 11.47 4.08 32.08
C ASP A 230 12.22 5.26 31.44
N LYS A 231 13.27 5.72 32.11
CA LYS A 231 14.09 6.86 31.64
C LYS A 231 15.01 6.50 30.46
N LEU A 232 15.19 5.20 30.21
CA LEU A 232 16.00 4.68 29.10
C LEU A 232 15.12 4.17 27.96
N ALA A 233 13.87 4.61 27.95
CA ALA A 233 12.89 4.11 27.00
C ALA A 233 13.16 4.67 25.59
N LYS A 234 13.05 3.79 24.61
CA LYS A 234 13.05 4.18 23.21
C LYS A 234 11.63 4.09 22.67
N SER A 235 11.30 4.92 21.71
CA SER A 235 10.00 4.83 21.08
C SER A 235 10.04 3.67 20.11
N PHE A 236 8.89 3.40 19.51
CA PHE A 236 8.81 2.32 18.58
C PHE A 236 9.72 2.58 17.37
N THR A 237 9.84 3.83 16.98
CA THR A 237 10.69 4.23 15.85
C THR A 237 12.12 4.53 16.25
N GLY A 238 12.49 4.21 17.49
CA GLY A 238 13.85 4.49 17.99
C GLY A 238 14.11 5.90 18.52
N MET A 239 13.05 6.64 18.75
CA MET A 239 13.14 7.98 19.29
C MET A 239 13.39 7.95 20.78
N ALA A 240 14.24 8.84 21.28
CA ALA A 240 14.62 8.83 22.70
C ALA A 240 15.48 10.03 23.09
N ILE A 241 15.58 10.25 24.41
CA ILE A 241 16.36 11.35 24.95
C ILE A 241 17.69 10.84 25.47
N GLN A 242 18.76 11.57 25.18
CA GLN A 242 20.07 11.26 25.78
C GLN A 242 20.22 11.90 27.15
N SER A 243 20.02 13.21 27.18
CA SER A 243 20.08 13.96 28.41
C SER A 243 19.31 15.26 28.31
N VAL A 244 19.09 15.86 29.47
CA VAL A 244 18.64 17.23 29.56
C VAL A 244 19.74 18.00 30.27
N VAL A 245 19.87 19.29 29.96
CA VAL A 245 21.12 19.99 30.10
C VAL A 245 20.89 21.50 30.24
N MET A 246 21.69 22.14 31.07
CA MET A 246 21.60 23.60 31.24
C MET A 246 21.83 24.31 29.91
N ALA A 247 21.02 25.33 29.62
CA ALA A 247 21.16 26.09 28.38
C ALA A 247 22.55 26.76 28.22
N ASN A 248 23.27 27.04 29.32
CA ASN A 248 24.63 27.60 29.28
C ASN A 248 25.70 26.55 29.39
N ASP A 249 25.68 25.85 30.52
CA ASP A 249 26.69 24.85 30.82
C ASP A 249 26.24 23.49 30.27
N HIS A 250 26.62 23.20 29.04
CA HIS A 250 26.20 21.94 28.41
C HIS A 250 26.74 20.65 29.07
N ASP A 251 27.71 20.78 29.96
CA ASP A 251 28.20 19.63 30.72
C ASP A 251 27.31 19.39 31.94
N GLN A 252 26.55 20.42 32.31
CA GLN A 252 25.68 20.39 33.49
C GLN A 252 24.33 19.69 33.21
N GLU A 253 24.24 18.42 33.55
CA GLU A 253 23.00 17.66 33.37
C GLU A 253 21.91 18.09 34.35
N LEU A 254 20.66 17.84 34.00
CA LEU A 254 19.51 18.12 34.89
C LEU A 254 18.67 16.86 34.99
N PRO A 255 17.81 16.77 36.02
CA PRO A 255 17.00 15.56 36.21
C PRO A 255 15.69 15.59 35.42
N TYR A 256 15.24 14.42 34.98
CA TYR A 256 14.02 14.35 34.18
C TYR A 256 13.42 12.96 34.16
N ASP A 257 12.14 12.91 33.82
CA ASP A 257 11.43 11.68 33.55
C ASP A 257 11.02 11.69 32.09
N VAL A 258 10.64 10.52 31.59
CA VAL A 258 10.20 10.41 30.22
C VAL A 258 9.18 9.29 30.07
N ILE A 259 8.06 9.62 29.46
CA ILE A 259 7.03 8.66 29.09
C ILE A 259 7.03 8.44 27.58
N THR A 260 6.97 7.18 27.20
CA THR A 260 7.00 6.76 25.80
C THR A 260 5.71 6.00 25.52
N SER A 261 4.84 6.58 24.71
CA SER A 261 3.58 5.97 24.38
C SER A 261 3.53 5.47 22.93
N LEU A 262 2.61 4.55 22.66
CA LEU A 262 2.25 4.13 21.31
C LEU A 262 0.77 3.69 21.26
N LYS A 263 -0.09 4.47 20.62
CA LYS A 263 -1.50 4.11 20.50
C LYS A 263 -1.79 3.78 19.05
N SER A 264 -2.73 2.90 18.82
CA SER A 264 -3.19 2.61 17.49
C SER A 264 -4.30 3.60 17.18
N ASP A 265 -4.48 3.96 15.92
CA ASP A 265 -5.65 4.73 15.50
C ASP A 265 -6.47 3.90 14.49
N GLU A 266 -6.35 4.18 13.18
CA GLU A 266 -7.01 3.37 12.13
C GLU A 266 -6.11 2.21 11.77
N TYR A 267 -6.30 1.10 12.50
CA TYR A 267 -5.49 -0.07 12.37
C TYR A 267 -6.45 -1.17 12.04
N LEU A 268 -6.40 -1.70 10.82
CA LEU A 268 -7.45 -2.57 10.38
C LEU A 268 -7.11 -3.58 9.29
N VAL A 269 -7.99 -4.57 9.18
CA VAL A 269 -7.91 -5.58 8.15
C VAL A 269 -9.12 -5.38 7.26
N GLN A 270 -8.92 -5.45 5.94
CA GLN A 270 -9.95 -5.05 4.98
C GLN A 270 -10.14 -6.02 3.84
N ASP B 8 -58.58 6.42 -8.67
CA ASP B 8 -57.19 6.67 -8.15
C ASP B 8 -56.47 5.40 -7.53
N VAL B 9 -57.18 4.74 -6.61
CA VAL B 9 -56.71 3.55 -5.90
C VAL B 9 -56.68 2.31 -6.80
N PRO B 10 -55.51 1.68 -6.95
CA PRO B 10 -55.38 0.54 -7.86
C PRO B 10 -56.21 -0.69 -7.46
N GLU B 11 -56.52 -1.53 -8.45
CA GLU B 11 -57.46 -2.61 -8.28
C GLU B 11 -56.76 -3.84 -7.71
N ASN B 12 -57.42 -4.49 -6.76
CA ASN B 12 -56.84 -5.68 -6.10
C ASN B 12 -57.60 -6.95 -6.47
N ASN B 13 -56.88 -7.95 -6.97
CA ASN B 13 -57.48 -9.23 -7.34
C ASN B 13 -57.29 -10.34 -6.32
N GLY B 14 -57.08 -9.96 -5.04
CA GLY B 14 -56.78 -10.93 -3.98
C GLY B 14 -55.69 -10.41 -3.07
N ILE B 15 -54.44 -10.62 -3.49
CA ILE B 15 -53.28 -10.05 -2.82
C ILE B 15 -52.61 -9.01 -3.71
N LEU B 16 -52.47 -7.82 -3.18
CA LEU B 16 -51.73 -6.76 -3.84
C LEU B 16 -50.64 -6.22 -2.94
N ILE B 17 -49.43 -6.27 -3.44
CA ILE B 17 -48.29 -5.76 -2.71
C ILE B 17 -47.78 -4.48 -3.34
N SER B 18 -47.76 -3.41 -2.57
CA SER B 18 -47.26 -2.13 -3.04
C SER B 18 -45.92 -1.79 -2.37
N ILE B 19 -44.94 -1.48 -3.22
CA ILE B 19 -43.61 -1.10 -2.77
C ILE B 19 -43.41 0.33 -3.16
N LYS B 20 -43.34 1.21 -2.16
CA LYS B 20 -43.40 2.63 -2.42
C LYS B 20 -42.19 3.38 -1.89
N GLU B 21 -41.43 3.93 -2.83
CA GLU B 21 -40.20 4.61 -2.50
C GLU B 21 -40.33 6.09 -2.83
N VAL B 22 -39.79 6.93 -1.94
CA VAL B 22 -39.71 8.37 -2.14
C VAL B 22 -38.28 8.87 -2.05
N ILE B 23 -37.88 9.73 -2.99
CA ILE B 23 -36.51 10.21 -3.10
C ILE B 23 -36.42 11.73 -2.90
N ASN B 24 -35.56 12.14 -1.97
CA ASN B 24 -35.12 13.54 -1.82
C ASN B 24 -33.67 13.66 -2.30
N ALA B 25 -33.32 14.81 -2.85
CA ALA B 25 -31.94 15.03 -3.33
C ALA B 25 -31.64 16.49 -3.49
N GLU B 26 -30.40 16.87 -3.25
CA GLU B 26 -29.98 18.26 -3.37
C GLU B 26 -28.71 18.33 -4.22
N PHE B 27 -28.74 19.13 -5.28
CA PHE B 27 -27.61 19.34 -6.14
C PHE B 27 -27.11 20.77 -6.04
N SER B 28 -25.84 20.99 -6.36
CA SER B 28 -25.32 22.33 -6.60
C SER B 28 -25.70 22.74 -7.99
N ARG B 29 -25.60 24.04 -8.27
CA ARG B 29 -25.91 24.57 -9.59
C ARG B 29 -25.10 23.91 -10.66
N ASP B 30 -23.83 23.63 -10.34
CA ASP B 30 -22.92 23.01 -11.30
C ASP B 30 -23.10 21.49 -11.43
N GLY B 31 -24.00 20.89 -10.66
CA GLY B 31 -24.30 19.46 -10.82
C GLY B 31 -23.79 18.47 -9.77
N THR B 32 -23.05 18.96 -8.78
CA THR B 32 -22.51 18.08 -7.77
C THR B 32 -23.59 17.67 -6.78
N ILE B 33 -23.58 16.40 -6.37
CA ILE B 33 -24.57 15.91 -5.45
C ILE B 33 -24.15 16.31 -4.05
N HIS B 34 -24.95 17.13 -3.36
CA HIS B 34 -24.67 17.46 -1.98
CA HIS B 34 -24.65 17.51 -1.97
C HIS B 34 -25.21 16.45 -0.99
N SER B 35 -26.35 15.85 -1.30
CA SER B 35 -27.00 14.90 -0.42
C SER B 35 -28.19 14.20 -1.06
N SER B 36 -28.53 13.03 -0.55
CA SER B 36 -29.76 12.35 -0.97
C SER B 36 -30.28 11.46 0.16
N GLU B 37 -31.59 11.25 0.18
CA GLU B 37 -32.24 10.44 1.18
C GLU B 37 -33.41 9.73 0.55
N LEU B 38 -33.43 8.41 0.64
CA LEU B 38 -34.54 7.62 0.13
C LEU B 38 -35.34 6.90 1.24
N LYS B 39 -36.66 7.08 1.26
CA LYS B 39 -37.54 6.42 2.23
C LYS B 39 -38.43 5.46 1.46
N GLY B 40 -38.73 4.33 2.06
CA GLY B 40 -39.49 3.28 1.37
C GLY B 40 -40.36 2.50 2.34
N VAL B 41 -41.37 1.83 1.79
CA VAL B 41 -42.29 1.05 2.57
C VAL B 41 -42.92 -0.05 1.74
N LEU B 42 -43.22 -1.17 2.39
CA LEU B 42 -43.86 -2.31 1.72
C LEU B 42 -45.23 -2.46 2.31
N GLU B 43 -46.23 -2.21 1.49
CA GLU B 43 -47.62 -2.27 1.92
C GLU B 43 -48.28 -3.52 1.37
N LEU B 44 -49.16 -4.08 2.18
CA LEU B 44 -49.84 -5.32 1.85
C LEU B 44 -51.34 -5.11 1.90
N ARG B 45 -52.02 -5.34 0.78
CA ARG B 45 -53.48 -5.30 0.70
C ARG B 45 -54.06 -6.67 0.34
N ILE B 46 -54.95 -7.19 1.18
CA ILE B 46 -55.59 -8.47 0.92
C ILE B 46 -57.10 -8.33 1.08
N ASN B 47 -57.87 -8.87 0.13
CA ASN B 47 -59.35 -8.80 0.18
C ASN B 47 -60.11 -10.14 0.25
N ASP B 48 -59.40 -11.26 0.37
CA ASP B 48 -60.01 -12.59 0.35
C ASP B 48 -59.48 -13.46 1.51
N HIS B 49 -60.36 -13.88 2.41
CA HIS B 49 -59.95 -14.67 3.60
C HIS B 49 -59.17 -15.92 3.28
N ASP B 50 -59.38 -16.47 2.07
CA ASP B 50 -58.60 -17.61 1.59
C ASP B 50 -57.10 -17.32 1.63
N LEU B 51 -56.72 -16.06 1.41
CA LEU B 51 -55.32 -15.66 1.32
C LEU B 51 -54.79 -14.89 2.54
N SER B 52 -55.66 -14.57 3.49
CA SER B 52 -55.26 -13.93 4.76
C SER B 52 -54.10 -14.62 5.45
N HIS B 53 -54.07 -15.94 5.39
CA HIS B 53 -53.13 -16.72 6.17
C HIS B 53 -51.90 -17.08 5.33
N SER B 54 -51.10 -16.04 5.06
CA SER B 54 -49.97 -16.11 4.13
C SER B 54 -48.70 -15.43 4.65
N ASN B 55 -47.59 -15.69 3.96
CA ASN B 55 -46.25 -15.16 4.27
C ASN B 55 -45.60 -14.64 2.99
N LEU B 56 -44.77 -13.58 3.09
CA LEU B 56 -44.07 -13.03 1.92
C LEU B 56 -42.60 -13.37 1.94
N LYS B 57 -42.09 -13.81 0.78
CA LYS B 57 -40.68 -14.07 0.63
C LYS B 57 -40.08 -12.98 -0.20
N LEU B 58 -39.12 -12.25 0.35
CA LEU B 58 -38.46 -11.17 -0.36
C LEU B 58 -37.45 -11.79 -1.28
N ALA B 59 -37.18 -11.13 -2.39
CA ALA B 59 -36.13 -11.58 -3.30
C ALA B 59 -34.88 -11.91 -2.51
N ASP B 60 -34.24 -13.04 -2.81
CA ASP B 60 -32.99 -13.35 -2.12
C ASP B 60 -31.85 -12.50 -2.63
N SER B 61 -32.12 -11.73 -3.69
CA SER B 61 -31.18 -10.70 -4.14
C SER B 61 -30.94 -9.61 -3.08
N ILE B 62 -31.81 -9.51 -2.08
CA ILE B 62 -31.79 -8.39 -1.11
C ILE B 62 -31.07 -8.71 0.19
N ASP B 63 -30.22 -7.80 0.64
CA ASP B 63 -29.54 -7.98 1.90
C ASP B 63 -30.38 -7.35 3.00
N VAL B 64 -31.12 -8.18 3.73
CA VAL B 64 -31.99 -7.70 4.80
C VAL B 64 -31.23 -7.32 6.05
N ARG B 65 -29.90 -7.42 6.01
CA ARG B 65 -29.09 -7.04 7.16
C ARG B 65 -28.24 -5.82 6.90
N ASP B 66 -28.39 -5.23 5.71
CA ASP B 66 -27.65 -4.01 5.36
C ASP B 66 -28.02 -2.87 6.30
N LYS B 67 -27.08 -2.47 7.16
CA LYS B 67 -27.33 -1.40 8.13
C LYS B 67 -27.76 -0.09 7.51
N SER B 68 -27.33 0.15 6.26
CA SER B 68 -27.56 1.45 5.61
C SER B 68 -29.00 1.65 5.21
N PHE B 69 -29.73 0.55 5.03
CA PHE B 69 -31.15 0.58 4.76
C PHE B 69 -32.03 0.79 6.00
N GLN B 70 -31.48 0.67 7.20
CA GLN B 70 -32.26 0.89 8.43
CA GLN B 70 -32.26 0.88 8.43
C GLN B 70 -33.64 0.23 8.37
N PHE B 71 -33.69 -1.05 7.96
CA PHE B 71 -34.97 -1.77 7.87
C PHE B 71 -35.72 -1.86 9.19
N LYS B 72 -36.99 -1.49 9.21
CA LYS B 72 -37.86 -1.66 10.38
C LYS B 72 -39.15 -2.37 9.98
N THR B 73 -39.48 -3.42 10.74
CA THR B 73 -40.67 -4.25 10.54
C THR B 73 -41.76 -3.82 11.48
N HIS B 74 -42.99 -3.93 11.01
CA HIS B 74 -44.17 -3.65 11.81
C HIS B 74 -44.05 -4.47 13.08
N PRO B 75 -44.42 -3.90 14.22
CA PRO B 75 -44.25 -4.56 15.50
C PRO B 75 -44.83 -5.94 15.65
N ASN B 76 -45.73 -6.35 14.77
CA ASN B 76 -46.36 -7.69 14.88
C ASN B 76 -45.73 -8.68 13.96
N ILE B 77 -44.81 -8.21 13.12
CA ILE B 77 -44.04 -9.06 12.23
C ILE B 77 -42.89 -9.73 12.99
N ASP B 78 -42.53 -10.93 12.57
CA ASP B 78 -41.47 -11.72 13.20
C ASP B 78 -40.13 -11.19 12.74
N LYS B 79 -39.44 -10.42 13.60
CA LYS B 79 -38.11 -9.88 13.25
C LYS B 79 -37.16 -11.00 12.88
N GLN B 80 -37.23 -12.07 13.66
CA GLN B 80 -36.35 -13.22 13.52
C GLN B 80 -36.43 -13.85 12.13
N SER B 81 -37.61 -14.30 11.75
CA SER B 81 -37.80 -14.90 10.43
C SER B 81 -37.42 -13.91 9.34
N PHE B 82 -37.65 -12.62 9.57
CA PHE B 82 -37.29 -11.62 8.56
C PHE B 82 -35.78 -11.62 8.37
N LEU B 83 -35.07 -11.52 9.47
CA LEU B 83 -33.63 -11.36 9.44
C LEU B 83 -32.90 -12.61 8.93
N SER B 84 -33.33 -13.79 9.38
CA SER B 84 -32.68 -15.02 8.94
C SER B 84 -33.15 -15.47 7.54
N THR B 85 -34.45 -15.51 7.31
CA THR B 85 -35.02 -16.11 6.09
C THR B 85 -35.55 -15.11 5.03
N LYS B 86 -35.49 -13.80 5.29
CA LYS B 86 -36.08 -12.78 4.39
C LYS B 86 -37.59 -12.97 4.20
N LEU B 87 -38.24 -13.26 5.31
CA LEU B 87 -39.59 -13.80 5.34
C LEU B 87 -40.45 -12.86 6.17
N ILE B 88 -41.54 -12.37 5.58
CA ILE B 88 -42.46 -11.48 6.26
C ILE B 88 -43.63 -12.30 6.77
N SER B 89 -43.74 -12.40 8.08
CA SER B 89 -44.82 -13.17 8.70
C SER B 89 -45.12 -12.67 10.08
N LEU B 90 -46.27 -13.07 10.60
CA LEU B 90 -46.67 -12.62 11.91
C LEU B 90 -45.95 -13.39 13.00
N ARG B 91 -45.64 -12.73 14.11
CA ARG B 91 -45.03 -13.38 15.24
C ARG B 91 -45.94 -14.52 15.73
N ASP B 92 -47.20 -14.18 15.97
CA ASP B 92 -48.22 -15.13 16.37
C ASP B 92 -48.69 -15.92 15.16
N LYS B 93 -48.25 -17.18 15.07
CA LYS B 93 -48.48 -18.00 13.87
C LYS B 93 -49.94 -18.45 13.76
N SER B 94 -50.69 -18.35 14.85
CA SER B 94 -52.12 -18.62 14.86
C SER B 94 -52.98 -17.55 14.16
N LYS B 95 -52.48 -16.31 14.04
CA LYS B 95 -53.26 -15.20 13.45
C LYS B 95 -52.95 -14.99 11.97
N ALA B 96 -53.87 -14.30 11.31
CA ALA B 96 -53.77 -14.02 9.87
C ALA B 96 -53.83 -12.54 9.62
N PHE B 97 -53.48 -12.14 8.40
CA PHE B 97 -53.46 -10.72 8.05
C PHE B 97 -54.91 -10.25 7.87
N PRO B 98 -55.16 -8.95 8.03
CA PRO B 98 -56.45 -8.37 7.68
C PRO B 98 -56.86 -8.64 6.24
N ALA B 99 -58.12 -9.03 6.04
CA ALA B 99 -58.64 -9.30 4.69
C ALA B 99 -59.68 -8.26 4.25
N ASN B 100 -59.57 -7.06 4.82
CA ASN B 100 -60.47 -5.97 4.50
C ASN B 100 -59.97 -5.05 3.37
N ASP B 101 -59.07 -5.53 2.51
CA ASP B 101 -58.49 -4.75 1.40
C ASP B 101 -57.86 -3.41 1.83
N GLN B 102 -57.44 -3.31 3.09
CA GLN B 102 -56.82 -2.10 3.60
C GLN B 102 -55.31 -2.23 3.61
N SER B 103 -54.63 -1.12 3.32
CA SER B 103 -53.17 -1.11 3.26
C SER B 103 -52.55 -1.26 4.64
N LEU B 104 -51.71 -2.30 4.77
CA LEU B 104 -50.91 -2.54 5.97
C LEU B 104 -49.45 -2.36 5.61
N GLY B 105 -48.77 -1.45 6.32
CA GLY B 105 -47.34 -1.25 6.13
C GLY B 105 -46.59 -2.22 7.03
N VAL B 106 -45.99 -3.23 6.41
CA VAL B 106 -45.31 -4.29 7.15
C VAL B 106 -43.80 -4.05 7.31
N LEU B 107 -43.23 -3.24 6.42
CA LEU B 107 -41.79 -2.99 6.42
C LEU B 107 -41.48 -1.60 5.92
N ARG B 108 -40.64 -0.89 6.66
CA ARG B 108 -40.12 0.40 6.25
C ARG B 108 -38.62 0.37 6.07
N TRP B 109 -38.09 1.32 5.30
CA TRP B 109 -36.67 1.54 5.20
C TRP B 109 -36.27 2.95 4.87
N ARG B 110 -35.04 3.31 5.22
CA ARG B 110 -34.48 4.61 4.94
C ARG B 110 -33.00 4.54 4.68
N LYS B 111 -32.54 5.20 3.62
CA LYS B 111 -31.13 5.20 3.23
C LYS B 111 -30.70 6.64 3.01
N VAL B 112 -29.56 7.00 3.58
CA VAL B 112 -29.02 8.35 3.41
C VAL B 112 -27.66 8.25 2.76
N ALA B 113 -27.47 8.98 1.67
CA ALA B 113 -26.18 9.02 1.02
C ALA B 113 -25.51 10.36 1.27
N PRO B 114 -24.17 10.32 1.41
CA PRO B 114 -23.41 11.54 1.65
C PRO B 114 -23.11 12.23 0.34
N ALA B 115 -22.56 13.44 0.43
CA ALA B 115 -22.13 14.17 -0.76
C ALA B 115 -21.37 13.28 -1.74
N GLU B 116 -21.66 13.49 -3.02
CA GLU B 116 -20.97 12.86 -4.15
C GLU B 116 -21.28 11.41 -4.35
N ASP B 117 -22.12 10.83 -3.47
CA ASP B 117 -22.64 9.48 -3.69
C ASP B 117 -23.89 9.57 -4.56
N ASP B 118 -23.82 8.96 -5.73
CA ASP B 118 -24.89 9.06 -6.74
C ASP B 118 -25.77 7.81 -6.85
N SER B 119 -25.74 6.97 -5.83
CA SER B 119 -26.38 5.65 -5.91
C SER B 119 -27.89 5.70 -5.75
N LEU B 120 -28.40 6.74 -5.09
CA LEU B 120 -29.84 6.91 -4.92
C LEU B 120 -30.47 7.91 -5.93
N ILE B 121 -29.70 8.35 -6.92
CA ILE B 121 -30.13 9.39 -7.83
C ILE B 121 -30.68 8.80 -9.10
N PRO B 122 -32.02 8.89 -9.28
CA PRO B 122 -32.57 8.44 -10.54
C PRO B 122 -32.46 9.49 -11.67
N LEU B 123 -32.24 10.76 -11.32
CA LEU B 123 -32.23 11.83 -12.31
C LEU B 123 -31.20 12.91 -11.95
N THR B 124 -30.14 13.02 -12.71
CA THR B 124 -29.13 14.03 -12.42
C THR B 124 -29.54 15.41 -12.97
N LEU B 125 -28.98 16.47 -12.42
CA LEU B 125 -29.37 17.82 -12.79
C LEU B 125 -28.18 18.76 -12.77
N THR B 126 -28.16 19.66 -13.74
CA THR B 126 -27.16 20.74 -13.80
C THR B 126 -27.81 21.95 -14.46
N THR B 127 -27.36 23.13 -14.09
CA THR B 127 -27.93 24.33 -14.69
C THR B 127 -26.84 25.18 -15.28
N TRP B 128 -27.21 25.88 -16.34
CA TRP B 128 -26.34 26.85 -16.97
C TRP B 128 -27.17 28.10 -17.15
N VAL B 129 -26.63 29.22 -16.71
CA VAL B 129 -27.38 30.46 -16.60
C VAL B 129 -26.55 31.67 -17.02
N SER B 130 -27.00 32.37 -18.05
CA SER B 130 -26.40 33.65 -18.46
C SER B 130 -27.47 34.71 -18.53
N PRO B 131 -27.09 35.97 -18.36
CA PRO B 131 -28.03 37.08 -18.54
C PRO B 131 -28.53 37.17 -19.98
N SER B 132 -29.79 37.51 -20.17
CA SER B 132 -30.39 37.44 -21.52
C SER B 132 -30.44 38.80 -22.24
N GLU B 133 -30.65 38.73 -23.55
CA GLU B 133 -30.82 39.90 -24.41
C GLU B 133 -32.30 40.27 -24.39
N SER B 134 -33.14 39.30 -24.73
CA SER B 134 -34.54 39.52 -25.04
C SER B 134 -35.45 39.89 -23.87
N GLN B 135 -35.00 39.64 -22.65
CA GLN B 135 -35.75 40.00 -21.43
C GLN B 135 -34.86 40.60 -20.34
N GLN B 136 -35.49 41.22 -19.36
CA GLN B 136 -34.78 41.74 -18.20
C GLN B 136 -34.64 40.57 -17.22
N GLY B 137 -33.65 39.72 -17.50
CA GLY B 137 -33.45 38.53 -16.70
C GLY B 137 -32.43 37.59 -17.29
N PHE B 138 -32.81 36.33 -17.46
CA PHE B 138 -31.84 35.25 -17.60
C PHE B 138 -32.21 34.15 -18.56
N ASP B 139 -31.21 33.72 -19.31
CA ASP B 139 -31.32 32.56 -20.18
C ASP B 139 -30.83 31.38 -19.38
N VAL B 140 -31.67 30.35 -19.32
CA VAL B 140 -31.43 29.22 -18.45
C VAL B 140 -31.49 27.93 -19.23
N ILE B 141 -30.58 27.01 -18.92
CA ILE B 141 -30.67 25.67 -19.44
C ILE B 141 -30.52 24.70 -18.29
N ILE B 142 -31.46 23.76 -18.20
CA ILE B 142 -31.37 22.70 -17.22
C ILE B 142 -31.05 21.42 -17.94
N GLU B 143 -29.84 20.89 -17.75
CA GLU B 143 -29.49 19.58 -18.28
C GLU B 143 -29.95 18.51 -17.28
N TYR B 144 -30.59 17.48 -17.79
CA TYR B 144 -30.96 16.32 -16.97
C TYR B 144 -30.53 15.02 -17.61
N GLU B 145 -30.40 13.97 -16.82
CA GLU B 145 -30.17 12.63 -17.32
C GLU B 145 -30.85 11.58 -16.42
N SER B 146 -31.68 10.74 -17.01
CA SER B 146 -32.27 9.61 -16.32
C SER B 146 -31.33 8.41 -16.32
N VAL B 147 -31.46 7.58 -15.30
CA VAL B 147 -30.79 6.30 -15.26
C VAL B 147 -31.82 5.21 -15.05
N LEU B 148 -33.09 5.60 -15.12
CA LEU B 148 -34.18 4.65 -14.96
C LEU B 148 -34.38 3.84 -16.23
N GLU B 149 -34.90 2.62 -16.06
CA GLU B 149 -35.12 1.73 -17.19
C GLU B 149 -36.51 1.99 -17.78
N THR B 150 -37.45 2.49 -16.98
CA THR B 150 -38.73 3.01 -17.52
C THR B 150 -38.61 4.48 -17.89
N GLU B 151 -39.64 5.02 -18.56
CA GLU B 151 -39.63 6.43 -18.93
C GLU B 151 -40.48 7.21 -17.94
N LEU B 152 -40.15 8.49 -17.79
CA LEU B 152 -40.83 9.38 -16.88
C LEU B 152 -41.73 10.27 -17.69
N ALA B 153 -42.92 10.50 -17.17
CA ALA B 153 -43.90 11.36 -17.85
C ALA B 153 -44.25 12.55 -16.96
N ASP B 154 -44.54 13.67 -17.59
CA ASP B 154 -45.05 14.85 -16.90
C ASP B 154 -44.15 15.25 -15.71
N VAL B 155 -42.90 15.54 -16.06
CA VAL B 155 -41.90 15.98 -15.11
C VAL B 155 -41.96 17.51 -14.98
N ILE B 156 -42.00 18.02 -13.76
CA ILE B 156 -42.30 19.43 -13.58
C ILE B 156 -41.17 20.16 -12.87
N PHE B 157 -40.51 21.05 -13.61
CA PHE B 157 -39.49 21.91 -13.08
C PHE B 157 -40.11 23.22 -12.58
N THR B 158 -39.76 23.63 -11.37
CA THR B 158 -40.31 24.83 -10.78
C THR B 158 -39.24 25.83 -10.40
N ILE B 159 -39.35 27.05 -10.92
CA ILE B 159 -38.44 28.15 -10.57
C ILE B 159 -39.18 29.09 -9.60
N PRO B 160 -38.53 29.53 -8.52
CA PRO B 160 -39.25 30.32 -7.52
C PRO B 160 -39.25 31.80 -7.86
N VAL B 161 -39.84 32.16 -8.99
CA VAL B 161 -40.05 33.58 -9.36
C VAL B 161 -41.39 33.75 -10.08
N PHE B 162 -41.95 34.96 -9.94
CA PHE B 162 -43.18 35.36 -10.61
C PHE B 162 -42.84 36.51 -11.52
N PRO B 163 -42.68 36.23 -12.82
CA PRO B 163 -42.29 37.32 -13.70
C PRO B 163 -43.48 38.00 -14.32
N GLN B 164 -43.25 39.20 -14.86
CA GLN B 164 -44.31 40.01 -15.43
C GLN B 164 -44.57 39.59 -16.87
N GLU B 165 -43.57 39.77 -17.72
CA GLU B 165 -43.55 39.22 -19.08
C GLU B 165 -43.59 37.69 -19.01
N PRO B 166 -44.27 37.03 -19.95
CA PRO B 166 -44.33 35.59 -19.79
C PRO B 166 -42.99 34.93 -20.17
N VAL B 167 -42.84 33.65 -19.81
CA VAL B 167 -41.64 32.89 -20.11
C VAL B 167 -41.55 32.58 -21.61
N ASP B 168 -40.33 32.67 -22.17
CA ASP B 168 -40.08 32.25 -23.54
C ASP B 168 -39.24 30.98 -23.55
N ILE B 169 -39.87 29.87 -23.90
CA ILE B 169 -39.18 28.60 -24.02
C ILE B 169 -38.41 28.59 -25.32
N ASN B 170 -37.11 28.39 -25.24
CA ASN B 170 -36.29 28.22 -26.45
C ASN B 170 -36.42 26.80 -26.96
N THR B 171 -37.21 26.64 -28.03
CA THR B 171 -37.72 25.35 -28.49
C THR B 171 -36.66 24.61 -29.27
N GLU B 172 -35.66 25.34 -29.74
CA GLU B 172 -34.47 24.63 -30.31
C GLU B 172 -33.12 24.98 -29.96
N SER B 173 -33.17 25.16 -28.67
CA SER B 173 -32.17 24.71 -27.75
C SER B 173 -32.62 23.66 -26.70
N SER B 174 -33.93 23.33 -26.65
CA SER B 174 -34.45 22.31 -25.75
C SER B 174 -34.42 20.99 -26.49
N THR B 175 -34.80 19.92 -25.82
CA THR B 175 -34.83 18.60 -26.50
C THR B 175 -36.06 17.78 -26.22
N CYS B 176 -36.99 18.28 -25.44
CA CYS B 176 -38.07 17.45 -25.14
C CYS B 176 -39.02 17.51 -26.35
N SER B 177 -39.99 16.61 -26.17
CA SER B 177 -41.13 16.40 -27.03
C SER B 177 -41.99 17.66 -27.08
N ASP B 178 -42.11 18.32 -25.93
CA ASP B 178 -43.23 19.20 -25.68
C ASP B 178 -42.92 19.89 -24.34
N ALA B 179 -42.41 21.11 -24.32
CA ALA B 179 -42.57 21.73 -23.05
C ALA B 179 -43.49 22.93 -22.95
N GLU B 180 -44.31 22.97 -21.90
CA GLU B 180 -45.21 24.13 -21.68
C GLU B 180 -45.23 24.62 -20.25
N VAL B 181 -45.34 25.93 -20.05
CA VAL B 181 -45.57 26.47 -18.72
C VAL B 181 -46.96 26.02 -18.27
N VAL B 182 -47.10 25.60 -17.03
CA VAL B 182 -48.40 25.18 -16.51
C VAL B 182 -48.81 25.93 -15.25
N ASN B 183 -47.99 26.87 -14.80
CA ASN B 183 -48.31 27.61 -13.58
C ASN B 183 -47.37 28.77 -13.34
N MET B 184 -47.85 29.99 -13.52
CA MET B 184 -47.27 31.16 -12.85
C MET B 184 -48.22 31.45 -11.71
N ASP B 185 -47.75 32.22 -10.74
CA ASP B 185 -48.34 32.26 -9.42
C ASP B 185 -47.27 32.83 -8.51
N GLN B 186 -47.66 33.74 -7.65
CA GLN B 186 -46.73 34.35 -6.72
C GLN B 186 -46.31 33.42 -5.56
N GLU B 187 -47.23 32.58 -5.11
CA GLU B 187 -46.96 31.63 -4.03
C GLU B 187 -45.91 30.61 -4.45
N MET B 188 -46.25 29.79 -5.44
CA MET B 188 -45.38 28.71 -5.94
C MET B 188 -44.23 29.15 -6.84
N GLY B 189 -44.47 30.15 -7.68
CA GLY B 189 -43.50 30.57 -8.69
C GLY B 189 -43.90 29.99 -10.02
N THR B 190 -42.95 29.90 -10.93
CA THR B 190 -43.17 29.43 -12.29
C THR B 190 -42.83 27.97 -12.50
N SER B 191 -43.76 27.19 -13.04
CA SER B 191 -43.58 25.73 -13.23
C SER B 191 -43.71 25.35 -14.69
N ILE B 192 -42.69 24.68 -15.20
CA ILE B 192 -42.66 24.19 -16.58
C ILE B 192 -42.73 22.67 -16.62
N LYS B 193 -43.58 22.16 -17.49
CA LYS B 193 -43.81 20.72 -17.59
C LYS B 193 -43.12 20.18 -18.82
N ILE B 194 -42.66 18.93 -18.74
CA ILE B 194 -42.07 18.21 -19.87
C ILE B 194 -42.87 16.90 -20.10
N SER B 195 -43.12 16.56 -21.36
CA SER B 195 -43.92 15.38 -21.68
C SER B 195 -43.27 14.14 -21.10
N LYS B 196 -42.06 13.89 -21.56
CA LYS B 196 -41.39 12.61 -21.37
C LYS B 196 -39.92 12.79 -21.17
N ILE B 197 -39.36 11.98 -20.28
CA ILE B 197 -37.92 11.80 -20.22
C ILE B 197 -37.65 10.34 -20.47
N ALA B 198 -36.94 10.09 -21.56
CA ALA B 198 -36.75 8.74 -22.03
C ALA B 198 -35.82 8.00 -21.09
N ALA B 199 -36.14 6.73 -20.85
CA ALA B 199 -35.26 5.83 -20.10
C ALA B 199 -33.79 5.96 -20.51
N ASN B 200 -32.91 5.98 -19.52
CA ASN B 200 -31.47 6.13 -19.73
C ASN B 200 -31.00 7.18 -20.74
N ASP B 201 -31.82 8.20 -21.01
CA ASP B 201 -31.45 9.24 -21.96
C ASP B 201 -31.28 10.60 -21.25
N ALA B 202 -30.30 11.37 -21.73
CA ALA B 202 -30.09 12.77 -21.33
C ALA B 202 -30.95 13.70 -22.14
N GLY B 203 -31.06 14.92 -21.65
CA GLY B 203 -31.87 15.94 -22.29
C GLY B 203 -31.57 17.30 -21.71
N ALA B 204 -32.26 18.32 -22.20
CA ALA B 204 -32.12 19.69 -21.72
C ALA B 204 -33.40 20.45 -21.91
N LEU B 205 -33.55 21.45 -21.08
CA LEU B 205 -34.71 22.30 -21.09
C LEU B 205 -34.18 23.71 -21.04
N ALA B 206 -34.44 24.48 -22.08
CA ALA B 206 -33.90 25.81 -22.20
C ALA B 206 -34.99 26.83 -22.29
N PHE B 207 -34.79 27.96 -21.63
CA PHE B 207 -35.80 29.02 -21.61
C PHE B 207 -35.24 30.33 -21.11
N THR B 208 -36.04 31.38 -21.28
CA THR B 208 -35.69 32.72 -20.82
C THR B 208 -36.75 33.17 -19.86
N ILE B 209 -36.32 33.83 -18.78
CA ILE B 209 -37.21 34.22 -17.72
C ILE B 209 -36.75 35.49 -17.01
N GLU B 210 -37.73 36.29 -16.60
CA GLU B 210 -37.49 37.56 -15.94
C GLU B 210 -37.11 37.32 -14.49
N ALA B 211 -36.04 37.96 -14.03
CA ALA B 211 -35.70 37.92 -12.60
C ALA B 211 -34.68 38.98 -12.23
N PRO B 212 -34.68 39.40 -10.95
CA PRO B 212 -33.82 40.47 -10.48
C PRO B 212 -32.35 40.16 -10.55
N TYR B 213 -31.96 38.98 -10.05
CA TYR B 213 -30.56 38.56 -10.01
C TYR B 213 -30.49 37.03 -10.03
N GLU B 214 -29.31 36.49 -10.24
CA GLU B 214 -29.16 35.06 -10.44
C GLU B 214 -29.69 34.25 -9.28
N ASP B 215 -29.28 34.55 -8.05
CA ASP B 215 -29.71 33.77 -6.85
C ASP B 215 -31.23 33.63 -6.71
N ALA B 216 -31.97 34.52 -7.36
CA ALA B 216 -33.44 34.53 -7.30
C ALA B 216 -34.08 33.35 -8.00
N LEU B 217 -33.32 32.68 -8.87
CA LEU B 217 -33.78 31.51 -9.63
C LEU B 217 -33.70 30.22 -8.83
N TYR B 218 -33.01 30.24 -7.71
CA TYR B 218 -32.82 29.03 -6.94
C TYR B 218 -33.52 29.19 -5.62
N PRO B 219 -33.88 28.08 -4.98
CA PRO B 219 -33.72 26.71 -5.48
C PRO B 219 -34.78 26.32 -6.50
N MET B 220 -34.33 25.61 -7.53
CA MET B 220 -35.23 25.03 -8.51
C MET B 220 -35.65 23.68 -8.04
N THR B 221 -36.93 23.36 -8.16
CA THR B 221 -37.42 22.07 -7.76
C THR B 221 -37.88 21.26 -8.95
N VAL B 222 -37.53 20.00 -8.95
CA VAL B 222 -38.06 19.05 -9.91
C VAL B 222 -39.04 18.12 -9.21
N SER B 223 -40.00 17.64 -9.99
CA SER B 223 -41.05 16.80 -9.46
C SER B 223 -41.42 15.76 -10.51
N PHE B 224 -41.35 14.51 -10.12
CA PHE B 224 -41.57 13.39 -11.03
C PHE B 224 -42.07 12.16 -10.26
N GLN B 225 -42.49 11.15 -10.99
CA GLN B 225 -43.28 10.07 -10.45
C GLN B 225 -43.24 8.92 -11.44
N GLU B 226 -43.40 7.69 -10.98
CA GLU B 226 -43.24 6.53 -11.85
C GLU B 226 -43.79 5.28 -11.18
N SER B 227 -44.41 4.40 -11.98
CA SER B 227 -45.12 3.26 -11.44
C SER B 227 -45.12 2.10 -12.44
N THR B 228 -44.93 0.87 -11.97
CA THR B 228 -45.21 -0.31 -12.80
C THR B 228 -45.89 -1.43 -12.04
N ARG B 229 -46.70 -2.22 -12.76
CA ARG B 229 -47.48 -3.30 -12.16
C ARG B 229 -46.94 -4.71 -12.47
N ASP B 230 -45.98 -4.81 -13.38
CA ASP B 230 -45.21 -6.04 -13.58
C ASP B 230 -44.96 -6.82 -12.25
N LYS B 231 -45.22 -8.13 -12.27
CA LYS B 231 -44.99 -9.00 -11.10
C LYS B 231 -43.50 -9.29 -10.79
N LEU B 232 -42.62 -9.02 -11.75
CA LEU B 232 -41.18 -9.25 -11.59
C LEU B 232 -40.46 -7.94 -11.31
N ALA B 233 -41.23 -6.94 -10.90
CA ALA B 233 -40.73 -5.55 -10.79
C ALA B 233 -39.81 -5.41 -9.59
N LYS B 234 -38.70 -4.71 -9.81
CA LYS B 234 -37.78 -4.35 -8.76
C LYS B 234 -38.00 -2.87 -8.47
N SER B 235 -37.79 -2.48 -7.23
CA SER B 235 -37.80 -1.07 -6.89
C SER B 235 -36.50 -0.43 -7.38
N PHE B 236 -36.42 0.88 -7.23
CA PHE B 236 -35.22 1.58 -7.61
C PHE B 236 -34.01 1.11 -6.79
N THR B 237 -34.24 0.77 -5.53
CA THR B 237 -33.18 0.26 -4.64
C THR B 237 -33.01 -1.26 -4.67
N GLY B 238 -33.65 -1.93 -5.63
CA GLY B 238 -33.55 -3.37 -5.77
C GLY B 238 -34.51 -4.21 -4.92
N MET B 239 -35.50 -3.54 -4.34
CA MET B 239 -36.48 -4.20 -3.49
C MET B 239 -37.50 -4.93 -4.34
N ALA B 240 -37.90 -6.13 -3.90
CA ALA B 240 -38.82 -6.97 -4.69
C ALA B 240 -39.27 -8.23 -3.98
N ILE B 241 -40.32 -8.83 -4.52
CA ILE B 241 -40.91 -10.03 -3.94
C ILE B 241 -40.52 -11.27 -4.72
N GLN B 242 -40.16 -12.35 -4.02
CA GLN B 242 -39.88 -13.64 -4.67
C GLN B 242 -41.14 -14.45 -4.87
N SER B 243 -41.85 -14.67 -3.78
CA SER B 243 -43.13 -15.37 -3.83
C SER B 243 -44.00 -15.02 -2.62
N VAL B 244 -45.27 -15.38 -2.73
CA VAL B 244 -46.17 -15.37 -1.60
C VAL B 244 -46.60 -16.81 -1.40
N VAL B 245 -46.91 -17.17 -0.17
CA VAL B 245 -46.81 -18.55 0.27
C VAL B 245 -47.71 -18.81 1.47
N MET B 246 -48.30 -19.99 1.54
CA MET B 246 -49.15 -20.37 2.67
C MET B 246 -48.36 -20.32 3.97
N ALA B 247 -48.97 -19.79 5.02
CA ALA B 247 -48.31 -19.69 6.32
C ALA B 247 -47.90 -21.04 6.90
N ASN B 248 -48.57 -22.13 6.51
CA ASN B 248 -48.21 -23.48 6.98
C ASN B 248 -47.38 -24.25 5.96
N ASP B 249 -47.92 -24.42 4.76
CA ASP B 249 -47.22 -25.12 3.71
C ASP B 249 -46.35 -24.15 2.88
N HIS B 250 -45.09 -24.00 3.27
CA HIS B 250 -44.20 -23.07 2.57
C HIS B 250 -43.88 -23.46 1.11
N ASP B 251 -44.22 -24.69 0.72
CA ASP B 251 -44.04 -25.13 -0.67
C ASP B 251 -45.28 -24.72 -1.51
N GLN B 252 -46.37 -24.41 -0.83
CA GLN B 252 -47.63 -23.97 -1.46
C GLN B 252 -47.67 -22.47 -1.83
N GLU B 253 -47.39 -22.14 -3.09
CA GLU B 253 -47.40 -20.76 -3.57
C GLU B 253 -48.82 -20.23 -3.71
N LEU B 254 -48.98 -18.91 -3.66
CA LEU B 254 -50.29 -18.24 -3.82
C LEU B 254 -50.16 -17.18 -4.91
N PRO B 255 -51.28 -16.75 -5.48
CA PRO B 255 -51.21 -15.73 -6.53
C PRO B 255 -51.19 -14.29 -5.98
N TYR B 256 -50.50 -13.39 -6.69
CA TYR B 256 -50.41 -12.00 -6.26
C TYR B 256 -49.99 -11.05 -7.38
N ASP B 257 -50.27 -9.77 -7.16
CA ASP B 257 -49.79 -8.70 -8.01
C ASP B 257 -48.84 -7.85 -7.20
N VAL B 258 -48.07 -7.00 -7.87
CA VAL B 258 -47.20 -6.07 -7.17
C VAL B 258 -46.99 -4.78 -7.96
N ILE B 259 -47.19 -3.65 -7.28
CA ILE B 259 -46.94 -2.33 -7.84
C ILE B 259 -45.70 -1.73 -7.20
N THR B 260 -44.85 -1.16 -8.04
CA THR B 260 -43.60 -0.56 -7.63
C THR B 260 -43.60 0.90 -8.02
N SER B 261 -43.65 1.79 -7.03
CA SER B 261 -43.67 3.23 -7.27
C SER B 261 -42.35 3.93 -6.86
N LEU B 262 -42.13 5.11 -7.44
CA LEU B 262 -41.04 6.00 -7.03
C LEU B 262 -41.44 7.46 -7.27
N LYS B 263 -41.66 8.22 -6.21
CA LYS B 263 -42.03 9.62 -6.33
C LYS B 263 -40.92 10.47 -5.78
N SER B 264 -40.76 11.66 -6.32
CA SER B 264 -39.77 12.61 -5.82
C SER B 264 -40.45 13.40 -4.75
N ASP B 265 -39.70 13.86 -3.75
CA ASP B 265 -40.23 14.83 -2.78
C ASP B 265 -39.43 16.16 -2.86
N GLU B 266 -38.50 16.40 -1.91
CA GLU B 266 -37.62 17.56 -1.99
C GLU B 266 -36.41 17.23 -2.84
N TYR B 267 -36.57 17.45 -4.13
CA TYR B 267 -35.56 17.12 -5.13
C TYR B 267 -35.23 18.45 -5.79
N LEU B 268 -34.03 18.98 -5.57
CA LEU B 268 -33.75 20.33 -5.97
C LEU B 268 -32.30 20.70 -6.27
N VAL B 269 -32.16 21.81 -7.01
CA VAL B 269 -30.86 22.42 -7.32
C VAL B 269 -30.78 23.73 -6.59
N GLN B 270 -29.67 23.99 -5.94
CA GLN B 270 -29.59 25.08 -4.99
C GLN B 270 -28.35 25.97 -5.15
N ASP C 8 34.30 6.45 20.42
CA ASP C 8 35.11 5.26 20.01
C ASP C 8 36.27 5.56 19.02
N VAL C 9 36.48 6.82 18.63
CA VAL C 9 37.58 7.25 17.73
C VAL C 9 38.93 7.19 18.42
N PRO C 10 39.89 6.43 17.88
CA PRO C 10 41.17 6.21 18.57
C PRO C 10 42.01 7.47 18.70
N GLU C 11 42.88 7.49 19.69
CA GLU C 11 43.61 8.70 20.06
C GLU C 11 44.84 8.87 19.16
N ASN C 12 45.07 10.11 18.72
CA ASN C 12 46.21 10.43 17.85
C ASN C 12 47.26 11.27 18.56
N ASN C 13 48.49 10.80 18.59
CA ASN C 13 49.60 11.53 19.21
C ASN C 13 50.49 12.27 18.21
N GLY C 14 49.96 12.60 17.03
CA GLY C 14 50.74 13.27 15.99
C GLY C 14 50.39 12.73 14.63
N ILE C 15 51.01 11.60 14.29
CA ILE C 15 50.65 10.84 13.10
C ILE C 15 50.03 9.50 13.50
N LEU C 16 48.83 9.25 12.99
CA LEU C 16 48.19 7.95 13.15
C LEU C 16 47.80 7.37 11.81
N ILE C 17 48.30 6.17 11.54
CA ILE C 17 48.00 5.47 10.32
C ILE C 17 47.10 4.29 10.59
N SER C 18 45.95 4.28 9.95
CA SER C 18 45.01 3.18 10.10
C SER C 18 44.95 2.38 8.81
N ILE C 19 45.13 1.07 8.96
CA ILE C 19 45.03 0.12 7.87
C ILE C 19 43.83 -0.76 8.11
N LYS C 20 42.81 -0.61 7.27
CA LYS C 20 41.52 -1.20 7.57
C LYS C 20 41.03 -2.13 6.48
N GLU C 21 40.94 -3.42 6.84
CA GLU C 21 40.56 -4.47 5.91
C GLU C 21 39.25 -5.09 6.32
N VAL C 22 38.41 -5.34 5.33
CA VAL C 22 37.11 -5.95 5.53
C VAL C 22 36.97 -7.17 4.64
N ILE C 23 36.47 -8.27 5.22
CA ILE C 23 36.41 -9.55 4.52
C ILE C 23 34.98 -10.06 4.38
N ASN C 24 34.60 -10.40 3.15
CA ASN C 24 33.37 -11.10 2.85
C ASN C 24 33.71 -12.51 2.41
N ALA C 25 32.83 -13.46 2.70
CA ALA C 25 33.07 -14.83 2.31
C ALA C 25 31.81 -15.67 2.37
N GLU C 26 31.71 -16.64 1.47
CA GLU C 26 30.54 -17.48 1.39
C GLU C 26 30.96 -18.95 1.32
N PHE C 27 30.47 -19.77 2.25
CA PHE C 27 30.80 -21.18 2.32
C PHE C 27 29.56 -22.02 2.04
N SER C 28 29.74 -23.25 1.56
CA SER C 28 28.68 -24.25 1.50
C SER C 28 28.56 -24.86 2.87
N ARG C 29 27.45 -25.56 3.10
CA ARG C 29 27.19 -26.18 4.40
C ARG C 29 28.30 -27.13 4.76
N ASP C 30 28.82 -27.81 3.74
CA ASP C 30 29.85 -28.82 3.92
C ASP C 30 31.25 -28.23 4.03
N GLY C 31 31.38 -26.91 3.89
CA GLY C 31 32.66 -26.25 4.15
C GLY C 31 33.43 -25.73 2.94
N THR C 32 32.92 -25.94 1.73
CA THR C 32 33.62 -25.53 0.53
C THR C 32 33.48 -24.03 0.32
N ILE C 33 34.57 -23.37 -0.11
CA ILE C 33 34.57 -21.94 -0.28
C ILE C 33 33.99 -21.64 -1.63
N HIS C 34 32.86 -20.96 -1.66
CA HIS C 34 32.22 -20.59 -2.93
CA HIS C 34 32.23 -20.59 -2.91
C HIS C 34 32.83 -19.28 -3.45
N SER C 35 33.17 -18.35 -2.55
CA SER C 35 33.72 -17.04 -2.95
C SER C 35 34.25 -16.22 -1.77
N SER C 36 35.17 -15.30 -2.05
CA SER C 36 35.60 -14.35 -1.05
C SER C 36 36.04 -13.04 -1.69
N GLU C 37 35.93 -11.95 -0.94
CA GLU C 37 36.31 -10.62 -1.42
C GLU C 37 36.83 -9.82 -0.25
N LEU C 38 38.04 -9.30 -0.37
CA LEU C 38 38.63 -8.44 0.66
C LEU C 38 38.85 -7.01 0.17
N LYS C 39 38.33 -6.04 0.91
CA LYS C 39 38.53 -4.62 0.62
C LYS C 39 39.38 -4.03 1.72
N GLY C 40 40.25 -3.11 1.34
CA GLY C 40 41.14 -2.50 2.29
C GLY C 40 41.44 -1.04 1.94
N VAL C 41 41.91 -0.31 2.96
CA VAL C 41 42.21 1.10 2.79
C VAL C 41 43.24 1.56 3.82
N LEU C 42 44.08 2.52 3.42
CA LEU C 42 45.12 3.07 4.28
C LEU C 42 44.73 4.50 4.53
N GLU C 43 44.38 4.79 5.77
CA GLU C 43 43.99 6.11 6.18
C GLU C 43 45.08 6.78 6.93
N LEU C 44 45.18 8.08 6.73
CA LEU C 44 46.21 8.89 7.36
C LEU C 44 45.59 10.03 8.16
N ARG C 45 45.87 10.07 9.46
CA ARG C 45 45.42 11.17 10.34
C ARG C 45 46.63 11.92 10.94
N ILE C 46 46.69 13.24 10.72
CA ILE C 46 47.79 14.05 11.27
C ILE C 46 47.24 15.28 11.94
N ASN C 47 47.73 15.59 13.15
CA ASN C 47 47.22 16.72 13.93
C ASN C 47 48.23 17.81 14.28
N ASP C 48 49.44 17.71 13.75
CA ASP C 48 50.52 18.63 14.11
C ASP C 48 51.26 19.09 12.85
N HIS C 49 51.27 20.41 12.59
CA HIS C 49 51.88 20.98 11.38
C HIS C 49 53.34 20.55 11.21
N ASP C 50 54.03 20.29 12.33
CA ASP C 50 55.43 19.80 12.31
C ASP C 50 55.59 18.51 11.49
N LEU C 51 54.54 17.70 11.46
CA LEU C 51 54.55 16.45 10.73
C LEU C 51 53.74 16.45 9.41
N SER C 52 53.02 17.52 9.10
CA SER C 52 52.26 17.61 7.84
C SER C 52 53.08 17.26 6.62
N HIS C 53 54.36 17.62 6.66
CA HIS C 53 55.24 17.57 5.47
C HIS C 53 56.03 16.33 5.49
N SER C 54 55.33 15.23 5.25
CA SER C 54 55.89 13.91 5.41
C SER C 54 55.48 12.96 4.27
N ASN C 55 56.17 11.82 4.23
CA ASN C 55 55.98 10.75 3.24
C ASN C 55 55.92 9.40 3.94
N LEU C 56 55.12 8.47 3.42
CA LEU C 56 55.05 7.12 4.00
C LEU C 56 55.77 6.10 3.15
N LYS C 57 56.57 5.25 3.81
CA LYS C 57 57.25 4.15 3.15
C LYS C 57 56.57 2.86 3.53
N LEU C 58 56.03 2.17 2.54
CA LEU C 58 55.37 0.90 2.78
C LEU C 58 56.42 -0.15 2.98
N ALA C 59 56.12 -1.17 3.77
CA ALA C 59 57.03 -2.31 3.92
C ALA C 59 57.52 -2.75 2.55
N ASP C 60 58.83 -2.97 2.41
CA ASP C 60 59.36 -3.45 1.12
C ASP C 60 59.02 -4.95 0.94
N SER C 61 58.44 -5.57 1.97
CA SER C 61 57.80 -6.88 1.82
C SER C 61 56.64 -6.90 0.81
N ILE C 62 56.07 -5.74 0.48
CA ILE C 62 54.80 -5.66 -0.28
C ILE C 62 55.02 -5.42 -1.75
N ASP C 63 54.29 -6.18 -2.57
CA ASP C 63 54.38 -6.00 -4.00
C ASP C 63 53.33 -4.99 -4.43
N VAL C 64 53.76 -3.76 -4.67
CA VAL C 64 52.83 -2.68 -5.04
C VAL C 64 52.42 -2.77 -6.52
N ARG C 65 52.89 -3.79 -7.20
CA ARG C 65 52.52 -3.97 -8.58
C ARG C 65 51.68 -5.22 -8.82
N ASP C 66 51.31 -5.91 -7.74
CA ASP C 66 50.44 -7.07 -7.82
C ASP C 66 49.06 -6.66 -8.37
N LYS C 67 48.78 -7.06 -9.61
CA LYS C 67 47.54 -6.77 -10.31
C LYS C 67 46.27 -7.23 -9.50
N SER C 68 46.41 -8.29 -8.68
CA SER C 68 45.25 -8.90 -8.01
C SER C 68 44.73 -8.05 -6.85
N PHE C 69 45.61 -7.20 -6.31
CA PHE C 69 45.27 -6.23 -5.26
C PHE C 69 44.58 -4.97 -5.78
N GLN C 70 44.58 -4.74 -7.09
CA GLN C 70 43.86 -3.60 -7.67
CA GLN C 70 43.89 -3.58 -7.66
C GLN C 70 44.12 -2.34 -6.83
N PHE C 71 45.39 -2.09 -6.49
CA PHE C 71 45.76 -0.89 -5.75
C PHE C 71 45.36 0.40 -6.48
N LYS C 72 44.67 1.29 -5.77
CA LYS C 72 44.37 2.63 -6.28
C LYS C 72 44.73 3.68 -5.26
N THR C 73 45.47 4.68 -5.74
CA THR C 73 45.94 5.78 -4.91
C THR C 73 45.01 6.98 -5.08
N HIS C 74 44.86 7.73 -3.99
CA HIS C 74 44.11 8.96 -4.00
C HIS C 74 44.64 9.84 -5.13
N PRO C 75 43.75 10.52 -5.84
CA PRO C 75 44.13 11.28 -7.03
C PRO C 75 45.20 12.34 -6.85
N ASN C 76 45.53 12.72 -5.63
CA ASN C 76 46.60 13.71 -5.40
C ASN C 76 47.92 13.09 -4.99
N ILE C 77 47.92 11.77 -4.79
CA ILE C 77 49.14 11.03 -4.50
C ILE C 77 49.93 10.77 -5.80
N ASP C 78 51.25 10.70 -5.68
CA ASP C 78 52.14 10.47 -6.81
C ASP C 78 52.14 8.99 -7.17
N LYS C 79 51.44 8.63 -8.24
CA LYS C 79 51.38 7.21 -8.70
C LYS C 79 52.77 6.69 -8.94
N GLN C 80 53.57 7.53 -9.56
CA GLN C 80 54.92 7.18 -9.93
C GLN C 80 55.77 6.74 -8.74
N SER C 81 55.93 7.62 -7.76
CA SER C 81 56.72 7.30 -6.58
C SER C 81 56.15 6.10 -5.85
N PHE C 82 54.83 5.94 -5.88
CA PHE C 82 54.20 4.78 -5.24
C PHE C 82 54.66 3.48 -5.94
N LEU C 83 54.53 3.47 -7.26
CA LEU C 83 54.84 2.27 -8.04
C LEU C 83 56.31 1.88 -8.07
N SER C 84 57.20 2.85 -8.24
CA SER C 84 58.63 2.57 -8.23
C SER C 84 59.21 2.39 -6.82
N THR C 85 58.93 3.32 -5.90
CA THR C 85 59.58 3.35 -4.58
C THR C 85 58.72 2.86 -3.36
N LYS C 86 57.46 2.47 -3.58
CA LYS C 86 56.55 2.08 -2.49
C LYS C 86 56.38 3.22 -1.51
N LEU C 87 56.23 4.42 -2.07
CA LEU C 87 56.31 5.68 -1.36
C LEU C 87 55.00 6.42 -1.54
N ILE C 88 54.36 6.78 -0.43
CA ILE C 88 53.11 7.56 -0.47
C ILE C 88 53.40 9.03 -0.25
N SER C 89 53.21 9.84 -1.28
CA SER C 89 53.53 11.26 -1.21
C SER C 89 52.67 12.04 -2.18
N LEU C 90 52.60 13.35 -1.98
CA LEU C 90 51.78 14.18 -2.85
C LEU C 90 52.46 14.50 -4.16
N ARG C 91 51.68 14.60 -5.23
CA ARG C 91 52.22 14.89 -6.54
C ARG C 91 52.89 16.25 -6.47
N ASP C 92 52.15 17.23 -5.97
CA ASP C 92 52.63 18.59 -5.76
C ASP C 92 53.53 18.63 -4.54
N LYS C 93 54.84 18.69 -4.76
CA LYS C 93 55.81 18.58 -3.67
C LYS C 93 55.82 19.84 -2.77
N SER C 94 55.22 20.92 -3.26
CA SER C 94 55.06 22.15 -2.48
C SER C 94 53.99 22.06 -1.39
N LYS C 95 53.02 21.15 -1.52
CA LYS C 95 51.92 21.02 -0.55
C LYS C 95 52.19 19.96 0.50
N ALA C 96 51.48 20.07 1.61
CA ALA C 96 51.62 19.14 2.73
C ALA C 96 50.28 18.49 2.99
N PHE C 97 50.27 17.44 3.80
CA PHE C 97 49.03 16.78 4.17
C PHE C 97 48.24 17.63 5.14
N PRO C 98 46.92 17.46 5.15
CA PRO C 98 46.11 18.14 6.14
C PRO C 98 46.58 17.84 7.54
N ALA C 99 46.63 18.86 8.39
CA ALA C 99 46.98 18.68 9.80
C ALA C 99 45.78 18.93 10.75
N ASN C 100 44.57 18.71 10.24
CA ASN C 100 43.34 18.85 11.01
C ASN C 100 42.83 17.55 11.70
N ASP C 101 43.71 16.57 11.91
CA ASP C 101 43.37 15.28 12.52
C ASP C 101 42.19 14.57 11.84
N GLN C 102 41.96 14.87 10.57
CA GLN C 102 40.92 14.22 9.80
C GLN C 102 41.45 13.06 8.94
N SER C 103 40.66 11.99 8.85
CA SER C 103 41.06 10.81 8.11
C SER C 103 41.08 11.07 6.62
N LEU C 104 42.26 10.82 6.04
CA LEU C 104 42.46 10.87 4.59
C LEU C 104 42.77 9.48 4.08
N GLY C 105 41.97 8.99 3.15
CA GLY C 105 42.19 7.69 2.53
C GLY C 105 43.11 7.90 1.35
N VAL C 106 44.36 7.47 1.50
CA VAL C 106 45.39 7.69 0.50
C VAL C 106 45.53 6.53 -0.47
N LEU C 107 45.12 5.34 -0.02
CA LEU C 107 45.30 4.13 -0.81
C LEU C 107 44.21 3.14 -0.53
N ARG C 108 43.63 2.61 -1.60
CA ARG C 108 42.64 1.55 -1.52
C ARG C 108 43.12 0.29 -2.20
N TRP C 109 42.54 -0.84 -1.81
CA TRP C 109 42.76 -2.08 -2.52
C TRP C 109 41.59 -3.06 -2.40
N ARG C 110 41.51 -3.96 -3.37
CA ARG C 110 40.47 -4.96 -3.41
C ARG C 110 40.97 -6.22 -4.06
N LYS C 111 40.69 -7.36 -3.44
CA LYS C 111 41.13 -8.66 -3.92
C LYS C 111 39.93 -9.59 -3.94
N VAL C 112 39.74 -10.28 -5.06
CA VAL C 112 38.60 -11.22 -5.20
C VAL C 112 39.14 -12.61 -5.47
N ALA C 113 38.73 -13.58 -4.67
CA ALA C 113 39.15 -14.95 -4.89
C ALA C 113 37.98 -15.78 -5.42
N PRO C 114 38.29 -16.70 -6.34
CA PRO C 114 37.28 -17.58 -6.91
C PRO C 114 37.02 -18.77 -6.00
N ALA C 115 35.99 -19.56 -6.35
CA ALA C 115 35.67 -20.76 -5.59
C ALA C 115 36.92 -21.59 -5.28
N GLU C 116 36.96 -22.12 -4.07
CA GLU C 116 38.00 -23.04 -3.59
C GLU C 116 39.36 -22.40 -3.32
N ASP C 117 39.49 -21.11 -3.58
CA ASP C 117 40.67 -20.37 -3.15
C ASP C 117 40.49 -19.91 -1.70
N ASP C 118 41.36 -20.39 -0.81
CA ASP C 118 41.24 -20.12 0.62
C ASP C 118 42.24 -19.09 1.16
N SER C 119 42.82 -18.28 0.28
CA SER C 119 43.89 -17.38 0.66
C SER C 119 43.45 -16.14 1.45
N LEU C 120 42.19 -15.74 1.27
CA LEU C 120 41.63 -14.59 1.99
C LEU C 120 40.78 -14.97 3.21
N ILE C 121 40.79 -16.23 3.57
CA ILE C 121 39.90 -16.75 4.60
C ILE C 121 40.62 -16.80 5.94
N PRO C 122 40.23 -15.92 6.87
CA PRO C 122 40.84 -15.97 8.19
C PRO C 122 40.19 -17.01 9.06
N LEU C 123 38.97 -17.43 8.72
CA LEU C 123 38.21 -18.35 9.57
C LEU C 123 37.35 -19.29 8.74
N THR C 124 37.71 -20.58 8.72
CA THR C 124 36.95 -21.56 7.95
C THR C 124 35.70 -22.00 8.72
N LEU C 125 34.70 -22.49 8.00
CA LEU C 125 33.42 -22.85 8.61
C LEU C 125 32.82 -24.07 7.97
N THR C 126 32.25 -24.94 8.79
CA THR C 126 31.51 -26.13 8.34
C THR C 126 30.39 -26.40 9.31
N THR C 127 29.30 -26.97 8.82
CA THR C 127 28.20 -27.27 9.71
C THR C 127 27.84 -28.73 9.62
N TRP C 128 27.37 -29.26 10.73
CA TRP C 128 26.81 -30.58 10.81
C TRP C 128 25.48 -30.48 11.52
N VAL C 129 24.44 -31.04 10.90
CA VAL C 129 23.08 -30.81 11.34
C VAL C 129 22.27 -32.09 11.26
N SER C 130 21.75 -32.52 12.40
CA SER C 130 20.78 -33.63 12.44
C SER C 130 19.52 -33.17 13.17
N PRO C 131 18.36 -33.79 12.85
CA PRO C 131 17.14 -33.58 13.64
C PRO C 131 17.31 -34.01 15.11
N SER C 132 16.71 -33.26 16.06
CA SER C 132 16.97 -33.51 17.48
C SER C 132 15.88 -34.30 18.17
N GLU C 133 16.21 -34.81 19.35
CA GLU C 133 15.27 -35.54 20.19
C GLU C 133 14.56 -34.54 21.08
N SER C 134 15.36 -33.73 21.79
CA SER C 134 14.88 -32.89 22.89
C SER C 134 14.02 -31.67 22.50
N GLN C 135 14.06 -31.28 21.22
CA GLN C 135 13.22 -30.18 20.73
C GLN C 135 12.62 -30.50 19.37
N GLN C 136 11.65 -29.70 18.97
CA GLN C 136 11.07 -29.81 17.63
C GLN C 136 11.93 -28.99 16.68
N GLY C 137 13.03 -29.59 16.26
CA GLY C 137 14.00 -28.91 15.43
C GLY C 137 15.28 -29.69 15.26
N PHE C 138 16.41 -29.05 15.58
CA PHE C 138 17.69 -29.52 15.05
C PHE C 138 18.85 -29.39 16.03
N ASP C 139 19.69 -30.42 16.01
CA ASP C 139 20.98 -30.40 16.68
C ASP C 139 22.05 -29.94 15.66
N VAL C 140 22.79 -28.91 16.04
CA VAL C 140 23.68 -28.23 15.12
C VAL C 140 25.07 -28.16 15.72
N ILE C 141 26.07 -28.40 14.88
CA ILE C 141 27.45 -28.14 15.26
C ILE C 141 28.12 -27.31 14.18
N ILE C 142 28.73 -26.20 14.59
CA ILE C 142 29.47 -25.39 13.67
C ILE C 142 30.93 -25.60 13.99
N GLU C 143 31.68 -26.21 13.09
CA GLU C 143 33.13 -26.31 13.23
C GLU C 143 33.80 -25.09 12.63
N TYR C 144 34.75 -24.50 13.35
CA TYR C 144 35.50 -23.37 12.83
C TYR C 144 36.97 -23.60 13.00
N GLU C 145 37.79 -22.92 12.21
CA GLU C 145 39.24 -22.89 12.43
C GLU C 145 39.82 -21.54 12.04
N SER C 146 40.55 -20.92 12.98
CA SER C 146 41.26 -19.69 12.70
C SER C 146 42.62 -19.99 12.08
N VAL C 147 43.11 -19.06 11.26
CA VAL C 147 44.49 -19.06 10.78
C VAL C 147 45.19 -17.75 11.16
N LEU C 148 44.54 -16.97 12.01
CA LEU C 148 45.09 -15.71 12.47
C LEU C 148 46.11 -15.94 13.56
N GLU C 149 47.06 -15.01 13.66
CA GLU C 149 48.13 -15.13 14.64
C GLU C 149 47.68 -14.48 15.95
N THR C 150 46.78 -13.48 15.88
CA THR C 150 46.12 -12.95 17.09
C THR C 150 44.89 -13.80 17.42
N GLU C 151 44.30 -13.58 18.60
CA GLU C 151 43.08 -14.28 18.97
C GLU C 151 41.87 -13.38 18.69
N LEU C 152 40.73 -14.01 18.44
CA LEU C 152 39.49 -13.30 18.19
C LEU C 152 38.66 -13.34 19.44
N ALA C 153 38.01 -12.23 19.75
CA ALA C 153 37.16 -12.15 20.92
C ALA C 153 35.74 -11.82 20.48
N ASP C 154 34.78 -12.34 21.21
CA ASP C 154 33.37 -11.97 21.01
C ASP C 154 32.91 -12.17 19.56
N VAL C 155 33.02 -13.40 19.10
CA VAL C 155 32.62 -13.80 17.77
C VAL C 155 31.16 -14.20 17.82
N ILE C 156 30.36 -13.69 16.89
CA ILE C 156 28.91 -13.86 16.99
C ILE C 156 28.32 -14.61 15.80
N PHE C 157 27.84 -15.81 16.07
CA PHE C 157 27.17 -16.62 15.06
C PHE C 157 25.67 -16.32 15.12
N THR C 158 25.07 -16.10 13.95
CA THR C 158 23.66 -15.76 13.86
C THR C 158 22.88 -16.71 12.97
N ILE C 159 21.84 -17.32 13.52
CA ILE C 159 20.97 -18.23 12.77
C ILE C 159 19.70 -17.46 12.48
N PRO C 160 19.20 -17.52 11.25
CA PRO C 160 18.02 -16.72 10.91
C PRO C 160 16.69 -17.42 11.27
N VAL C 161 16.48 -17.68 12.57
CA VAL C 161 15.20 -18.18 13.07
C VAL C 161 14.90 -17.57 14.42
N PHE C 162 13.61 -17.48 14.73
CA PHE C 162 13.11 -17.04 16.04
C PHE C 162 12.33 -18.20 16.63
N PRO C 163 12.96 -18.96 17.54
CA PRO C 163 12.25 -20.09 18.12
C PRO C 163 11.46 -19.72 19.39
N GLN C 164 10.53 -20.59 19.76
CA GLN C 164 9.64 -20.34 20.90
C GLN C 164 10.34 -20.78 22.18
N GLU C 165 10.62 -22.08 22.29
CA GLU C 165 11.48 -22.62 23.35
C GLU C 165 12.88 -22.03 23.21
N PRO C 166 13.57 -21.77 24.34
CA PRO C 166 14.88 -21.14 24.17
C PRO C 166 15.93 -22.17 23.68
N VAL C 167 17.07 -21.67 23.22
CA VAL C 167 18.14 -22.51 22.69
C VAL C 167 18.82 -23.27 23.80
N ASP C 168 19.16 -24.54 23.54
CA ASP C 168 19.94 -25.33 24.48
C ASP C 168 21.35 -25.54 23.93
N ILE C 169 22.33 -24.87 24.53
CA ILE C 169 23.73 -25.04 24.16
C ILE C 169 24.27 -26.31 24.76
N ASN C 170 24.77 -27.23 23.92
CA ASN C 170 25.49 -28.41 24.43
C ASN C 170 26.87 -27.99 24.83
N THR C 171 27.07 -27.87 26.13
CA THR C 171 28.26 -27.24 26.69
C THR C 171 29.45 -28.23 26.82
N GLU C 172 29.13 -29.51 26.74
CA GLU C 172 30.12 -30.56 26.79
C GLU C 172 30.67 -30.77 25.34
N SER C 173 29.82 -30.63 24.32
CA SER C 173 30.17 -30.92 22.92
C SER C 173 30.76 -29.67 22.23
N SER C 174 30.72 -28.52 22.91
CA SER C 174 31.29 -27.26 22.42
C SER C 174 32.71 -27.15 22.90
N THR C 175 33.41 -26.09 22.49
CA THR C 175 34.81 -25.89 22.79
C THR C 175 34.99 -24.74 23.75
N CYS C 176 34.25 -23.66 23.50
CA CYS C 176 34.20 -22.58 24.46
C CYS C 176 32.89 -22.74 25.23
N SER C 177 32.98 -23.35 26.42
CA SER C 177 31.82 -23.91 27.13
C SER C 177 30.83 -22.86 27.60
N ASP C 178 31.35 -21.69 27.98
CA ASP C 178 30.53 -20.53 28.40
C ASP C 178 30.05 -19.63 27.23
N ALA C 179 29.71 -20.23 26.09
CA ALA C 179 29.04 -19.54 24.99
C ALA C 179 27.63 -19.22 25.44
N GLU C 180 27.12 -18.05 25.07
CA GLU C 180 25.79 -17.64 25.52
C GLU C 180 24.99 -17.03 24.37
N VAL C 181 23.69 -17.25 24.37
CA VAL C 181 22.80 -16.51 23.47
C VAL C 181 22.80 -15.05 23.91
N VAL C 182 22.84 -14.12 22.97
CA VAL C 182 22.78 -12.69 23.29
C VAL C 182 21.67 -11.95 22.54
N ASN C 183 20.87 -12.65 21.74
CA ASN C 183 19.82 -12.00 20.98
C ASN C 183 18.92 -12.99 20.29
N MET C 184 17.70 -13.11 20.78
CA MET C 184 16.62 -13.62 19.96
C MET C 184 15.87 -12.37 19.56
N ASP C 185 15.03 -12.49 18.53
CA ASP C 185 14.50 -11.33 17.82
C ASP C 185 13.96 -11.86 16.49
N GLN C 186 12.76 -11.40 16.07
CA GLN C 186 12.11 -11.85 14.80
C GLN C 186 12.82 -11.31 13.58
N GLU C 187 13.29 -10.08 13.69
CA GLU C 187 13.98 -9.41 12.60
C GLU C 187 15.30 -10.09 12.26
N MET C 188 16.24 -10.06 13.20
CA MET C 188 17.57 -10.63 13.03
C MET C 188 17.68 -12.16 13.12
N GLY C 189 16.91 -12.75 14.03
CA GLY C 189 17.01 -14.17 14.34
C GLY C 189 17.82 -14.34 15.61
N THR C 190 18.34 -15.54 15.79
CA THR C 190 19.05 -15.92 17.02
C THR C 190 20.56 -15.78 16.90
N SER C 191 21.18 -15.07 17.85
CA SER C 191 22.64 -14.83 17.83
C SER C 191 23.35 -15.36 19.06
N ILE C 192 24.35 -16.20 18.83
CA ILE C 192 25.14 -16.82 19.90
C ILE C 192 26.55 -16.26 19.90
N LYS C 193 27.04 -15.91 21.08
CA LYS C 193 28.35 -15.29 21.22
C LYS C 193 29.33 -16.29 21.80
N ILE C 194 30.58 -16.17 21.38
CA ILE C 194 31.67 -16.99 21.88
C ILE C 194 32.75 -16.06 22.46
N SER C 195 33.32 -16.42 23.62
CA SER C 195 34.32 -15.59 24.27
C SER C 195 35.52 -15.35 23.35
N LYS C 196 36.17 -16.45 22.97
CA LYS C 196 37.47 -16.41 22.35
C LYS C 196 37.60 -17.50 21.32
N ILE C 197 38.29 -17.17 20.23
CA ILE C 197 38.80 -18.18 19.32
C ILE C 197 40.30 -18.02 19.29
N ALA C 198 40.99 -19.07 19.73
CA ALA C 198 42.42 -19.01 19.91
C ALA C 198 43.12 -18.96 18.56
N ALA C 199 44.16 -18.14 18.48
CA ALA C 199 45.02 -18.07 17.30
C ALA C 199 45.35 -19.47 16.77
N ASN C 200 45.30 -19.63 15.46
CA ASN C 200 45.60 -20.89 14.78
C ASN C 200 44.99 -22.15 15.37
N ASP C 201 43.90 -22.02 16.13
CA ASP C 201 43.25 -23.20 16.73
C ASP C 201 41.85 -23.43 16.13
N ALA C 202 41.50 -24.70 15.97
CA ALA C 202 40.13 -25.14 15.64
C ALA C 202 39.25 -25.25 16.87
N GLY C 203 37.95 -25.32 16.63
CA GLY C 203 36.96 -25.38 17.68
C GLY C 203 35.62 -25.77 17.11
N ALA C 204 34.61 -25.84 17.98
CA ALA C 204 33.25 -26.16 17.58
C ALA C 204 32.25 -25.51 18.52
N LEU C 205 31.06 -25.28 17.99
CA LEU C 205 29.98 -24.69 18.75
C LEU C 205 28.78 -25.53 18.49
N ALA C 206 28.26 -26.15 19.55
CA ALA C 206 27.20 -27.13 19.40
C ALA C 206 25.99 -26.70 20.19
N PHE C 207 24.82 -26.92 19.60
CA PHE C 207 23.58 -26.51 20.24
C PHE C 207 22.36 -27.14 19.58
N THR C 208 21.22 -26.98 20.25
CA THR C 208 19.94 -27.43 19.73
C THR C 208 19.01 -26.25 19.61
N ILE C 209 18.24 -26.25 18.54
CA ILE C 209 17.37 -25.11 18.23
C ILE C 209 16.12 -25.55 17.49
N GLU C 210 15.02 -24.86 17.78
CA GLU C 210 13.72 -25.07 17.15
C GLU C 210 13.68 -24.50 15.73
N ALA C 211 13.23 -25.30 14.78
CA ALA C 211 13.00 -24.78 13.43
C ALA C 211 12.16 -25.74 12.59
N PRO C 212 11.46 -25.20 11.58
CA PRO C 212 10.58 -25.98 10.72
C PRO C 212 11.26 -27.06 9.90
N TYR C 213 12.33 -26.70 9.21
CA TYR C 213 13.06 -27.62 8.34
C TYR C 213 14.51 -27.17 8.25
N GLU C 214 15.35 -28.03 7.69
CA GLU C 214 16.79 -27.75 7.66
C GLU C 214 17.14 -26.42 6.97
N ASP C 215 16.65 -26.19 5.75
CA ASP C 215 16.98 -24.96 5.00
C ASP C 215 16.69 -23.67 5.78
N ALA C 216 15.85 -23.74 6.80
CA ALA C 216 15.45 -22.57 7.58
C ALA C 216 16.56 -22.04 8.46
N LEU C 217 17.57 -22.87 8.68
CA LEU C 217 18.74 -22.51 9.48
C LEU C 217 19.80 -21.69 8.72
N TYR C 218 19.68 -21.63 7.40
CA TYR C 218 20.66 -20.97 6.58
C TYR C 218 20.01 -19.77 5.93
N PRO C 219 20.81 -18.75 5.60
CA PRO C 219 22.23 -18.66 5.81
C PRO C 219 22.59 -18.25 7.23
N MET C 220 23.63 -18.91 7.78
CA MET C 220 24.19 -18.56 9.09
C MET C 220 25.27 -17.55 8.89
N THR C 221 25.26 -16.49 9.69
CA THR C 221 26.23 -15.46 9.53
C THR C 221 27.16 -15.45 10.73
N VAL C 222 28.44 -15.31 10.45
CA VAL C 222 29.39 -15.08 11.49
C VAL C 222 29.81 -13.62 11.45
N SER C 223 30.21 -13.12 12.61
CA SER C 223 30.64 -11.76 12.75
C SER C 223 31.80 -11.67 13.74
N PHE C 224 32.89 -11.07 13.28
CA PHE C 224 34.09 -11.00 14.09
C PHE C 224 34.90 -9.78 13.68
N GLN C 225 35.90 -9.49 14.48
CA GLN C 225 36.56 -8.21 14.46
C GLN C 225 37.88 -8.36 15.18
N GLU C 226 38.86 -7.55 14.81
CA GLU C 226 40.19 -7.72 15.36
C GLU C 226 40.99 -6.46 15.11
N SER C 227 41.79 -6.07 16.08
CA SER C 227 42.50 -4.80 16.02
C SER C 227 43.79 -4.89 16.83
N THR C 228 44.87 -4.34 16.30
CA THR C 228 46.08 -4.16 17.11
C THR C 228 46.75 -2.80 16.80
N ARG C 229 47.39 -2.24 17.82
CA ARG C 229 48.00 -0.91 17.74
C ARG C 229 49.52 -1.00 17.65
N ASP C 230 50.08 -2.19 17.84
CA ASP C 230 51.50 -2.48 17.57
C ASP C 230 52.02 -1.75 16.32
N LYS C 231 53.17 -1.10 16.47
CA LYS C 231 53.80 -0.33 15.38
C LYS C 231 54.43 -1.20 14.29
N LEU C 232 54.63 -2.49 14.58
CA LEU C 232 55.23 -3.45 13.63
C LEU C 232 54.14 -4.35 13.03
N ALA C 233 52.89 -3.91 13.15
CA ALA C 233 51.74 -4.74 12.79
C ALA C 233 51.64 -4.91 11.28
N LYS C 234 51.34 -6.13 10.86
CA LYS C 234 51.00 -6.41 9.46
C LYS C 234 49.49 -6.63 9.37
N SER C 235 48.90 -6.31 8.22
CA SER C 235 47.49 -6.61 7.99
C SER C 235 47.37 -8.08 7.68
N PHE C 236 46.13 -8.54 7.52
CA PHE C 236 45.90 -9.93 7.14
C PHE C 236 46.52 -10.24 5.79
N THR C 237 46.49 -9.28 4.88
CA THR C 237 47.04 -9.46 3.53
C THR C 237 48.51 -9.07 3.44
N GLY C 238 49.15 -8.85 4.58
CA GLY C 238 50.57 -8.47 4.62
C GLY C 238 50.90 -6.99 4.42
N MET C 239 49.88 -6.15 4.51
CA MET C 239 50.03 -4.73 4.36
C MET C 239 50.59 -4.09 5.64
N ALA C 240 51.52 -3.13 5.49
CA ALA C 240 52.22 -2.54 6.65
C ALA C 240 53.11 -1.37 6.28
N ILE C 241 53.50 -0.62 7.32
CA ILE C 241 54.33 0.56 7.14
C ILE C 241 55.77 0.25 7.53
N GLN C 242 56.73 0.71 6.73
CA GLN C 242 58.14 0.61 7.12
C GLN C 242 58.58 1.77 7.98
N SER C 243 58.36 2.98 7.48
CA SER C 243 58.67 4.19 8.22
C SER C 243 57.84 5.37 7.71
N VAL C 244 57.85 6.44 8.49
CA VAL C 244 57.37 7.72 8.05
C VAL C 244 58.58 8.65 8.12
N VAL C 245 58.59 9.65 7.24
CA VAL C 245 59.82 10.28 6.83
C VAL C 245 59.55 11.71 6.34
N MET C 246 60.50 12.62 6.60
CA MET C 246 60.41 13.98 6.11
C MET C 246 60.36 14.05 4.59
N ALA C 247 59.47 14.88 4.06
CA ALA C 247 59.28 14.97 2.62
C ALA C 247 60.56 15.43 1.89
N ASN C 248 61.48 16.11 2.58
CA ASN C 248 62.77 16.54 2.00
C ASN C 248 63.89 15.60 2.34
N ASP C 249 64.15 15.47 3.63
CA ASP C 249 65.23 14.63 4.13
C ASP C 249 64.73 13.20 4.34
N HIS C 250 64.83 12.37 3.31
CA HIS C 250 64.34 10.98 3.41
C HIS C 250 65.07 10.09 4.44
N ASP C 251 66.21 10.56 4.97
CA ASP C 251 66.90 9.84 6.05
C ASP C 251 66.32 10.21 7.40
N GLN C 252 65.59 11.33 7.44
CA GLN C 252 64.99 11.87 8.67
C GLN C 252 63.66 11.21 9.02
N GLU C 253 63.69 10.23 9.91
CA GLU C 253 62.47 9.52 10.32
C GLU C 253 61.60 10.40 11.23
N LEU C 254 60.30 10.10 11.28
CA LEU C 254 59.35 10.80 12.16
C LEU C 254 58.61 9.77 12.99
N PRO C 255 58.00 10.20 14.11
CA PRO C 255 57.29 9.25 14.96
C PRO C 255 55.83 9.02 14.54
N TYR C 256 55.33 7.81 14.76
CA TYR C 256 53.97 7.47 14.36
C TYR C 256 53.43 6.25 15.07
N ASP C 257 52.11 6.13 15.07
CA ASP C 257 51.41 4.96 15.52
C ASP C 257 50.69 4.36 14.34
N VAL C 258 50.28 3.11 14.49
CA VAL C 258 49.53 2.44 13.41
C VAL C 258 48.57 1.40 13.98
N ILE C 259 47.32 1.50 13.55
CA ILE C 259 46.30 0.55 13.91
C ILE C 259 45.97 -0.31 12.70
N THR C 260 45.89 -1.61 12.93
CA THR C 260 45.61 -2.59 11.90
C THR C 260 44.33 -3.32 12.27
N SER C 261 43.27 -3.09 11.50
CA SER C 261 41.98 -3.73 11.75
C SER C 261 41.65 -4.83 10.70
N LEU C 262 40.76 -5.76 11.09
CA LEU C 262 40.12 -6.70 10.17
C LEU C 262 38.71 -7.04 10.66
N LYS C 263 37.69 -6.57 9.95
CA LYS C 263 36.31 -6.85 10.34
C LYS C 263 35.69 -7.73 9.28
N SER C 264 34.74 -8.54 9.69
CA SER C 264 33.99 -9.35 8.77
C SER C 264 32.82 -8.53 8.33
N ASP C 265 32.34 -8.73 7.10
CA ASP C 265 31.05 -8.12 6.66
C ASP C 265 30.02 -9.22 6.34
N GLU C 266 29.81 -9.54 5.06
CA GLU C 266 28.97 -10.65 4.67
C GLU C 266 29.80 -11.93 4.65
N TYR C 267 29.85 -12.57 5.80
CA TYR C 267 30.65 -13.76 6.01
C TYR C 267 29.66 -14.82 6.45
N LEU C 268 29.41 -15.81 5.61
CA LEU C 268 28.30 -16.71 5.84
C LEU C 268 28.38 -18.10 5.24
N VAL C 269 27.57 -19.00 5.81
CA VAL C 269 27.43 -20.35 5.34
C VAL C 269 26.01 -20.46 4.77
N GLN C 270 25.88 -21.09 3.61
CA GLN C 270 24.64 -21.03 2.86
C GLN C 270 24.17 -22.38 2.35
N ASP D 8 -48.24 20.39 47.97
CA ASP D 8 -47.08 19.47 47.84
C ASP D 8 -45.72 20.15 47.50
N VAL D 9 -45.69 21.48 47.41
CA VAL D 9 -44.43 22.26 47.24
C VAL D 9 -43.45 21.53 48.13
N PRO D 10 -42.29 21.11 47.58
CA PRO D 10 -41.36 20.28 48.35
C PRO D 10 -40.79 20.99 49.60
N GLU D 11 -40.39 20.18 50.57
CA GLU D 11 -40.01 20.68 51.89
C GLU D 11 -38.57 21.17 51.88
N ASN D 12 -38.32 22.32 52.51
CA ASN D 12 -36.97 22.92 52.57
C ASN D 12 -36.38 22.89 53.97
N ASN D 13 -35.20 22.28 54.11
CA ASN D 13 -34.52 22.19 55.41
C ASN D 13 -33.45 23.24 55.62
N GLY D 14 -33.53 24.36 54.90
CA GLY D 14 -32.47 25.38 54.94
C GLY D 14 -32.18 25.93 53.56
N ILE D 15 -31.35 25.21 52.81
CA ILE D 15 -31.12 25.49 51.40
C ILE D 15 -31.68 24.37 50.55
N LEU D 16 -32.54 24.75 49.61
CA LEU D 16 -33.04 23.83 48.60
C LEU D 16 -32.80 24.36 47.19
N ILE D 17 -32.09 23.57 46.39
CA ILE D 17 -31.79 23.93 45.03
C ILE D 17 -32.61 23.08 44.09
N SER D 18 -33.41 23.73 43.26
CA SER D 18 -34.20 23.03 42.28
C SER D 18 -33.65 23.28 40.87
N ILE D 19 -33.39 22.20 40.15
CA ILE D 19 -32.91 22.25 38.76
C ILE D 19 -34.02 21.70 37.90
N LYS D 20 -34.64 22.58 37.11
CA LYS D 20 -35.86 22.21 36.43
C LYS D 20 -35.76 22.34 34.92
N GLU D 21 -35.85 21.20 34.25
CA GLU D 21 -35.69 21.15 32.81
C GLU D 21 -37.00 20.71 32.18
N VAL D 22 -37.34 21.38 31.07
CA VAL D 22 -38.54 21.08 30.32
C VAL D 22 -38.17 20.80 28.86
N ILE D 23 -38.74 19.74 28.31
CA ILE D 23 -38.38 19.28 26.97
C ILE D 23 -39.57 19.31 26.03
N ASN D 24 -39.39 19.97 24.89
CA ASN D 24 -40.32 19.92 23.78
C ASN D 24 -39.69 19.12 22.66
N ALA D 25 -40.51 18.42 21.88
CA ALA D 25 -39.99 17.63 20.76
C ALA D 25 -41.08 17.30 19.78
N GLU D 26 -40.72 17.21 18.51
CA GLU D 26 -41.66 16.87 17.47
C GLU D 26 -41.09 15.76 16.59
N PHE D 27 -41.85 14.67 16.43
CA PHE D 27 -41.45 13.51 15.62
C PHE D 27 -42.38 13.37 14.44
N SER D 28 -41.90 12.75 13.38
CA SER D 28 -42.75 12.28 12.27
C SER D 28 -43.37 10.98 12.68
N ARG D 29 -44.40 10.57 11.95
CA ARG D 29 -45.13 9.36 12.28
C ARG D 29 -44.19 8.19 12.24
N ASP D 30 -43.24 8.24 11.32
CA ASP D 30 -42.27 7.14 11.14
C ASP D 30 -41.10 7.19 12.11
N GLY D 31 -41.03 8.20 12.96
CA GLY D 31 -40.03 8.23 14.03
C GLY D 31 -38.87 9.22 13.88
N THR D 32 -38.81 9.96 12.77
CA THR D 32 -37.70 10.91 12.48
C THR D 32 -37.91 12.16 13.34
N ILE D 33 -36.83 12.63 13.95
CA ILE D 33 -36.89 13.80 14.83
C ILE D 33 -36.91 15.03 13.96
N HIS D 34 -37.98 15.81 14.01
CA HIS D 34 -38.08 17.06 13.21
CA HIS D 34 -38.06 17.05 13.25
C HIS D 34 -37.46 18.21 13.99
N SER D 35 -37.61 18.21 15.31
CA SER D 35 -37.06 19.31 16.17
C SER D 35 -37.12 19.01 17.65
N SER D 36 -36.26 19.65 18.42
CA SER D 36 -36.37 19.59 19.89
C SER D 36 -35.82 20.85 20.52
N GLU D 37 -36.34 21.19 21.69
CA GLU D 37 -35.95 22.39 22.40
C GLU D 37 -36.05 22.11 23.89
N LEU D 38 -34.96 22.32 24.60
CA LEU D 38 -34.93 22.13 26.05
C LEU D 38 -34.69 23.42 26.79
N LYS D 39 -35.56 23.74 27.75
CA LYS D 39 -35.42 24.93 28.58
C LYS D 39 -35.15 24.46 29.99
N GLY D 40 -34.32 25.20 30.69
CA GLY D 40 -33.95 24.83 32.03
C GLY D 40 -33.74 26.05 32.88
N VAL D 41 -33.81 25.81 34.19
CA VAL D 41 -33.59 26.88 35.14
C VAL D 41 -33.09 26.31 36.48
N LEU D 42 -32.27 27.11 37.15
CA LEU D 42 -31.76 26.74 38.44
C LEU D 42 -32.39 27.69 39.43
N GLU D 43 -33.23 27.14 40.30
CA GLU D 43 -33.90 27.92 41.33
C GLU D 43 -33.28 27.68 42.69
N LEU D 44 -33.25 28.74 43.48
CA LEU D 44 -32.65 28.73 44.79
C LEU D 44 -33.64 29.16 45.86
N ARG D 45 -33.93 28.27 46.82
CA ARG D 45 -34.81 28.56 47.95
C ARG D 45 -34.04 28.47 49.26
N ILE D 46 -34.05 29.55 50.03
CA ILE D 46 -33.39 29.59 51.33
C ILE D 46 -34.34 30.13 52.38
N ASN D 47 -34.41 29.46 53.54
CA ASN D 47 -35.31 29.88 54.64
C ASN D 47 -34.64 30.27 55.97
N ASP D 48 -33.31 30.31 56.01
CA ASP D 48 -32.58 30.55 57.26
C ASP D 48 -31.46 31.58 57.03
N HIS D 49 -31.54 32.71 57.72
CA HIS D 49 -30.57 33.81 57.53
C HIS D 49 -29.12 33.40 57.72
N ASP D 50 -28.89 32.36 58.51
CA ASP D 50 -27.55 31.75 58.68
C ASP D 50 -26.94 31.37 57.32
N LEU D 51 -27.79 30.96 56.38
CA LEU D 51 -27.33 30.48 55.07
C LEU D 51 -27.53 31.49 53.91
N SER D 52 -28.19 32.62 54.18
CA SER D 52 -28.41 33.66 53.16
C SER D 52 -27.14 34.07 52.47
N HIS D 53 -26.05 34.09 53.21
CA HIS D 53 -24.82 34.66 52.69
C HIS D 53 -23.91 33.57 52.17
N SER D 54 -24.32 33.03 51.01
CA SER D 54 -23.70 31.85 50.41
C SER D 54 -23.50 31.97 48.90
N ASN D 55 -22.72 31.03 48.36
CA ASN D 55 -22.39 30.94 46.93
C ASN D 55 -22.55 29.49 46.45
N LEU D 56 -22.92 29.29 45.18
CA LEU D 56 -23.07 27.93 44.62
C LEU D 56 -21.95 27.60 43.65
N LYS D 57 -21.39 26.40 43.79
CA LYS D 57 -20.39 25.90 42.87
C LYS D 57 -21.03 24.85 42.01
N LEU D 58 -21.04 25.10 40.70
CA LEU D 58 -21.59 24.13 39.75
C LEU D 58 -20.59 23.03 39.56
N ALA D 59 -21.05 21.83 39.26
CA ALA D 59 -20.16 20.72 38.92
C ALA D 59 -19.11 21.20 37.92
N ASP D 60 -17.84 20.86 38.15
CA ASP D 60 -16.79 21.24 37.18
C ASP D 60 -16.87 20.34 35.94
N SER D 61 -17.75 19.33 35.97
CA SER D 61 -18.12 18.59 34.76
C SER D 61 -18.79 19.46 33.65
N ILE D 62 -19.31 20.64 34.02
CA ILE D 62 -20.14 21.45 33.13
C ILE D 62 -19.37 22.52 32.40
N ASP D 63 -19.62 22.66 31.10
CA ASP D 63 -19.00 23.73 30.32
C ASP D 63 -19.90 24.96 30.35
N VAL D 64 -19.56 25.92 31.22
CA VAL D 64 -20.37 27.13 31.36
C VAL D 64 -20.15 28.12 30.22
N ARG D 65 -19.33 27.74 29.24
CA ARG D 65 -19.09 28.58 28.09
C ARG D 65 -19.63 27.98 26.79
N ASP D 66 -20.32 26.85 26.88
CA ASP D 66 -20.96 26.25 25.72
C ASP D 66 -22.05 27.17 25.13
N LYS D 67 -21.79 27.72 23.95
CA LYS D 67 -22.71 28.67 23.29
C LYS D 67 -24.11 28.08 23.04
N SER D 68 -24.18 26.76 22.87
CA SER D 68 -25.44 26.11 22.48
C SER D 68 -26.45 26.09 23.64
N PHE D 69 -25.94 26.19 24.87
CA PHE D 69 -26.79 26.23 26.07
C PHE D 69 -27.35 27.63 26.34
N GLN D 70 -26.85 28.66 25.66
CA GLN D 70 -27.36 30.03 25.83
CA GLN D 70 -27.35 30.02 25.86
C GLN D 70 -27.59 30.37 27.32
N PHE D 71 -26.58 30.10 28.15
CA PHE D 71 -26.70 30.37 29.58
C PHE D 71 -26.94 31.84 29.86
N LYS D 72 -27.97 32.15 30.66
CA LYS D 72 -28.21 33.51 31.13
C LYS D 72 -28.38 33.52 32.63
N THR D 73 -27.65 34.42 33.27
CA THR D 73 -27.68 34.59 34.71
C THR D 73 -28.58 35.74 35.07
N HIS D 74 -29.22 35.60 36.22
CA HIS D 74 -30.04 36.66 36.79
C HIS D 74 -29.21 37.95 36.85
N PRO D 75 -29.80 39.10 36.52
CA PRO D 75 -29.05 40.36 36.38
C PRO D 75 -28.25 40.79 37.61
N ASN D 76 -28.48 40.20 38.77
CA ASN D 76 -27.72 40.56 39.98
C ASN D 76 -26.61 39.59 40.29
N ILE D 77 -26.55 38.50 39.53
CA ILE D 77 -25.49 37.51 39.67
C ILE D 77 -24.24 38.02 38.95
N ASP D 78 -23.07 37.60 39.46
CA ASP D 78 -21.80 38.00 38.89
C ASP D 78 -21.50 37.16 37.65
N LYS D 79 -21.66 37.74 36.45
CA LYS D 79 -21.36 37.05 35.19
C LYS D 79 -19.92 36.56 35.15
N GLN D 80 -19.00 37.43 35.59
CA GLN D 80 -17.54 37.16 35.58
C GLN D 80 -17.21 35.89 36.39
N SER D 81 -17.60 35.85 37.68
CA SER D 81 -17.35 34.67 38.52
C SER D 81 -18.01 33.43 37.97
N PHE D 82 -19.19 33.59 37.38
CA PHE D 82 -19.87 32.44 36.77
C PHE D 82 -19.02 31.87 35.62
N LEU D 83 -18.60 32.74 34.71
CA LEU D 83 -17.92 32.33 33.51
C LEU D 83 -16.54 31.77 33.77
N SER D 84 -15.77 32.42 34.64
CA SER D 84 -14.42 31.93 34.97
C SER D 84 -14.41 30.76 35.98
N THR D 85 -15.16 30.88 37.08
CA THR D 85 -15.09 29.89 38.17
C THR D 85 -16.29 28.90 38.30
N LYS D 86 -17.30 29.02 37.45
CA LYS D 86 -18.54 28.20 37.57
C LYS D 86 -19.21 28.43 38.92
N LEU D 87 -19.26 29.70 39.29
CA LEU D 87 -19.63 30.12 40.63
C LEU D 87 -20.84 31.05 40.53
N ILE D 88 -21.89 30.72 41.27
CA ILE D 88 -23.09 31.56 41.32
C ILE D 88 -23.03 32.43 42.58
N SER D 89 -22.90 33.74 42.39
CA SER D 89 -22.82 34.67 43.52
C SER D 89 -23.29 36.04 43.09
N LEU D 90 -23.57 36.88 44.08
CA LEU D 90 -24.08 38.23 43.80
C LEU D 90 -22.97 39.17 43.42
N ARG D 91 -23.25 40.10 42.52
CA ARG D 91 -22.26 41.07 42.08
C ARG D 91 -21.81 41.86 43.29
N ASP D 92 -22.80 42.38 44.02
CA ASP D 92 -22.57 43.11 45.26
C ASP D 92 -22.27 42.12 46.38
N LYS D 93 -20.99 42.03 46.77
CA LYS D 93 -20.54 41.01 47.72
C LYS D 93 -21.02 41.32 49.15
N SER D 94 -21.44 42.55 49.38
CA SER D 94 -22.02 42.95 50.66
C SER D 94 -23.43 42.41 50.92
N LYS D 95 -24.17 42.06 49.86
CA LYS D 95 -25.57 41.60 50.01
C LYS D 95 -25.69 40.09 50.04
N ALA D 96 -26.82 39.62 50.54
CA ALA D 96 -27.09 38.19 50.69
C ALA D 96 -28.36 37.83 49.95
N PHE D 97 -28.59 36.53 49.77
CA PHE D 97 -29.78 36.06 49.06
C PHE D 97 -30.99 36.22 49.99
N PRO D 98 -32.19 36.36 49.40
CA PRO D 98 -33.42 36.31 50.18
C PRO D 98 -33.53 35.05 51.03
N ALA D 99 -33.94 35.21 52.28
CA ALA D 99 -34.13 34.07 53.21
C ALA D 99 -35.60 33.83 53.54
N ASN D 100 -36.48 34.23 52.63
CA ASN D 100 -37.93 34.08 52.79
C ASN D 100 -38.51 32.78 52.17
N ASP D 101 -37.67 31.77 51.97
CA ASP D 101 -38.07 30.47 51.36
C ASP D 101 -38.79 30.62 50.00
N GLN D 102 -38.52 31.71 49.31
CA GLN D 102 -39.10 31.95 48.00
C GLN D 102 -38.14 31.57 46.89
N SER D 103 -38.69 31.02 45.81
CA SER D 103 -37.89 30.59 44.66
C SER D 103 -37.29 31.77 43.91
N LEU D 104 -35.96 31.77 43.80
CA LEU D 104 -35.21 32.71 42.99
C LEU D 104 -34.56 31.97 41.83
N GLY D 105 -34.86 32.41 40.61
CA GLY D 105 -34.25 31.83 39.43
C GLY D 105 -32.97 32.58 39.15
N VAL D 106 -31.84 31.92 39.40
CA VAL D 106 -30.52 32.54 39.27
C VAL D 106 -29.87 32.29 37.91
N LEU D 107 -30.28 31.22 37.26
CA LEU D 107 -29.67 30.81 36.00
C LEU D 107 -30.68 30.11 35.10
N ARG D 108 -30.73 30.56 33.84
CA ARG D 108 -31.54 29.92 32.82
C ARG D 108 -30.69 29.39 31.70
N TRP D 109 -31.25 28.43 30.98
CA TRP D 109 -30.61 27.94 29.77
C TRP D 109 -31.59 27.40 28.78
N ARG D 110 -31.17 27.42 27.53
CA ARG D 110 -32.00 26.93 26.46
C ARG D 110 -31.15 26.34 25.37
N LYS D 111 -31.56 25.17 24.89
CA LYS D 111 -30.81 24.45 23.85
C LYS D 111 -31.80 24.05 22.78
N VAL D 112 -31.45 24.31 21.52
CA VAL D 112 -32.31 23.95 20.41
C VAL D 112 -31.54 23.00 19.50
N ALA D 113 -32.13 21.86 19.21
CA ALA D 113 -31.54 20.93 18.28
C ALA D 113 -32.31 20.91 16.95
N PRO D 114 -31.57 20.79 15.84
CA PRO D 114 -32.15 20.74 14.52
C PRO D 114 -32.65 19.34 14.21
N ALA D 115 -33.37 19.20 13.10
CA ALA D 115 -33.86 17.91 12.65
C ALA D 115 -32.77 16.84 12.73
N GLU D 116 -33.16 15.65 13.15
CA GLU D 116 -32.31 14.46 13.20
C GLU D 116 -31.26 14.45 14.29
N ASP D 117 -31.17 15.52 15.06
CA ASP D 117 -30.33 15.52 16.27
C ASP D 117 -31.12 14.96 17.44
N ASP D 118 -30.65 13.84 17.99
CA ASP D 118 -31.39 13.13 19.03
C ASP D 118 -30.82 13.32 20.44
N SER D 119 -30.02 14.36 20.63
CA SER D 119 -29.27 14.53 21.87
C SER D 119 -30.10 15.04 23.05
N LEU D 120 -31.23 15.69 22.77
CA LEU D 120 -32.14 16.17 23.81
C LEU D 120 -33.36 15.28 24.01
N ILE D 121 -33.37 14.12 23.37
CA ILE D 121 -34.55 13.26 23.37
C ILE D 121 -34.43 12.19 24.48
N PRO D 122 -35.23 12.31 25.55
CA PRO D 122 -35.24 11.27 26.54
C PRO D 122 -36.10 10.06 26.14
N LEU D 123 -37.04 10.26 25.20
CA LEU D 123 -38.02 9.21 24.86
C LEU D 123 -38.37 9.23 23.39
N THR D 124 -37.93 8.23 22.65
CA THR D 124 -38.19 8.22 21.21
C THR D 124 -39.60 7.69 20.95
N LEU D 125 -40.17 8.02 19.78
CA LEU D 125 -41.55 7.66 19.46
C LEU D 125 -41.72 7.32 18.01
N THR D 126 -42.53 6.30 17.74
CA THR D 126 -42.89 5.91 16.40
C THR D 126 -44.27 5.35 16.43
N THR D 127 -44.99 5.47 15.32
CA THR D 127 -46.33 4.92 15.28
C THR D 127 -46.49 4.00 14.13
N TRP D 128 -47.34 3.01 14.32
CA TRP D 128 -47.77 2.13 13.24
C TRP D 128 -49.29 2.05 13.28
N VAL D 129 -49.90 2.28 12.13
CA VAL D 129 -51.34 2.48 12.06
C VAL D 129 -51.95 1.80 10.84
N SER D 130 -52.86 0.86 11.09
CA SER D 130 -53.64 0.25 10.01
C SER D 130 -55.12 0.39 10.34
N PRO D 131 -55.99 0.40 9.31
CA PRO D 131 -57.45 0.34 9.51
C PRO D 131 -57.87 -0.96 10.20
N SER D 132 -58.85 -0.89 11.10
CA SER D 132 -59.19 -2.05 11.94
C SER D 132 -60.40 -2.81 11.45
N GLU D 133 -60.53 -4.03 11.97
CA GLU D 133 -61.67 -4.89 11.66
C GLU D 133 -62.78 -4.58 12.67
N SER D 134 -62.42 -4.66 13.96
CA SER D 134 -63.39 -4.65 15.05
C SER D 134 -64.10 -3.31 15.35
N GLN D 135 -63.56 -2.20 14.82
CA GLN D 135 -64.20 -0.88 14.94
C GLN D 135 -64.13 -0.09 13.64
N GLN D 136 -64.93 0.98 13.59
CA GLN D 136 -64.91 1.88 12.44
CA GLN D 136 -64.89 1.87 12.45
C GLN D 136 -63.79 2.90 12.70
N GLY D 137 -62.57 2.47 12.40
CA GLY D 137 -61.41 3.30 12.68
C GLY D 137 -60.10 2.55 12.49
N PHE D 138 -59.27 2.57 13.54
CA PHE D 138 -57.86 2.27 13.36
C PHE D 138 -57.22 1.47 14.47
N ASP D 139 -56.37 0.53 14.07
CA ASP D 139 -55.50 -0.19 14.98
C ASP D 139 -54.19 0.57 15.03
N VAL D 140 -53.77 0.90 16.24
CA VAL D 140 -52.63 1.75 16.45
C VAL D 140 -51.61 1.07 17.38
N ILE D 141 -50.33 1.20 17.04
CA ILE D 141 -49.25 0.85 17.98
C ILE D 141 -48.29 2.00 18.10
N ILE D 142 -48.02 2.40 19.32
CA ILE D 142 -47.02 3.44 19.57
C ILE D 142 -45.80 2.75 20.17
N GLU D 143 -44.69 2.71 19.43
CA GLU D 143 -43.44 2.21 19.97
C GLU D 143 -42.72 3.35 20.68
N TYR D 144 -42.22 3.09 21.88
CA TYR D 144 -41.40 4.07 22.59
C TYR D 144 -40.10 3.44 23.01
N GLU D 145 -39.09 4.27 23.27
CA GLU D 145 -37.86 3.83 23.95
C GLU D 145 -37.28 4.92 24.87
N SER D 146 -37.07 4.60 26.15
CA SER D 146 -36.43 5.52 27.08
C SER D 146 -34.92 5.39 26.99
N VAL D 147 -34.23 6.49 27.27
CA VAL D 147 -32.78 6.48 27.42
C VAL D 147 -32.41 7.03 28.79
N LEU D 148 -33.43 7.21 29.64
CA LEU D 148 -33.22 7.71 30.97
C LEU D 148 -32.72 6.60 31.87
N GLU D 149 -31.98 6.99 32.90
CA GLU D 149 -31.42 6.03 33.84
C GLU D 149 -32.44 5.76 34.97
N THR D 150 -33.31 6.72 35.28
CA THR D 150 -34.46 6.46 36.18
C THR D 150 -35.62 5.90 35.38
N GLU D 151 -36.66 5.44 36.06
CA GLU D 151 -37.87 4.97 35.38
C GLU D 151 -38.92 6.09 35.41
N LEU D 152 -39.80 6.05 34.41
CA LEU D 152 -40.89 7.03 34.28
C LEU D 152 -42.17 6.37 34.74
N ALA D 153 -43.00 7.14 35.46
CA ALA D 153 -44.26 6.64 35.96
C ALA D 153 -45.39 7.48 35.43
N ASP D 154 -46.55 6.84 35.21
CA ASP D 154 -47.76 7.55 34.81
C ASP D 154 -47.58 8.44 33.56
N VAL D 155 -47.18 7.79 32.47
CA VAL D 155 -46.95 8.45 31.21
C VAL D 155 -48.27 8.48 30.45
N ILE D 156 -48.65 9.64 29.93
CA ILE D 156 -49.97 9.79 29.35
C ILE D 156 -49.93 10.15 27.85
N PHE D 157 -50.36 9.20 27.03
CA PHE D 157 -50.49 9.39 25.59
C PHE D 157 -51.87 9.91 25.25
N THR D 158 -51.94 10.97 24.46
CA THR D 158 -53.22 11.63 24.15
C THR D 158 -53.44 11.68 22.63
N ILE D 159 -54.55 11.11 22.20
CA ILE D 159 -54.95 11.15 20.79
C ILE D 159 -56.06 12.19 20.66
N PRO D 160 -55.99 13.05 19.63
CA PRO D 160 -56.97 14.13 19.56
C PRO D 160 -58.25 13.71 18.84
N VAL D 161 -58.96 12.72 19.41
CA VAL D 161 -60.28 12.32 18.91
C VAL D 161 -61.20 11.95 20.08
N PHE D 162 -62.50 12.12 19.85
CA PHE D 162 -63.55 11.73 20.80
C PHE D 162 -64.39 10.67 20.12
N PRO D 163 -64.14 9.39 20.45
CA PRO D 163 -64.92 8.35 19.77
C PRO D 163 -66.18 7.97 20.52
N GLN D 164 -67.10 7.30 19.82
CA GLN D 164 -68.39 6.95 20.40
C GLN D 164 -68.29 5.65 21.16
N GLU D 165 -67.98 4.57 20.45
CA GLU D 165 -67.58 3.30 21.07
C GLU D 165 -66.32 3.51 21.92
N PRO D 166 -66.19 2.82 23.07
CA PRO D 166 -64.98 3.07 23.83
C PRO D 166 -63.74 2.40 23.20
N VAL D 167 -62.56 2.80 23.67
CA VAL D 167 -61.29 2.28 23.18
C VAL D 167 -61.07 0.84 23.61
N ASP D 168 -60.55 0.01 22.71
CA ASP D 168 -60.15 -1.34 23.06
C ASP D 168 -58.62 -1.45 23.07
N ILE D 169 -58.05 -1.58 24.27
CA ILE D 169 -56.62 -1.77 24.42
C ILE D 169 -56.24 -3.22 24.14
N ASN D 170 -55.36 -3.43 23.18
CA ASN D 170 -54.84 -4.77 22.92
C ASN D 170 -53.76 -5.07 23.94
N THR D 171 -54.11 -5.90 24.94
CA THR D 171 -53.33 -6.11 26.15
C THR D 171 -52.20 -7.07 25.91
N GLU D 172 -52.35 -7.89 24.88
CA GLU D 172 -51.38 -8.93 24.58
C GLU D 172 -50.28 -8.28 23.73
N SER D 173 -50.65 -7.35 22.86
CA SER D 173 -49.72 -6.73 21.90
C SER D 173 -49.01 -5.50 22.53
N SER D 174 -49.43 -5.11 23.73
CA SER D 174 -48.82 -4.00 24.48
C SER D 174 -47.75 -4.57 25.38
N THR D 175 -47.07 -3.69 26.10
CA THR D 175 -45.93 -4.06 26.95
C THR D 175 -46.30 -3.89 28.42
N CYS D 176 -46.95 -2.79 28.75
CA CYS D 176 -47.48 -2.61 30.06
C CYS D 176 -48.98 -2.92 29.95
N SER D 177 -49.33 -4.15 30.31
CA SER D 177 -50.63 -4.76 29.97
C SER D 177 -51.82 -4.07 30.64
N ASP D 178 -51.61 -3.59 31.86
CA ASP D 178 -52.62 -2.84 32.62
C ASP D 178 -52.66 -1.32 32.33
N ALA D 179 -52.45 -0.93 31.07
CA ALA D 179 -52.66 0.44 30.61
C ALA D 179 -54.15 0.71 30.61
N GLU D 180 -54.57 1.91 30.99
CA GLU D 180 -55.99 2.23 31.09
C GLU D 180 -56.31 3.59 30.51
N VAL D 181 -57.47 3.72 29.88
CA VAL D 181 -57.95 5.04 29.45
C VAL D 181 -58.26 5.82 30.72
N VAL D 182 -57.92 7.11 30.75
CA VAL D 182 -58.25 7.95 31.90
C VAL D 182 -59.02 9.19 31.53
N ASN D 183 -59.34 9.36 30.26
CA ASN D 183 -60.04 10.56 29.85
C ASN D 183 -60.47 10.53 28.39
N MET D 184 -61.77 10.41 28.15
CA MET D 184 -62.37 10.83 26.89
C MET D 184 -63.03 12.13 27.22
N ASP D 185 -63.34 12.90 26.20
CA ASP D 185 -63.61 14.31 26.34
C ASP D 185 -63.46 14.92 24.97
N GLN D 186 -64.39 15.79 24.59
CA GLN D 186 -64.33 16.43 23.28
C GLN D 186 -63.25 17.51 23.18
N GLU D 187 -62.99 18.20 24.29
CA GLU D 187 -61.98 19.26 24.32
C GLU D 187 -60.59 18.68 24.11
N MET D 188 -60.16 17.84 25.05
CA MET D 188 -58.82 17.24 25.03
C MET D 188 -58.62 16.06 24.06
N GLY D 189 -59.66 15.23 23.92
CA GLY D 189 -59.57 14.01 23.15
C GLY D 189 -59.37 12.85 24.11
N THR D 190 -58.84 11.75 23.60
CA THR D 190 -58.69 10.53 24.37
C THR D 190 -57.29 10.37 24.93
N SER D 191 -57.20 10.10 26.24
CA SER D 191 -55.89 9.97 26.94
C SER D 191 -55.72 8.61 27.61
N ILE D 192 -54.64 7.92 27.27
CA ILE D 192 -54.32 6.60 27.81
C ILE D 192 -53.09 6.70 28.69
N LYS D 193 -53.16 6.07 29.86
CA LYS D 193 -52.10 6.14 30.86
C LYS D 193 -51.36 4.81 30.91
N ILE D 194 -50.06 4.88 31.18
CA ILE D 194 -49.21 3.71 31.34
C ILE D 194 -48.55 3.78 32.72
N SER D 195 -48.47 2.64 33.40
CA SER D 195 -47.91 2.59 34.75
C SER D 195 -46.47 3.08 34.78
N LYS D 196 -45.62 2.37 34.02
CA LYS D 196 -44.18 2.52 34.12
C LYS D 196 -43.55 2.38 32.74
N ILE D 197 -42.50 3.17 32.51
CA ILE D 197 -41.57 2.90 31.43
C ILE D 197 -40.19 2.70 32.06
N ALA D 198 -39.66 1.49 31.88
CA ALA D 198 -38.45 1.08 32.56
C ALA D 198 -37.25 1.84 31.98
N ALA D 199 -36.36 2.26 32.86
CA ALA D 199 -35.10 2.88 32.45
C ALA D 199 -34.46 2.13 31.28
N ASN D 200 -33.95 2.88 30.31
CA ASN D 200 -33.28 2.32 29.11
C ASN D 200 -33.97 1.16 28.39
N ASP D 201 -35.28 1.02 28.57
CA ASP D 201 -36.02 -0.08 27.94
C ASP D 201 -37.00 0.47 26.91
N ALA D 202 -37.15 -0.28 25.82
CA ALA D 202 -38.19 -0.08 24.82
C ALA D 202 -39.50 -0.75 25.23
N GLY D 203 -40.57 -0.34 24.56
CA GLY D 203 -41.91 -0.84 24.82
C GLY D 203 -42.85 -0.45 23.71
N ALA D 204 -44.11 -0.84 23.86
CA ALA D 204 -45.15 -0.50 22.88
C ALA D 204 -46.49 -0.40 23.58
N LEU D 205 -47.38 0.38 22.98
CA LEU D 205 -48.74 0.56 23.46
C LEU D 205 -49.66 0.39 22.28
N ALA D 206 -50.51 -0.63 22.33
CA ALA D 206 -51.31 -1.04 21.17
C ALA D 206 -52.77 -0.96 21.54
N PHE D 207 -53.58 -0.44 20.61
CA PHE D 207 -54.99 -0.26 20.86
C PHE D 207 -55.75 0.00 19.58
N THR D 208 -57.07 -0.08 19.70
CA THR D 208 -57.99 0.20 18.59
C THR D 208 -58.88 1.37 18.98
N ILE D 209 -59.12 2.26 18.02
CA ILE D 209 -59.86 3.47 18.29
C ILE D 209 -60.65 3.93 17.06
N GLU D 210 -61.81 4.51 17.33
CA GLU D 210 -62.70 5.04 16.30
C GLU D 210 -62.20 6.38 15.76
N ALA D 211 -62.15 6.54 14.44
CA ALA D 211 -61.84 7.83 13.85
C ALA D 211 -62.16 7.87 12.36
N PRO D 212 -62.40 9.08 11.83
CA PRO D 212 -62.79 9.26 10.43
C PRO D 212 -61.73 8.85 9.42
N TYR D 213 -60.51 9.32 9.62
CA TYR D 213 -59.40 9.05 8.70
C TYR D 213 -58.10 9.12 9.46
N GLU D 214 -57.02 8.66 8.83
CA GLU D 214 -55.74 8.52 9.52
C GLU D 214 -55.23 9.84 10.11
N ASP D 215 -55.17 10.90 9.32
CA ASP D 215 -54.68 12.21 9.80
C ASP D 215 -55.39 12.73 11.07
N ALA D 216 -56.60 12.24 11.34
CA ALA D 216 -57.38 12.67 12.50
C ALA D 216 -56.78 12.23 13.84
N LEU D 217 -55.88 11.25 13.79
CA LEU D 217 -55.20 10.71 14.97
C LEU D 217 -54.04 11.56 15.42
N TYR D 218 -53.60 12.48 14.57
CA TYR D 218 -52.42 13.24 14.85
C TYR D 218 -52.82 14.68 15.00
N PRO D 219 -52.04 15.46 15.74
CA PRO D 219 -50.87 15.06 16.49
C PRO D 219 -51.17 14.35 17.80
N MET D 220 -50.41 13.29 18.07
CA MET D 220 -50.47 12.57 19.36
C MET D 220 -49.50 13.19 20.33
N THR D 221 -49.93 13.41 21.56
CA THR D 221 -49.11 14.05 22.54
C THR D 221 -48.76 13.08 23.63
N VAL D 222 -47.51 13.09 24.02
CA VAL D 222 -47.09 12.34 25.18
C VAL D 222 -46.81 13.32 26.28
N SER D 223 -46.99 12.84 27.51
CA SER D 223 -46.78 13.65 28.68
C SER D 223 -46.16 12.82 29.78
N PHE D 224 -45.04 13.28 30.29
CA PHE D 224 -44.29 12.54 31.29
C PHE D 224 -43.54 13.50 32.18
N GLN D 225 -42.97 12.95 33.25
CA GLN D 225 -42.46 13.76 34.33
C GLN D 225 -41.56 12.89 35.15
N GLU D 226 -40.60 13.49 35.83
CA GLU D 226 -39.58 12.71 36.54
C GLU D 226 -38.85 13.60 37.51
N SER D 227 -38.54 13.05 38.67
CA SER D 227 -37.96 13.85 39.74
C SER D 227 -37.09 12.98 40.65
N THR D 228 -35.94 13.50 41.07
CA THR D 228 -35.19 12.86 42.14
C THR D 228 -34.62 13.90 43.11
N ARG D 229 -34.50 13.50 44.39
CA ARG D 229 -34.03 14.41 45.45
C ARG D 229 -32.58 14.11 45.88
N ASP D 230 -32.02 13.00 45.42
CA ASP D 230 -30.59 12.70 45.57
C ASP D 230 -29.71 13.95 45.46
N LYS D 231 -28.79 14.12 46.42
CA LYS D 231 -27.87 15.26 46.45
C LYS D 231 -26.75 15.19 45.39
N LEU D 232 -26.54 14.01 44.80
CA LEU D 232 -25.53 13.81 43.73
C LEU D 232 -26.19 13.76 42.34
N ALA D 233 -27.42 14.28 42.26
CA ALA D 233 -28.23 14.16 41.05
C ALA D 233 -27.71 15.05 39.93
N LYS D 234 -27.69 14.50 38.71
CA LYS D 234 -27.42 15.26 37.50
C LYS D 234 -28.72 15.46 36.74
N SER D 235 -28.83 16.57 36.02
CA SER D 235 -29.99 16.80 35.17
C SER D 235 -29.82 15.97 33.90
N PHE D 236 -30.84 16.00 33.06
CA PHE D 236 -30.79 15.27 31.79
C PHE D 236 -29.67 15.80 30.92
N THR D 237 -29.42 17.12 30.99
CA THR D 237 -28.35 17.74 30.20
C THR D 237 -27.01 17.79 30.94
N GLY D 238 -26.90 17.07 32.06
CA GLY D 238 -25.63 17.02 32.84
C GLY D 238 -25.42 18.16 33.84
N MET D 239 -26.48 18.91 34.10
CA MET D 239 -26.43 20.02 35.03
C MET D 239 -26.47 19.51 36.47
N ALA D 240 -25.66 20.10 37.36
CA ALA D 240 -25.57 19.65 38.76
C ALA D 240 -24.74 20.59 39.65
N ILE D 241 -24.89 20.40 40.95
CA ILE D 241 -24.20 21.22 41.95
C ILE D 241 -23.01 20.47 42.51
N GLN D 242 -21.88 21.15 42.67
CA GLN D 242 -20.72 20.55 43.36
C GLN D 242 -20.81 20.75 44.88
N SER D 243 -20.96 22.00 45.28
CA SER D 243 -21.10 22.35 46.69
C SER D 243 -21.79 23.69 46.86
N VAL D 244 -22.22 23.95 48.10
CA VAL D 244 -22.65 25.28 48.52
C VAL D 244 -21.70 25.70 49.62
N VAL D 245 -21.46 27.01 49.74
CA VAL D 245 -20.25 27.51 50.31
C VAL D 245 -20.47 28.92 50.87
N MET D 246 -19.82 29.23 51.99
CA MET D 246 -19.87 30.57 52.56
C MET D 246 -19.35 31.62 51.57
N ALA D 247 -20.05 32.74 51.46
CA ALA D 247 -19.64 33.81 50.55
C ALA D 247 -18.24 34.37 50.83
N ASN D 248 -17.76 34.26 52.06
CA ASN D 248 -16.41 34.74 52.41
C ASN D 248 -15.40 33.60 52.47
N ASP D 249 -15.66 32.61 53.31
CA ASP D 249 -14.77 31.47 53.45
C ASP D 249 -15.15 30.37 52.44
N HIS D 250 -14.54 30.40 51.26
CA HIS D 250 -14.85 29.41 50.23
C HIS D 250 -14.48 27.96 50.57
N ASP D 251 -13.71 27.75 51.63
CA ASP D 251 -13.40 26.39 52.11
C ASP D 251 -14.50 25.88 53.04
N GLN D 252 -15.32 26.82 53.53
CA GLN D 252 -16.41 26.53 54.46
C GLN D 252 -17.70 26.05 53.73
N GLU D 253 -17.89 24.73 53.65
CA GLU D 253 -19.08 24.17 53.01
C GLU D 253 -20.33 24.39 53.88
N LEU D 254 -21.50 24.38 53.24
CA LEU D 254 -22.80 24.48 53.92
C LEU D 254 -23.69 23.31 53.49
N PRO D 255 -24.75 23.02 54.28
CA PRO D 255 -25.61 21.88 53.95
C PRO D 255 -26.74 22.27 53.01
N TYR D 256 -27.14 21.33 52.15
CA TYR D 256 -28.18 21.60 51.17
C TYR D 256 -28.83 20.33 50.62
N ASP D 257 -30.01 20.51 50.07
CA ASP D 257 -30.68 19.49 49.27
C ASP D 257 -30.79 19.96 47.82
N VAL D 258 -31.07 19.03 46.91
CA VAL D 258 -31.25 19.39 45.52
C VAL D 258 -32.26 18.45 44.83
N ILE D 259 -33.24 19.06 44.17
CA ILE D 259 -34.22 18.33 43.37
C ILE D 259 -33.96 18.58 41.90
N THR D 260 -33.97 17.50 41.13
CA THR D 260 -33.70 17.51 39.71
C THR D 260 -34.93 17.01 38.99
N SER D 261 -35.61 17.90 38.27
CA SER D 261 -36.83 17.54 37.54
C SER D 261 -36.63 17.52 36.01
N LEU D 262 -37.50 16.80 35.32
CA LEU D 262 -37.62 16.84 33.87
C LEU D 262 -39.07 16.61 33.47
N LYS D 263 -39.75 17.65 32.98
CA LYS D 263 -41.12 17.49 32.54
C LYS D 263 -41.16 17.66 31.04
N SER D 264 -42.09 16.98 30.39
CA SER D 264 -42.34 17.18 28.98
C SER D 264 -43.33 18.33 28.84
N ASP D 265 -43.24 19.11 27.75
CA ASP D 265 -44.27 20.09 27.43
C ASP D 265 -44.95 19.73 26.10
N GLU D 266 -44.58 20.40 25.01
CA GLU D 266 -45.08 20.04 23.67
C GLU D 266 -44.19 18.94 23.08
N TYR D 267 -44.55 17.70 23.39
CA TYR D 267 -43.81 16.55 23.01
C TYR D 267 -44.77 15.72 22.20
N LEU D 268 -44.54 15.60 20.90
CA LEU D 268 -45.57 15.04 20.04
C LEU D 268 -45.13 14.39 18.75
N VAL D 269 -46.03 13.57 18.21
CA VAL D 269 -45.86 12.92 16.91
C VAL D 269 -46.87 13.53 15.97
N GLN D 270 -46.46 13.85 14.75
CA GLN D 270 -47.28 14.67 13.85
C GLN D 270 -47.35 14.15 12.44
N ASP E 8 -23.04 -20.26 -10.59
CA ASP E 8 -21.84 -20.83 -11.28
C ASP E 8 -20.91 -21.61 -10.34
N VAL E 9 -21.36 -21.95 -9.10
CA VAL E 9 -20.59 -22.75 -8.14
C VAL E 9 -20.46 -24.19 -8.62
N PRO E 10 -19.22 -24.69 -8.76
CA PRO E 10 -19.02 -26.00 -9.39
C PRO E 10 -19.55 -27.15 -8.56
N GLU E 11 -19.85 -28.26 -9.23
CA GLU E 11 -20.56 -29.37 -8.60
C GLU E 11 -19.57 -30.26 -7.84
N ASN E 12 -19.94 -30.68 -6.61
CA ASN E 12 -19.10 -31.54 -5.79
C ASN E 12 -19.66 -32.96 -5.65
N ASN E 13 -18.86 -33.96 -6.00
CA ASN E 13 -19.27 -35.37 -5.90
C ASN E 13 -18.73 -36.09 -4.67
N GLY E 14 -18.41 -35.34 -3.61
CA GLY E 14 -17.80 -35.90 -2.40
C GLY E 14 -16.70 -35.01 -1.87
N ILE E 15 -15.52 -35.15 -2.47
CA ILE E 15 -14.39 -34.26 -2.20
C ILE E 15 -14.07 -33.47 -3.45
N LEU E 16 -14.07 -32.14 -3.30
CA LEU E 16 -13.63 -31.24 -4.35
C LEU E 16 -12.54 -30.31 -3.83
N ILE E 17 -11.40 -30.37 -4.51
CA ILE E 17 -10.28 -29.51 -4.17
C ILE E 17 -10.13 -28.43 -5.23
N SER E 18 -10.19 -27.18 -4.78
CA SER E 18 -9.96 -26.06 -5.67
C SER E 18 -8.61 -25.40 -5.38
N ILE E 19 -7.81 -25.24 -6.42
CA ILE E 19 -6.51 -24.58 -6.36
C ILE E 19 -6.59 -23.28 -7.17
N LYS E 20 -6.56 -22.16 -6.48
CA LYS E 20 -6.89 -20.92 -7.09
C LYS E 20 -5.75 -19.93 -7.00
N GLU E 21 -5.21 -19.58 -8.16
CA GLU E 21 -4.09 -18.66 -8.28
C GLU E 21 -4.48 -17.36 -9.03
N VAL E 22 -4.00 -16.23 -8.52
CA VAL E 22 -4.24 -14.91 -9.11
C VAL E 22 -2.91 -14.20 -9.38
N ILE E 23 -2.78 -13.64 -10.57
CA ILE E 23 -1.51 -13.09 -11.02
C ILE E 23 -1.65 -11.59 -11.33
N ASN E 24 -0.74 -10.80 -10.73
CA ASN E 24 -0.55 -9.40 -11.05
C ASN E 24 0.78 -9.26 -11.76
N ALA E 25 0.87 -8.31 -12.68
CA ALA E 25 2.13 -8.08 -13.38
C ALA E 25 2.15 -6.72 -14.02
N GLU E 26 3.34 -6.14 -14.10
CA GLU E 26 3.51 -4.85 -14.74
C GLU E 26 4.66 -4.92 -15.75
N PHE E 27 4.39 -4.53 -17.00
CA PHE E 27 5.39 -4.51 -18.05
C PHE E 27 5.67 -3.08 -18.49
N SER E 28 6.86 -2.83 -19.03
CA SER E 28 7.13 -1.61 -19.77
C SER E 28 6.53 -1.75 -21.15
N ARG E 29 6.42 -0.63 -21.84
CA ARG E 29 5.89 -0.63 -23.20
C ARG E 29 6.70 -1.55 -24.11
N ASP E 30 8.01 -1.57 -23.89
CA ASP E 30 8.90 -2.35 -24.73
C ASP E 30 8.96 -3.81 -24.34
N GLY E 31 8.25 -4.19 -23.28
CA GLY E 31 8.13 -5.60 -22.93
C GLY E 31 8.91 -6.08 -21.73
N THR E 32 9.66 -5.20 -21.08
CA THR E 32 10.46 -5.60 -19.92
C THR E 32 9.56 -5.77 -18.70
N ILE E 33 9.84 -6.80 -17.91
CA ILE E 33 9.02 -7.10 -16.74
C ILE E 33 9.51 -6.20 -15.61
N HIS E 34 8.67 -5.31 -15.11
CA HIS E 34 9.02 -4.46 -13.99
C HIS E 34 8.78 -5.17 -12.67
N SER E 35 7.69 -5.95 -12.60
CA SER E 35 7.30 -6.65 -11.36
C SER E 35 6.19 -7.68 -11.59
N SER E 36 6.12 -8.67 -10.71
CA SER E 36 4.98 -9.58 -10.70
C SER E 36 4.72 -10.12 -9.31
N GLU E 37 3.48 -10.48 -9.04
CA GLU E 37 3.09 -11.02 -7.73
C GLU E 37 1.99 -12.03 -7.96
N LEU E 38 2.20 -13.25 -7.48
CA LEU E 38 1.19 -14.29 -7.56
C LEU E 38 0.67 -14.70 -6.19
N LYS E 39 -0.65 -14.69 -6.00
CA LYS E 39 -1.30 -15.17 -4.77
C LYS E 39 -2.07 -16.42 -5.08
N GLY E 40 -2.05 -17.37 -4.16
CA GLY E 40 -2.70 -18.66 -4.37
C GLY E 40 -3.26 -19.24 -3.09
N VAL E 41 -4.21 -20.15 -3.27
CA VAL E 41 -4.90 -20.76 -2.15
C VAL E 41 -5.42 -22.14 -2.54
N LEU E 42 -5.40 -23.06 -1.58
CA LEU E 42 -5.92 -24.43 -1.77
C LEU E 42 -7.15 -24.57 -0.91
N GLU E 43 -8.30 -24.69 -1.57
CA GLU E 43 -9.58 -24.79 -0.88
C GLU E 43 -10.07 -26.21 -0.92
N LEU E 44 -10.70 -26.61 0.17
CA LEU E 44 -11.19 -27.95 0.31
C LEU E 44 -12.70 -27.94 0.60
N ARG E 45 -13.46 -28.60 -0.27
CA ARG E 45 -14.91 -28.77 -0.09
C ARG E 45 -15.26 -30.24 0.06
N ILE E 46 -15.92 -30.61 1.15
CA ILE E 46 -16.37 -31.98 1.35
C ILE E 46 -17.83 -31.99 1.76
N ASN E 47 -18.62 -32.88 1.14
CA ASN E 47 -20.07 -32.98 1.45
C ASN E 47 -20.57 -34.32 2.03
N ASP E 48 -19.65 -35.24 2.32
CA ASP E 48 -20.02 -36.59 2.75
C ASP E 48 -19.18 -37.00 3.96
N HIS E 49 -19.84 -37.25 5.10
CA HIS E 49 -19.14 -37.60 6.36
C HIS E 49 -18.21 -38.80 6.24
N ASP E 50 -18.50 -39.70 5.30
CA ASP E 50 -17.60 -40.82 4.99
C ASP E 50 -16.17 -40.33 4.66
N LEU E 51 -16.05 -39.16 4.04
CA LEU E 51 -14.77 -38.63 3.59
C LEU E 51 -14.22 -37.47 4.46
N SER E 52 -14.99 -37.01 5.44
CA SER E 52 -14.54 -35.97 6.39
C SER E 52 -13.19 -36.26 7.00
N HIS E 53 -12.93 -37.54 7.27
CA HIS E 53 -11.76 -37.92 8.04
C HIS E 53 -10.63 -38.35 7.12
N SER E 54 -10.06 -37.34 6.44
CA SER E 54 -9.09 -37.54 5.36
C SER E 54 -7.90 -36.57 5.42
N ASN E 55 -6.88 -36.87 4.62
CA ASN E 55 -5.62 -36.10 4.53
C ASN E 55 -5.26 -35.89 3.08
N LEU E 56 -4.64 -34.76 2.74
CA LEU E 56 -4.22 -34.48 1.36
C LEU E 56 -2.72 -34.58 1.18
N LYS E 57 -2.31 -35.26 0.12
CA LYS E 57 -0.91 -35.39 -0.20
C LYS E 57 -0.67 -34.52 -1.40
N LEU E 58 0.22 -33.55 -1.23
CA LEU E 58 0.61 -32.66 -2.32
C LEU E 58 1.59 -33.39 -3.22
N ALA E 59 1.60 -33.07 -4.50
CA ALA E 59 2.56 -33.63 -5.44
C ALA E 59 3.94 -33.55 -4.87
N ASP E 60 4.71 -34.63 -4.95
CA ASP E 60 6.08 -34.58 -4.43
C ASP E 60 6.97 -33.77 -5.36
N SER E 61 6.43 -33.38 -6.51
CA SER E 61 7.10 -32.42 -7.38
C SER E 61 7.28 -31.04 -6.72
N ILE E 62 6.54 -30.75 -5.64
CA ILE E 62 6.51 -29.42 -5.03
C ILE E 62 7.47 -29.26 -3.86
N ASP E 63 8.21 -28.14 -3.84
CA ASP E 63 9.09 -27.83 -2.72
C ASP E 63 8.31 -27.03 -1.67
N VAL E 64 7.85 -27.71 -0.62
CA VAL E 64 7.03 -27.04 0.42
C VAL E 64 7.89 -26.22 1.36
N ARG E 65 9.20 -26.18 1.10
CA ARG E 65 10.12 -25.42 1.91
C ARG E 65 10.72 -24.25 1.20
N ASP E 66 10.28 -24.01 -0.03
CA ASP E 66 10.72 -22.85 -0.76
C ASP E 66 10.25 -21.56 -0.06
N LYS E 67 11.19 -20.82 0.50
CA LYS E 67 10.87 -19.58 1.24
C LYS E 67 10.16 -18.54 0.39
N SER E 68 10.38 -18.59 -0.93
CA SER E 68 9.86 -17.55 -1.83
C SER E 68 8.36 -17.67 -2.02
N PHE E 69 7.82 -18.88 -1.78
CA PHE E 69 6.38 -19.13 -1.83
C PHE E 69 5.63 -18.66 -0.57
N GLN E 70 6.34 -18.38 0.51
CA GLN E 70 5.70 -17.89 1.74
C GLN E 70 4.47 -18.73 2.08
N PHE E 71 4.60 -20.06 2.05
CA PHE E 71 3.47 -20.95 2.35
C PHE E 71 2.95 -20.77 3.75
N LYS E 72 1.65 -20.57 3.89
CA LYS E 72 1.01 -20.48 5.19
C LYS E 72 -0.17 -21.42 5.23
N THR E 73 -0.21 -22.21 6.29
CA THR E 73 -1.26 -23.18 6.53
C THR E 73 -2.28 -22.60 7.49
N HIS E 74 -3.52 -23.01 7.29
CA HIS E 74 -4.60 -22.67 8.19
C HIS E 74 -4.17 -23.05 9.60
N PRO E 75 -4.49 -22.21 10.58
CA PRO E 75 -4.04 -22.43 11.97
C PRO E 75 -4.36 -23.78 12.61
N ASN E 76 -5.26 -24.56 12.04
CA ASN E 76 -5.61 -25.88 12.58
C ASN E 76 -4.95 -27.00 11.88
N ILE E 77 -4.26 -26.70 10.79
CA ILE E 77 -3.49 -27.68 10.06
C ILE E 77 -2.16 -27.94 10.79
N ASP E 78 -1.65 -29.16 10.66
CA ASP E 78 -0.36 -29.55 11.23
C ASP E 78 0.79 -29.00 10.37
N LYS E 79 1.44 -27.91 10.84
CA LYS E 79 2.58 -27.29 10.14
C LYS E 79 3.67 -28.35 9.92
N GLN E 80 3.90 -29.15 10.97
CA GLN E 80 4.92 -30.19 10.95
C GLN E 80 4.75 -31.20 9.82
N SER E 81 3.62 -31.91 9.81
CA SER E 81 3.36 -32.91 8.76
C SER E 81 3.42 -32.27 7.38
N PHE E 82 3.00 -31.02 7.28
CA PHE E 82 3.05 -30.31 6.00
C PHE E 82 4.49 -30.18 5.53
N LEU E 83 5.34 -29.65 6.42
CA LEU E 83 6.71 -29.34 6.10
C LEU E 83 7.56 -30.58 5.82
N SER E 84 7.41 -31.61 6.65
CA SER E 84 8.20 -32.83 6.45
C SER E 84 7.61 -33.74 5.36
N THR E 85 6.31 -34.00 5.38
CA THR E 85 5.70 -35.01 4.49
C THR E 85 4.86 -34.45 3.31
N LYS E 86 4.71 -33.13 3.19
CA LYS E 86 3.85 -32.51 2.15
C LYS E 86 2.41 -32.95 2.31
N LEU E 87 2.00 -32.98 3.56
CA LEU E 87 0.77 -33.62 3.98
C LEU E 87 -0.12 -32.57 4.65
N ILE E 88 -1.35 -32.43 4.15
CA ILE E 88 -2.32 -31.51 4.76
C ILE E 88 -3.24 -32.29 5.67
N SER E 89 -3.16 -32.03 6.98
CA SER E 89 -3.97 -32.73 7.95
C SER E 89 -4.18 -31.89 9.19
N LEU E 90 -5.15 -32.26 10.01
CA LEU E 90 -5.45 -31.49 11.21
C LEU E 90 -4.50 -31.79 12.32
N ARG E 91 -4.19 -30.78 13.13
CA ARG E 91 -3.27 -30.98 14.24
C ARG E 91 -3.88 -32.01 15.17
N ASP E 92 -5.13 -31.77 15.53
CA ASP E 92 -5.91 -32.70 16.35
C ASP E 92 -6.38 -33.87 15.49
N LYS E 93 -5.74 -35.02 15.66
CA LYS E 93 -6.00 -36.19 14.81
C LYS E 93 -7.37 -36.83 15.11
N SER E 94 -7.96 -36.51 16.26
CA SER E 94 -9.30 -36.96 16.62
C SER E 94 -10.43 -36.27 15.83
N LYS E 95 -10.18 -35.07 15.30
CA LYS E 95 -11.21 -34.30 14.57
C LYS E 95 -11.14 -34.51 13.06
N ALA E 96 -12.24 -34.18 12.40
CA ALA E 96 -12.39 -34.36 10.95
C ALA E 96 -12.74 -33.03 10.31
N PHE E 97 -12.62 -32.96 8.99
CA PHE E 97 -12.91 -31.72 8.26
C PHE E 97 -14.42 -31.52 8.23
N PRO E 98 -14.88 -30.26 8.11
CA PRO E 98 -16.29 -29.99 7.87
C PRO E 98 -16.83 -30.72 6.65
N ALA E 99 -18.02 -31.31 6.79
CA ALA E 99 -18.65 -32.05 5.69
C ALA E 99 -19.90 -31.33 5.18
N ASN E 100 -19.96 -30.02 5.38
CA ASN E 100 -21.11 -29.25 4.93
C ASN E 100 -20.91 -28.56 3.56
N ASP E 101 -20.07 -29.17 2.72
CA ASP E 101 -19.80 -28.68 1.35
C ASP E 101 -19.36 -27.20 1.27
N GLN E 102 -18.79 -26.71 2.36
CA GLN E 102 -18.32 -25.35 2.38
C GLN E 102 -16.83 -25.25 2.14
N SER E 103 -16.41 -24.18 1.45
CA SER E 103 -15.00 -24.00 1.14
C SER E 103 -14.18 -23.65 2.37
N LEU E 104 -13.16 -24.48 2.60
CA LEU E 104 -12.17 -24.25 3.64
C LEU E 104 -10.80 -24.00 3.00
N GLY E 105 -10.21 -22.84 3.31
CA GLY E 105 -8.90 -22.52 2.79
C GLY E 105 -7.87 -23.04 3.75
N VAL E 106 -7.18 -24.09 3.32
CA VAL E 106 -6.25 -24.79 4.18
C VAL E 106 -4.82 -24.30 4.00
N LEU E 107 -4.53 -23.75 2.83
CA LEU E 107 -3.16 -23.37 2.49
C LEU E 107 -3.15 -22.19 1.57
N ARG E 108 -2.34 -21.19 1.94
CA ARG E 108 -2.15 -20.02 1.12
C ARG E 108 -0.71 -19.90 0.69
N TRP E 109 -0.48 -19.17 -0.39
CA TRP E 109 0.88 -18.83 -0.80
C TRP E 109 0.97 -17.56 -1.59
N ARG E 110 2.14 -16.95 -1.53
CA ARG E 110 2.38 -15.69 -2.21
C ARG E 110 3.82 -15.62 -2.66
N LYS E 111 4.02 -15.21 -3.90
CA LYS E 111 5.35 -15.15 -4.49
C LYS E 111 5.47 -13.80 -5.12
N VAL E 112 6.57 -13.12 -4.84
CA VAL E 112 6.82 -11.83 -5.47
C VAL E 112 8.12 -11.91 -6.25
N ALA E 113 8.07 -11.53 -7.53
CA ALA E 113 9.25 -11.57 -8.35
C ALA E 113 9.72 -10.16 -8.61
N PRO E 114 11.04 -9.97 -8.64
CA PRO E 114 11.62 -8.67 -8.91
C PRO E 114 11.67 -8.42 -10.40
N ALA E 115 12.02 -7.18 -10.77
CA ALA E 115 12.17 -6.83 -12.17
C ALA E 115 12.96 -7.89 -12.92
N GLU E 116 12.51 -8.16 -14.15
CA GLU E 116 13.18 -9.03 -15.11
C GLU E 116 13.11 -10.52 -14.81
N ASP E 117 12.48 -10.89 -13.69
CA ASP E 117 12.17 -12.28 -13.41
C ASP E 117 10.84 -12.66 -14.06
N ASP E 118 10.89 -13.61 -14.99
CA ASP E 118 9.72 -13.94 -15.84
C ASP E 118 9.07 -15.27 -15.46
N SER E 119 9.35 -15.74 -14.25
CA SER E 119 8.91 -17.07 -13.83
C SER E 119 7.43 -17.15 -13.48
N LEU E 120 6.82 -16.01 -13.13
CA LEU E 120 5.39 -15.97 -12.81
C LEU E 120 4.50 -15.46 -13.93
N ILE E 121 5.09 -15.28 -15.10
CA ILE E 121 4.39 -14.63 -16.20
C ILE E 121 3.79 -15.67 -17.13
N PRO E 122 2.46 -15.79 -17.14
CA PRO E 122 1.84 -16.73 -18.08
C PRO E 122 1.66 -16.13 -19.46
N LEU E 123 1.70 -14.80 -19.56
CA LEU E 123 1.42 -14.11 -20.82
C LEU E 123 2.28 -12.87 -20.95
N THR E 124 3.26 -12.90 -21.86
CA THR E 124 4.12 -11.74 -22.05
C THR E 124 3.42 -10.69 -22.90
N LEU E 125 3.84 -9.45 -22.78
CA LEU E 125 3.19 -8.35 -23.48
C LEU E 125 4.19 -7.32 -23.93
N THR E 126 3.98 -6.81 -25.14
CA THR E 126 4.79 -5.75 -25.71
C THR E 126 3.90 -4.94 -26.57
N THR E 127 4.20 -3.65 -26.68
CA THR E 127 3.42 -2.83 -27.58
C THR E 127 4.30 -2.17 -28.61
N TRP E 128 3.73 -1.96 -29.79
CA TRP E 128 4.36 -1.17 -30.82
C TRP E 128 3.34 -0.12 -31.27
N VAL E 129 3.76 1.14 -31.28
CA VAL E 129 2.84 2.24 -31.45
C VAL E 129 3.45 3.30 -32.37
N SER E 130 2.78 3.55 -33.50
CA SER E 130 3.13 4.68 -34.37
C SER E 130 1.90 5.54 -34.63
N PRO E 131 2.12 6.85 -34.94
CA PRO E 131 1.00 7.74 -35.31
C PRO E 131 0.36 7.27 -36.59
N SER E 132 -0.96 7.40 -36.72
CA SER E 132 -1.69 6.79 -37.85
C SER E 132 -2.03 7.77 -38.96
N GLU E 133 -2.38 7.21 -40.11
CA GLU E 133 -2.80 7.99 -41.27
C GLU E 133 -4.31 8.20 -41.16
N SER E 134 -5.03 7.09 -41.02
CA SER E 134 -6.49 7.05 -41.17
C SER E 134 -7.31 7.72 -40.04
N GLN E 135 -6.69 7.97 -38.89
CA GLN E 135 -7.35 8.66 -37.76
C GLN E 135 -6.45 9.67 -37.07
N GLN E 136 -7.04 10.51 -36.24
CA GLN E 136 -6.30 11.47 -35.45
C GLN E 136 -5.87 10.77 -34.17
N GLY E 137 -4.80 9.99 -34.29
CA GLY E 137 -4.34 9.17 -33.19
C GLY E 137 -3.26 8.18 -33.58
N PHE E 138 -3.49 6.90 -33.28
CA PHE E 138 -2.40 5.95 -33.22
C PHE E 138 -2.72 4.56 -33.74
N ASP E 139 -1.75 3.99 -34.47
CA ASP E 139 -1.77 2.59 -34.89
C ASP E 139 -1.01 1.80 -33.82
N VAL E 140 -1.68 0.80 -33.30
CA VAL E 140 -1.19 0.06 -32.14
C VAL E 140 -1.15 -1.42 -32.44
N ILE E 141 -0.07 -2.07 -32.02
CA ILE E 141 0.01 -3.52 -32.05
C ILE E 141 0.43 -4.01 -30.68
N ILE E 142 -0.36 -4.93 -30.14
CA ILE E 142 0.00 -5.56 -28.89
C ILE E 142 0.44 -6.97 -29.19
N GLU E 143 1.72 -7.27 -29.00
CA GLU E 143 2.22 -8.64 -29.15
C GLU E 143 2.05 -9.35 -27.83
N TYR E 144 1.53 -10.56 -27.89
CA TYR E 144 1.44 -11.37 -26.71
C TYR E 144 2.03 -12.72 -26.99
N GLU E 145 2.44 -13.41 -25.92
CA GLU E 145 2.83 -14.82 -26.03
C GLU E 145 2.44 -15.58 -24.78
N SER E 146 1.69 -16.68 -24.96
CA SER E 146 1.33 -17.55 -23.87
C SER E 146 2.44 -18.56 -23.64
N VAL E 147 2.56 -19.00 -22.40
CA VAL E 147 3.41 -20.14 -22.05
C VAL E 147 2.58 -21.19 -21.34
N LEU E 148 1.26 -21.00 -21.35
CA LEU E 148 0.34 -21.95 -20.75
C LEU E 148 0.14 -23.14 -21.66
N GLU E 149 -0.17 -24.28 -21.04
CA GLU E 149 -0.36 -25.52 -21.78
C GLU E 149 -1.83 -25.63 -22.21
N THR E 150 -2.75 -25.00 -21.49
CA THR E 150 -4.14 -24.85 -21.94
C THR E 150 -4.29 -23.57 -22.77
N GLU E 151 -5.45 -23.42 -23.41
CA GLU E 151 -5.70 -22.23 -24.20
C GLU E 151 -6.54 -21.27 -23.36
N LEU E 152 -6.40 -19.97 -23.66
CA LEU E 152 -7.16 -18.92 -22.99
C LEU E 152 -8.28 -18.48 -23.90
N ALA E 153 -9.44 -18.22 -23.32
CA ALA E 153 -10.60 -17.77 -24.07
C ALA E 153 -11.05 -16.42 -23.56
N ASP E 154 -11.58 -15.60 -24.46
CA ASP E 154 -12.19 -14.31 -24.10
C ASP E 154 -11.26 -13.43 -23.26
N VAL E 155 -10.12 -13.13 -23.86
CA VAL E 155 -9.11 -12.28 -23.26
C VAL E 155 -9.43 -10.82 -23.60
N ILE E 156 -9.42 -9.94 -22.60
CA ILE E 156 -9.88 -8.58 -22.83
C ILE E 156 -8.81 -7.53 -22.58
N PHE E 157 -8.39 -6.87 -23.65
CA PHE E 157 -7.43 -5.76 -23.58
C PHE E 157 -8.18 -4.45 -23.45
N THR E 158 -7.76 -3.62 -22.51
CA THR E 158 -8.44 -2.37 -22.24
C THR E 158 -7.48 -1.19 -22.35
N ILE E 159 -7.83 -0.22 -23.21
CA ILE E 159 -7.06 1.01 -23.38
C ILE E 159 -7.81 2.14 -22.65
N PRO E 160 -7.10 2.98 -21.87
CA PRO E 160 -7.82 4.00 -21.10
C PRO E 160 -8.06 5.29 -21.89
N VAL E 161 -8.84 5.17 -22.98
CA VAL E 161 -9.31 6.33 -23.73
C VAL E 161 -10.73 6.11 -24.23
N PHE E 162 -11.44 7.22 -24.41
CA PHE E 162 -12.79 7.23 -24.99
C PHE E 162 -12.70 8.04 -26.27
N PRO E 163 -12.62 7.36 -27.42
CA PRO E 163 -12.51 8.12 -28.66
C PRO E 163 -13.88 8.44 -29.27
N GLN E 164 -13.89 9.40 -30.19
CA GLN E 164 -15.12 9.85 -30.83
C GLN E 164 -15.47 8.93 -32.01
N GLU E 165 -14.61 8.93 -33.02
CA GLU E 165 -14.66 7.95 -34.11
C GLU E 165 -14.47 6.54 -33.55
N PRO E 166 -15.15 5.52 -34.13
CA PRO E 166 -14.96 4.20 -33.51
C PRO E 166 -13.59 3.58 -33.87
N VAL E 167 -13.21 2.53 -33.14
CA VAL E 167 -11.94 1.85 -33.36
C VAL E 167 -11.96 1.05 -34.65
N ASP E 168 -10.84 1.09 -35.38
CA ASP E 168 -10.69 0.28 -36.58
C ASP E 168 -9.67 -0.83 -36.30
N ILE E 169 -10.18 -2.05 -36.20
CA ILE E 169 -9.32 -3.21 -36.01
C ILE E 169 -8.70 -3.58 -37.34
N ASN E 170 -7.37 -3.60 -37.42
CA ASN E 170 -6.70 -4.14 -38.59
C ASN E 170 -6.72 -5.67 -38.52
N THR E 171 -7.61 -6.28 -39.31
CA THR E 171 -7.93 -7.71 -39.20
C THR E 171 -6.87 -8.57 -39.92
N GLU E 172 -6.11 -7.94 -40.82
CA GLU E 172 -5.10 -8.66 -41.60
C GLU E 172 -3.83 -8.71 -40.78
N SER E 173 -3.55 -7.65 -40.02
CA SER E 173 -2.31 -7.52 -39.26
C SER E 173 -2.45 -8.15 -37.84
N SER E 174 -3.67 -8.57 -37.48
CA SER E 174 -3.94 -9.27 -36.21
C SER E 174 -3.80 -10.75 -36.43
N THR E 175 -4.00 -11.53 -35.37
CA THR E 175 -3.84 -12.98 -35.40
C THR E 175 -5.18 -13.67 -35.21
N CYS E 176 -5.99 -13.17 -34.29
CA CYS E 176 -7.36 -13.61 -34.15
C CYS E 176 -8.24 -12.57 -34.84
N SER E 177 -8.59 -12.85 -36.09
CA SER E 177 -9.12 -11.84 -37.02
C SER E 177 -10.48 -11.29 -36.60
N ASP E 178 -11.30 -12.15 -35.99
CA ASP E 178 -12.62 -11.77 -35.46
C ASP E 178 -12.61 -11.21 -34.02
N ALA E 179 -11.57 -10.44 -33.69
CA ALA E 179 -11.54 -9.65 -32.45
C ALA E 179 -12.58 -8.56 -32.57
N GLU E 180 -13.27 -8.24 -31.47
CA GLU E 180 -14.31 -7.20 -31.50
C GLU E 180 -14.25 -6.28 -30.30
N VAL E 181 -14.56 -5.00 -30.51
CA VAL E 181 -14.70 -4.07 -29.38
C VAL E 181 -15.94 -4.52 -28.63
N VAL E 182 -15.89 -4.48 -27.30
CA VAL E 182 -17.07 -4.84 -26.48
C VAL E 182 -17.45 -3.75 -25.49
N ASN E 183 -16.74 -2.64 -25.49
CA ASN E 183 -17.02 -1.58 -24.54
C ASN E 183 -16.23 -0.31 -24.81
N MET E 184 -16.91 0.73 -25.28
CA MET E 184 -16.42 2.11 -25.12
C MET E 184 -17.25 2.66 -24.00
N ASP E 185 -16.78 3.75 -23.41
CA ASP E 185 -17.24 4.18 -22.10
C ASP E 185 -16.18 5.13 -21.59
N GLN E 186 -16.61 6.24 -21.01
CA GLN E 186 -15.68 7.24 -20.47
C GLN E 186 -14.99 6.80 -19.17
N GLU E 187 -15.72 6.06 -18.35
CA GLU E 187 -15.20 5.58 -17.07
C GLU E 187 -14.06 4.59 -17.30
N MET E 188 -14.39 3.46 -17.91
CA MET E 188 -13.44 2.38 -18.16
C MET E 188 -12.45 2.64 -19.32
N GLY E 189 -12.93 3.27 -20.39
CA GLY E 189 -12.17 3.40 -21.62
C GLY E 189 -12.62 2.33 -22.61
N THR E 190 -11.76 2.05 -23.57
CA THR E 190 -12.08 1.13 -24.67
C THR E 190 -11.55 -0.29 -24.43
N SER E 191 -12.44 -1.29 -24.56
CA SER E 191 -12.07 -2.71 -24.31
C SER E 191 -12.31 -3.60 -25.52
N ILE E 192 -11.25 -4.31 -25.93
CA ILE E 192 -11.29 -5.19 -27.09
C ILE E 192 -11.15 -6.63 -26.63
N LYS E 193 -11.99 -7.50 -27.16
CA LYS E 193 -12.01 -8.91 -26.79
C LYS E 193 -11.40 -9.76 -27.89
N ILE E 194 -10.75 -10.84 -27.47
CA ILE E 194 -10.16 -11.84 -28.39
C ILE E 194 -10.75 -13.21 -28.07
N SER E 195 -11.08 -13.98 -29.11
CA SER E 195 -11.71 -15.29 -28.92
C SER E 195 -10.81 -16.21 -28.11
N LYS E 196 -9.61 -16.43 -28.63
CA LYS E 196 -8.72 -17.47 -28.15
C LYS E 196 -7.27 -17.04 -28.22
N ILE E 197 -6.48 -17.45 -27.23
CA ILE E 197 -5.03 -17.44 -27.35
C ILE E 197 -4.54 -18.86 -27.18
N ALA E 198 -3.90 -19.37 -28.22
CA ALA E 198 -3.54 -20.77 -28.27
C ALA E 198 -2.43 -21.05 -27.30
N ALA E 199 -2.53 -22.20 -26.63
CA ALA E 199 -1.45 -22.68 -25.77
C ALA E 199 -0.07 -22.51 -26.42
N ASN E 200 0.90 -22.06 -25.63
CA ASN E 200 2.28 -21.84 -26.09
C ASN E 200 2.48 -21.13 -27.42
N ASP E 201 1.51 -20.35 -27.85
CA ASP E 201 1.61 -19.65 -29.13
C ASP E 201 1.66 -18.14 -28.90
N ALA E 202 2.47 -17.48 -29.73
CA ALA E 202 2.46 -16.03 -29.85
C ALA E 202 1.36 -15.55 -30.78
N GLY E 203 1.07 -14.26 -30.67
CA GLY E 203 0.02 -13.65 -31.46
C GLY E 203 0.16 -12.15 -31.36
N ALA E 204 -0.75 -11.45 -32.03
CA ALA E 204 -0.76 -9.99 -32.01
C ALA E 204 -2.17 -9.49 -32.18
N LEU E 205 -2.40 -8.29 -31.70
CA LEU E 205 -3.67 -7.63 -31.86
C LEU E 205 -3.35 -6.25 -32.34
N ALA E 206 -3.83 -5.92 -33.53
CA ALA E 206 -3.49 -4.65 -34.19
C ALA E 206 -4.74 -3.84 -34.44
N PHE E 207 -4.64 -2.53 -34.23
CA PHE E 207 -5.78 -1.66 -34.42
C PHE E 207 -5.36 -0.21 -34.47
N THR E 208 -6.31 0.62 -34.85
CA THR E 208 -6.12 2.07 -34.87
C THR E 208 -7.14 2.71 -33.93
N ILE E 209 -6.69 3.73 -33.21
CA ILE E 209 -7.52 4.38 -32.20
C ILE E 209 -7.18 5.86 -32.06
N GLU E 210 -8.22 6.65 -31.77
CA GLU E 210 -8.10 8.09 -31.57
C GLU E 210 -7.54 8.42 -30.19
N ALA E 211 -6.56 9.31 -30.14
CA ALA E 211 -6.05 9.79 -28.85
C ALA E 211 -5.17 11.03 -29.02
N PRO E 212 -5.09 11.85 -27.97
CA PRO E 212 -4.28 13.07 -27.97
C PRO E 212 -2.78 12.89 -28.17
N TYR E 213 -2.18 12.01 -27.38
CA TYR E 213 -0.74 11.77 -27.44
C TYR E 213 -0.47 10.33 -26.99
N GLU E 214 0.75 9.87 -27.20
CA GLU E 214 1.09 8.49 -26.93
C GLU E 214 0.82 8.06 -25.47
N ASP E 215 1.33 8.81 -24.49
CA ASP E 215 1.15 8.44 -23.06
C ASP E 215 -0.32 8.22 -22.65
N ALA E 216 -1.26 8.76 -23.41
CA ALA E 216 -2.68 8.64 -23.13
C ALA E 216 -3.21 7.22 -23.29
N LEU E 217 -2.47 6.37 -24.01
CA LEU E 217 -2.85 4.98 -24.27
C LEU E 217 -2.50 4.06 -23.15
N TYR E 218 -1.71 4.54 -22.21
CA TYR E 218 -1.23 3.70 -21.13
C TYR E 218 -1.79 4.22 -19.82
N PRO E 219 -1.93 3.35 -18.82
CA PRO E 219 -1.67 1.93 -18.86
C PRO E 219 -2.77 1.09 -19.54
N MET E 220 -2.35 0.13 -20.36
CA MET E 220 -3.24 -0.86 -20.96
C MET E 220 -3.38 -2.02 -20.04
N THR E 221 -4.60 -2.49 -19.84
CA THR E 221 -4.85 -3.61 -18.97
C THR E 221 -5.29 -4.81 -19.75
N VAL E 222 -4.75 -5.97 -19.40
CA VAL E 222 -5.23 -7.23 -19.94
C VAL E 222 -6.00 -7.96 -18.85
N SER E 223 -6.96 -8.75 -19.27
CA SER E 223 -7.78 -9.51 -18.36
C SER E 223 -8.08 -10.87 -18.94
N PHE E 224 -7.77 -11.92 -18.19
CA PHE E 224 -7.91 -13.29 -18.67
C PHE E 224 -8.13 -14.22 -17.50
N GLN E 225 -8.46 -15.46 -17.82
CA GLN E 225 -9.00 -16.38 -16.85
C GLN E 225 -8.89 -17.78 -17.43
N GLU E 226 -8.81 -18.78 -16.59
CA GLU E 226 -8.57 -20.13 -17.09
C GLU E 226 -8.89 -21.13 -16.01
N SER E 227 -9.47 -22.24 -16.41
CA SER E 227 -9.93 -23.24 -15.46
C SER E 227 -9.91 -24.62 -16.09
N THR E 228 -9.45 -25.62 -15.35
CA THR E 228 -9.65 -27.02 -15.77
C THR E 228 -10.01 -27.92 -14.62
N ARG E 229 -10.75 -28.99 -14.93
CA ARG E 229 -11.24 -29.91 -13.92
C ARG E 229 -10.50 -31.25 -13.92
N ASP E 230 -9.67 -31.48 -14.93
CA ASP E 230 -8.72 -32.60 -14.95
C ASP E 230 -8.12 -32.92 -13.55
N LYS E 231 -8.15 -34.20 -13.18
CA LYS E 231 -7.64 -34.67 -11.88
C LYS E 231 -6.09 -34.70 -11.79
N LEU E 232 -5.43 -34.62 -12.94
CA LEU E 232 -3.96 -34.58 -13.03
C LEU E 232 -3.45 -33.15 -13.26
N ALA E 233 -4.32 -32.16 -12.99
CA ALA E 233 -4.03 -30.77 -13.31
C ALA E 233 -2.96 -30.19 -12.38
N LYS E 234 -2.04 -29.44 -12.98
CA LYS E 234 -1.06 -28.66 -12.24
C LYS E 234 -1.45 -27.19 -12.32
N SER E 235 -1.14 -26.42 -11.29
CA SER E 235 -1.38 -25.00 -11.32
C SER E 235 -0.28 -24.40 -12.16
N PHE E 236 -0.38 -23.11 -12.37
CA PHE E 236 0.64 -22.43 -13.10
C PHE E 236 2.01 -22.50 -12.40
N THR E 237 2.02 -22.46 -11.07
CA THR E 237 3.24 -22.52 -10.29
C THR E 237 3.67 -23.93 -9.99
N GLY E 238 3.02 -24.90 -10.62
CA GLY E 238 3.32 -26.31 -10.38
C GLY E 238 2.63 -26.94 -9.17
N MET E 239 1.62 -26.27 -8.62
CA MET E 239 0.88 -26.78 -7.49
CA MET E 239 0.87 -26.78 -7.48
C MET E 239 -0.12 -27.85 -7.91
N ALA E 240 -0.25 -28.91 -7.12
CA ALA E 240 -1.10 -30.05 -7.48
C ALA E 240 -1.23 -31.07 -6.37
N ILE E 241 -2.24 -31.94 -6.52
CA ILE E 241 -2.50 -32.97 -5.55
C ILE E 241 -1.98 -34.32 -6.03
N GLN E 242 -1.36 -35.08 -5.14
CA GLN E 242 -0.95 -36.45 -5.48
C GLN E 242 -2.07 -37.44 -5.23
N SER E 243 -2.58 -37.43 -4.01
CA SER E 243 -3.69 -38.27 -3.63
C SER E 243 -4.44 -37.70 -2.43
N VAL E 244 -5.62 -38.23 -2.19
CA VAL E 244 -6.33 -38.00 -0.96
C VAL E 244 -6.43 -39.37 -0.31
N VAL E 245 -6.48 -39.38 1.01
CA VAL E 245 -6.08 -40.56 1.78
C VAL E 245 -6.74 -40.57 3.16
N MET E 246 -7.10 -41.76 3.64
CA MET E 246 -7.71 -41.89 4.97
C MET E 246 -6.77 -41.35 6.04
N ALA E 247 -7.32 -40.61 7.00
CA ALA E 247 -6.51 -40.05 8.09
C ALA E 247 -5.77 -41.11 8.93
N ASN E 248 -6.27 -42.35 8.96
CA ASN E 248 -5.60 -43.42 9.70
C ASN E 248 -4.81 -44.35 8.77
N ASP E 249 -5.47 -44.95 7.79
CA ASP E 249 -4.81 -45.89 6.83
C ASP E 249 -4.27 -45.10 5.63
N HIS E 250 -3.03 -44.64 5.73
CA HIS E 250 -2.44 -43.84 4.66
C HIS E 250 -2.25 -44.57 3.32
N ASP E 251 -2.41 -45.90 3.33
CA ASP E 251 -2.39 -46.67 2.08
C ASP E 251 -3.75 -46.64 1.40
N GLN E 252 -4.79 -46.30 2.18
CA GLN E 252 -6.19 -46.27 1.74
C GLN E 252 -6.56 -44.97 0.99
N GLU E 253 -6.51 -45.00 -0.34
CA GLU E 253 -6.85 -43.83 -1.15
C GLU E 253 -8.35 -43.55 -1.12
N LEU E 254 -8.73 -42.30 -1.39
CA LEU E 254 -10.14 -41.89 -1.48
C LEU E 254 -10.35 -41.20 -2.83
N PRO E 255 -11.62 -41.10 -3.28
CA PRO E 255 -11.89 -40.45 -4.58
C PRO E 255 -12.06 -38.92 -4.46
N TYR E 256 -11.65 -38.20 -5.49
CA TYR E 256 -11.74 -36.74 -5.47
C TYR E 256 -11.66 -36.12 -6.85
N ASP E 257 -12.13 -34.88 -6.93
CA ASP E 257 -11.98 -34.05 -8.13
C ASP E 257 -11.10 -32.87 -7.76
N VAL E 258 -10.60 -32.19 -8.76
CA VAL E 258 -9.80 -30.99 -8.50
C VAL E 258 -9.95 -30.00 -9.65
N ILE E 259 -10.26 -28.75 -9.28
CA ILE E 259 -10.29 -27.63 -10.20
C ILE E 259 -9.09 -26.72 -9.98
N THR E 260 -8.45 -26.35 -11.09
CA THR E 260 -7.27 -25.52 -11.09
C THR E 260 -7.58 -24.25 -11.85
N SER E 261 -7.65 -23.12 -11.15
CA SER E 261 -7.93 -21.82 -11.76
C SER E 261 -6.69 -20.89 -11.80
N LEU E 262 -6.73 -19.93 -12.71
CA LEU E 262 -5.75 -18.83 -12.79
C LEU E 262 -6.42 -17.60 -13.38
N LYS E 263 -6.64 -16.57 -12.57
CA LYS E 263 -7.22 -15.32 -13.04
C LYS E 263 -6.18 -14.24 -12.96
N SER E 264 -6.28 -13.27 -13.86
CA SER E 264 -5.43 -12.11 -13.83
C SER E 264 -6.11 -11.09 -12.95
N ASP E 265 -5.35 -10.24 -12.26
CA ASP E 265 -5.91 -9.09 -11.56
C ASP E 265 -5.35 -7.78 -12.17
N GLU E 266 -4.36 -7.15 -11.53
CA GLU E 266 -3.69 -5.98 -12.09
C GLU E 266 -2.56 -6.45 -12.96
N TYR E 267 -2.89 -6.64 -14.23
CA TYR E 267 -1.95 -7.16 -15.21
C TYR E 267 -1.92 -6.10 -16.30
N LEU E 268 -0.81 -5.41 -16.44
CA LEU E 268 -0.80 -4.23 -17.30
C LEU E 268 0.54 -3.83 -17.92
N VAL E 269 0.44 -3.02 -18.97
CA VAL E 269 1.58 -2.43 -19.62
C VAL E 269 1.53 -0.94 -19.32
N GLN E 270 2.66 -0.35 -18.96
CA GLN E 270 2.68 1.02 -18.47
C GLN E 270 3.75 1.91 -19.11
N ASP F 8 -16.67 47.36 -9.08
CA ASP F 8 -15.39 46.60 -9.19
C ASP F 8 -15.30 45.69 -10.46
N VAL F 9 -16.26 45.80 -11.39
CA VAL F 9 -16.27 45.03 -12.65
C VAL F 9 -15.18 45.52 -13.60
N PRO F 10 -14.26 44.63 -14.02
CA PRO F 10 -13.14 45.03 -14.88
C PRO F 10 -13.55 45.53 -16.28
N GLU F 11 -12.68 46.35 -16.86
CA GLU F 11 -12.99 47.10 -18.07
C GLU F 11 -12.74 46.24 -19.29
N ASN F 12 -13.65 46.29 -20.25
CA ASN F 12 -13.56 45.47 -21.47
C ASN F 12 -13.30 46.33 -22.70
N ASN F 13 -12.24 46.02 -23.42
CA ASN F 13 -11.88 46.75 -24.65
C ASN F 13 -12.30 46.05 -25.95
N GLY F 14 -13.32 45.20 -25.88
CA GLY F 14 -13.73 44.39 -27.03
C GLY F 14 -14.05 42.96 -26.63
N ILE F 15 -13.00 42.14 -26.54
CA ILE F 15 -13.10 40.80 -25.99
C ILE F 15 -12.34 40.72 -24.68
N LEU F 16 -13.04 40.29 -23.63
CA LEU F 16 -12.42 39.99 -22.34
C LEU F 16 -12.73 38.58 -21.89
N ILE F 17 -11.67 37.81 -21.65
CA ILE F 17 -11.81 36.46 -21.19
C ILE F 17 -11.39 36.36 -19.74
N SER F 18 -12.32 35.90 -18.90
CA SER F 18 -12.02 35.70 -17.49
C SER F 18 -11.97 34.20 -17.16
N ILE F 19 -10.87 33.82 -16.53
CA ILE F 19 -10.64 32.45 -16.10
C ILE F 19 -10.63 32.46 -14.59
N LYS F 20 -11.65 31.86 -14.00
CA LYS F 20 -11.85 32.04 -12.58
C LYS F 20 -11.88 30.72 -11.84
N GLU F 21 -10.91 30.58 -10.95
CA GLU F 21 -10.74 29.36 -10.20
C GLU F 21 -10.97 29.63 -8.72
N VAL F 22 -11.67 28.71 -8.07
CA VAL F 22 -11.93 28.79 -6.63
C VAL F 22 -11.47 27.52 -5.94
N ILE F 23 -10.80 27.69 -4.80
CA ILE F 23 -10.16 26.57 -4.13
C ILE F 23 -10.73 26.39 -2.71
N ASN F 24 -11.17 25.16 -2.42
CA ASN F 24 -11.52 24.73 -1.07
C ASN F 24 -10.47 23.78 -0.58
N ALA F 25 -10.23 23.76 0.72
CA ALA F 25 -9.24 22.84 1.27
C ALA F 25 -9.42 22.70 2.75
N GLU F 26 -9.11 21.51 3.27
CA GLU F 26 -9.23 21.24 4.70
C GLU F 26 -7.96 20.60 5.20
N PHE F 27 -7.37 21.17 6.24
CA PHE F 27 -6.13 20.66 6.85
C PHE F 27 -6.38 20.23 8.28
N SER F 28 -5.57 19.29 8.77
CA SER F 28 -5.55 18.94 10.18
C SER F 28 -4.74 20.00 10.85
N ARG F 29 -4.83 20.02 12.18
CA ARG F 29 -4.04 20.98 12.97
C ARG F 29 -2.56 20.83 12.75
N ASP F 30 -2.12 19.58 12.58
CA ASP F 30 -0.71 19.28 12.36
C ASP F 30 -0.25 19.50 10.91
N GLY F 31 -1.15 19.86 10.01
CA GLY F 31 -0.74 20.23 8.65
C GLY F 31 -1.09 19.26 7.55
N THR F 32 -1.69 18.13 7.88
CA THR F 32 -1.97 17.11 6.88
C THR F 32 -3.15 17.51 6.07
N ILE F 33 -3.09 17.28 4.77
CA ILE F 33 -4.18 17.65 3.90
C ILE F 33 -5.23 16.56 4.00
N HIS F 34 -6.43 16.89 4.48
CA HIS F 34 -7.55 15.93 4.55
CA HIS F 34 -7.53 15.93 4.52
C HIS F 34 -8.32 15.90 3.21
N SER F 35 -8.46 17.05 2.53
CA SER F 35 -9.17 17.13 1.24
C SER F 35 -8.99 18.46 0.53
N SER F 36 -9.18 18.47 -0.78
CA SER F 36 -9.23 19.72 -1.52
C SER F 36 -10.11 19.58 -2.76
N GLU F 37 -10.68 20.69 -3.20
CA GLU F 37 -11.55 20.70 -4.36
C GLU F 37 -11.37 22.04 -5.04
N LEU F 38 -11.06 21.99 -6.33
CA LEU F 38 -10.96 23.21 -7.12
C LEU F 38 -12.03 23.29 -8.20
N LYS F 39 -12.77 24.39 -8.24
CA LYS F 39 -13.77 24.64 -9.29
C LYS F 39 -13.27 25.77 -10.15
N GLY F 40 -13.54 25.69 -11.44
CA GLY F 40 -13.10 26.70 -12.36
C GLY F 40 -14.09 26.90 -13.48
N VAL F 41 -13.99 28.08 -14.11
CA VAL F 41 -14.87 28.45 -15.18
C VAL F 41 -14.19 29.44 -16.11
N LEU F 42 -14.52 29.34 -17.39
CA LEU F 42 -14.03 30.25 -18.38
C LEU F 42 -15.20 31.10 -18.84
N GLU F 43 -15.13 32.39 -18.52
CA GLU F 43 -16.17 33.33 -18.92
C GLU F 43 -15.73 34.18 -20.09
N LEU F 44 -16.69 34.49 -20.95
CA LEU F 44 -16.44 35.26 -22.17
C LEU F 44 -17.33 36.50 -22.21
N ARG F 45 -16.71 37.69 -22.24
CA ARG F 45 -17.41 38.98 -22.36
C ARG F 45 -17.02 39.67 -23.67
N ILE F 46 -18.01 39.97 -24.49
CA ILE F 46 -17.77 40.69 -25.74
C ILE F 46 -18.72 41.87 -25.85
N ASN F 47 -18.20 43.04 -26.23
CA ASN F 47 -19.01 44.27 -26.36
C ASN F 47 -19.06 44.91 -27.78
N ASP F 48 -18.49 44.25 -28.78
CA ASP F 48 -18.43 44.80 -30.12
C ASP F 48 -18.83 43.75 -31.17
N HIS F 49 -19.90 44.03 -31.92
CA HIS F 49 -20.41 43.07 -32.92
C HIS F 49 -19.38 42.60 -33.95
N ASP F 50 -18.36 43.43 -34.20
CA ASP F 50 -17.23 43.06 -35.07
C ASP F 50 -16.57 41.76 -34.58
N LEU F 51 -16.55 41.54 -33.27
CA LEU F 51 -15.88 40.38 -32.68
C LEU F 51 -16.83 39.24 -32.21
N SER F 52 -18.14 39.47 -32.28
CA SER F 52 -19.14 38.46 -31.89
C SER F 52 -18.90 37.13 -32.56
N HIS F 53 -18.46 37.16 -33.80
CA HIS F 53 -18.38 35.95 -34.60
C HIS F 53 -16.97 35.37 -34.57
N SER F 54 -16.63 34.82 -33.39
CA SER F 54 -15.28 34.37 -33.06
C SER F 54 -15.23 33.00 -32.35
N ASN F 55 -14.03 32.45 -32.27
CA ASN F 55 -13.73 31.16 -31.66
C ASN F 55 -12.52 31.29 -30.75
N LEU F 56 -12.47 30.51 -29.67
CA LEU F 56 -11.32 30.52 -28.75
C LEU F 56 -10.47 29.28 -28.87
N LYS F 57 -9.15 29.47 -28.93
CA LYS F 57 -8.21 28.37 -28.95
C LYS F 57 -7.53 28.31 -27.60
N LEU F 58 -7.69 27.19 -26.92
CA LEU F 58 -7.07 26.99 -25.62
C LEU F 58 -5.62 26.65 -25.84
N ALA F 59 -4.76 27.01 -24.88
CA ALA F 59 -3.35 26.61 -24.94
C ALA F 59 -3.25 25.14 -25.31
N ASP F 60 -2.38 24.79 -26.25
CA ASP F 60 -2.18 23.36 -26.59
C ASP F 60 -1.34 22.67 -25.49
N SER F 61 -0.87 23.44 -24.50
CA SER F 61 -0.34 22.88 -23.26
C SER F 61 -1.39 22.08 -22.43
N ILE F 62 -2.68 22.28 -22.69
CA ILE F 62 -3.77 21.73 -21.87
C ILE F 62 -4.32 20.42 -22.42
N ASP F 63 -4.51 19.45 -21.52
CA ASP F 63 -5.13 18.20 -21.92
C ASP F 63 -6.65 18.29 -21.70
N VAL F 64 -7.37 18.52 -22.79
CA VAL F 64 -8.82 18.70 -22.71
C VAL F 64 -9.54 17.37 -22.56
N ARG F 65 -8.78 16.28 -22.47
CA ARG F 65 -9.36 14.98 -22.25
C ARG F 65 -9.02 14.36 -20.86
N ASP F 66 -8.35 15.13 -20.00
CA ASP F 66 -8.04 14.71 -18.64
CA ASP F 66 -8.05 14.70 -18.61
C ASP F 66 -9.33 14.49 -17.84
N LYS F 67 -9.63 13.24 -17.53
CA LYS F 67 -10.85 12.91 -16.80
C LYS F 67 -10.96 13.60 -15.47
N SER F 68 -9.82 13.93 -14.85
CA SER F 68 -9.81 14.40 -13.46
C SER F 68 -10.31 15.83 -13.36
N PHE F 69 -10.21 16.55 -14.49
CA PHE F 69 -10.74 17.91 -14.60
C PHE F 69 -12.26 18.00 -14.84
N GLN F 70 -12.91 16.88 -15.20
CA GLN F 70 -14.36 16.84 -15.40
C GLN F 70 -14.82 18.04 -16.23
N PHE F 71 -14.15 18.31 -17.34
CA PHE F 71 -14.52 19.45 -18.19
C PHE F 71 -15.93 19.36 -18.73
N LYS F 72 -16.71 20.42 -18.55
CA LYS F 72 -18.05 20.50 -19.12
C LYS F 72 -18.20 21.80 -19.87
N THR F 73 -18.70 21.69 -21.10
CA THR F 73 -18.93 22.84 -21.97
C THR F 73 -20.38 23.24 -21.92
N HIS F 74 -20.61 24.54 -22.05
CA HIS F 74 -21.93 25.10 -22.16
C HIS F 74 -22.67 24.31 -23.25
N PRO F 75 -23.94 23.98 -23.01
CA PRO F 75 -24.70 23.17 -23.94
C PRO F 75 -24.74 23.62 -25.41
N ASN F 76 -24.40 24.87 -25.71
CA ASN F 76 -24.45 25.38 -27.08
C ASN F 76 -23.10 25.39 -27.74
N ILE F 77 -22.07 25.08 -26.97
CA ILE F 77 -20.74 24.91 -27.49
C ILE F 77 -20.61 23.56 -28.18
N ASP F 78 -19.73 23.49 -29.17
CA ASP F 78 -19.46 22.26 -29.92
C ASP F 78 -18.51 21.36 -29.12
N LYS F 79 -19.05 20.30 -28.50
CA LYS F 79 -18.23 19.36 -27.72
C LYS F 79 -17.14 18.78 -28.58
N GLN F 80 -17.52 18.44 -29.80
CA GLN F 80 -16.61 17.80 -30.75
C GLN F 80 -15.36 18.63 -31.01
N SER F 81 -15.54 19.85 -31.52
CA SER F 81 -14.42 20.73 -31.79
C SER F 81 -13.60 20.97 -30.54
N PHE F 82 -14.25 21.01 -29.38
CA PHE F 82 -13.54 21.22 -28.12
C PHE F 82 -12.58 20.05 -27.88
N LEU F 83 -13.13 18.85 -27.98
CA LEU F 83 -12.40 17.65 -27.62
C LEU F 83 -11.26 17.32 -28.57
N SER F 84 -11.51 17.46 -29.87
CA SER F 84 -10.48 17.19 -30.87
C SER F 84 -9.48 18.36 -31.04
N THR F 85 -9.98 19.59 -31.19
CA THR F 85 -9.12 20.75 -31.53
C THR F 85 -8.81 21.76 -30.38
N LYS F 86 -9.33 21.52 -29.18
CA LYS F 86 -9.18 22.48 -28.05
C LYS F 86 -9.75 23.84 -28.42
N LEU F 87 -10.91 23.78 -29.07
CA LEU F 87 -11.51 24.91 -29.73
C LEU F 87 -12.90 25.18 -29.11
N ILE F 88 -13.13 26.41 -28.65
CA ILE F 88 -14.43 26.80 -28.09
C ILE F 88 -15.22 27.54 -29.17
N SER F 89 -16.32 26.93 -29.62
CA SER F 89 -17.14 27.52 -30.66
C SER F 89 -18.57 27.02 -30.57
N LEU F 90 -19.48 27.71 -31.24
CA LEU F 90 -20.88 27.34 -31.17
C LEU F 90 -21.18 26.19 -32.09
N ARG F 91 -22.11 25.33 -31.67
CA ARG F 91 -22.50 24.19 -32.48
C ARG F 91 -23.06 24.72 -33.80
N ASP F 92 -24.00 25.65 -33.69
CA ASP F 92 -24.60 26.33 -34.84
C ASP F 92 -23.63 27.37 -35.38
N LYS F 93 -22.99 27.06 -36.51
CA LYS F 93 -21.91 27.91 -37.05
C LYS F 93 -22.46 29.23 -37.64
N SER F 94 -23.76 29.27 -37.90
CA SER F 94 -24.44 30.48 -38.36
C SER F 94 -24.61 31.56 -37.28
N LYS F 95 -24.59 31.18 -36.00
CA LYS F 95 -24.81 32.14 -34.90
C LYS F 95 -23.52 32.67 -34.32
N ALA F 96 -23.62 33.79 -33.63
CA ALA F 96 -22.48 34.46 -33.00
C ALA F 96 -22.73 34.62 -31.51
N PHE F 97 -21.67 34.96 -30.78
CA PHE F 97 -21.78 35.13 -29.34
C PHE F 97 -22.50 36.44 -29.06
N PRO F 98 -23.15 36.54 -27.91
CA PRO F 98 -23.69 37.80 -27.45
C PRO F 98 -22.65 38.91 -27.42
N ALA F 99 -23.04 40.09 -27.90
CA ALA F 99 -22.14 41.27 -27.89
C ALA F 99 -22.62 42.35 -26.93
N ASN F 100 -23.36 41.95 -25.90
CA ASN F 100 -23.89 42.86 -24.89
C ASN F 100 -22.98 43.03 -23.66
N ASP F 101 -21.69 42.73 -23.78
CA ASP F 101 -20.72 42.81 -22.67
C ASP F 101 -21.13 42.04 -21.41
N GLN F 102 -21.96 41.01 -21.59
CA GLN F 102 -22.39 40.17 -20.47
C GLN F 102 -21.57 38.90 -20.40
N SER F 103 -21.30 38.47 -19.16
CA SER F 103 -20.50 37.27 -18.93
C SER F 103 -21.26 36.01 -19.34
N LEU F 104 -20.63 35.25 -20.24
CA LEU F 104 -21.11 33.93 -20.62
C LEU F 104 -20.09 32.89 -20.14
N GLY F 105 -20.56 31.91 -19.35
CA GLY F 105 -19.73 30.81 -18.92
C GLY F 105 -19.78 29.71 -19.97
N VAL F 106 -18.68 29.54 -20.69
CA VAL F 106 -18.62 28.59 -21.80
C VAL F 106 -18.03 27.23 -21.42
N LEU F 107 -17.25 27.22 -20.34
CA LEU F 107 -16.56 26.02 -19.92
C LEU F 107 -16.35 25.99 -18.43
N ARG F 108 -16.70 24.86 -17.83
CA ARG F 108 -16.49 24.64 -16.41
C ARG F 108 -15.55 23.48 -16.20
N TRP F 109 -14.95 23.46 -15.02
CA TRP F 109 -14.18 22.29 -14.61
C TRP F 109 -14.08 22.14 -13.12
N ARG F 110 -13.85 20.91 -12.70
CA ARG F 110 -13.79 20.60 -11.28
C ARG F 110 -12.84 19.47 -11.05
N LYS F 111 -12.00 19.64 -10.03
CA LYS F 111 -10.98 18.65 -9.69
C LYS F 111 -11.04 18.41 -8.20
N VAL F 112 -11.06 17.15 -7.83
CA VAL F 112 -11.11 16.81 -6.42
C VAL F 112 -9.88 16.00 -6.11
N ALA F 113 -9.16 16.40 -5.06
CA ALA F 113 -8.02 15.63 -4.61
C ALA F 113 -8.33 14.92 -3.27
N PRO F 114 -7.82 13.69 -3.13
CA PRO F 114 -8.03 12.93 -1.91
C PRO F 114 -7.03 13.36 -0.85
N ALA F 115 -7.22 12.86 0.36
CA ALA F 115 -6.28 13.12 1.46
C ALA F 115 -4.83 12.95 1.02
N GLU F 116 -3.99 13.84 1.51
CA GLU F 116 -2.54 13.83 1.29
C GLU F 116 -2.06 14.18 -0.12
N ASP F 117 -2.99 14.45 -1.03
CA ASP F 117 -2.64 15.02 -2.33
C ASP F 117 -2.58 16.55 -2.25
N ASP F 118 -1.40 17.10 -2.51
CA ASP F 118 -1.13 18.54 -2.30
C ASP F 118 -1.07 19.33 -3.61
N SER F 119 -1.61 18.76 -4.69
CA SER F 119 -1.45 19.34 -6.02
C SER F 119 -2.31 20.56 -6.28
N LEU F 120 -3.42 20.68 -5.56
CA LEU F 120 -4.33 21.83 -5.68
C LEU F 120 -4.15 22.89 -4.58
N ILE F 121 -3.10 22.74 -3.77
CA ILE F 121 -2.91 23.59 -2.59
C ILE F 121 -1.95 24.74 -2.90
N PRO F 122 -2.48 25.97 -2.96
CA PRO F 122 -1.60 27.08 -3.22
C PRO F 122 -0.96 27.58 -1.94
N LEU F 123 -1.52 27.22 -0.79
CA LEU F 123 -1.06 27.75 0.50
C LEU F 123 -1.19 26.70 1.61
N THR F 124 -0.07 26.17 2.09
CA THR F 124 -0.13 25.16 3.12
C THR F 124 -0.35 25.80 4.48
N LEU F 125 -0.86 25.04 5.43
CA LEU F 125 -1.16 25.57 6.77
C LEU F 125 -0.91 24.57 7.87
N THR F 126 -0.38 25.06 8.99
CA THR F 126 -0.13 24.26 10.16
C THR F 126 -0.29 25.16 11.35
N THR F 127 -0.69 24.59 12.46
CA THR F 127 -0.79 25.36 13.67
C THR F 127 0.00 24.74 14.81
N TRP F 128 0.50 25.61 15.68
CA TRP F 128 1.15 25.19 16.89
C TRP F 128 0.53 25.99 18.02
N VAL F 129 0.10 25.29 19.06
CA VAL F 129 -0.75 25.86 20.08
C VAL F 129 -0.37 25.36 21.45
N SER F 130 0.04 26.28 22.32
CA SER F 130 0.28 25.97 23.73
C SER F 130 -0.51 26.95 24.59
N PRO F 131 -0.81 26.55 25.84
CA PRO F 131 -1.47 27.45 26.80
C PRO F 131 -0.56 28.60 27.13
N SER F 132 -1.11 29.79 27.31
CA SER F 132 -0.27 31.00 27.49
C SER F 132 -0.11 31.39 28.96
N GLU F 133 0.88 32.24 29.19
CA GLU F 133 1.13 32.82 30.50
C GLU F 133 0.29 34.09 30.63
N SER F 134 0.46 34.99 29.65
CA SER F 134 -0.04 36.37 29.73
C SER F 134 -1.56 36.57 29.64
N GLN F 135 -2.28 35.55 29.17
CA GLN F 135 -3.74 35.59 29.12
C GLN F 135 -4.37 34.27 29.57
N GLN F 136 -5.67 34.31 29.80
CA GLN F 136 -6.41 33.10 30.11
C GLN F 136 -6.83 32.46 28.78
N GLY F 137 -5.88 31.74 28.19
CA GLY F 137 -6.07 31.16 26.88
C GLY F 137 -4.81 30.58 26.28
N PHE F 138 -4.48 31.01 25.05
CA PHE F 138 -3.58 30.24 24.22
C PHE F 138 -2.63 31.07 23.39
N ASP F 139 -1.38 30.58 23.31
CA ASP F 139 -0.38 31.11 22.39
C ASP F 139 -0.43 30.27 21.12
N VAL F 140 -0.61 30.96 19.98
CA VAL F 140 -0.90 30.31 18.72
C VAL F 140 0.08 30.77 17.66
N ILE F 141 0.55 29.83 16.86
CA ILE F 141 1.33 30.17 15.69
C ILE F 141 0.74 29.44 14.51
N ILE F 142 0.47 30.19 13.46
CA ILE F 142 0.03 29.61 12.22
C ILE F 142 1.16 29.70 11.20
N GLU F 143 1.74 28.56 10.82
CA GLU F 143 2.75 28.53 9.79
C GLU F 143 2.07 28.41 8.47
N TYR F 144 2.51 29.20 7.51
CA TYR F 144 2.00 29.08 6.16
C TYR F 144 3.13 29.00 5.16
N GLU F 145 2.86 28.47 3.97
CA GLU F 145 3.80 28.56 2.86
C GLU F 145 3.07 28.66 1.52
N SER F 146 3.42 29.66 0.72
CA SER F 146 2.88 29.83 -0.61
C SER F 146 3.69 29.03 -1.59
N VAL F 147 3.04 28.60 -2.66
CA VAL F 147 3.73 28.02 -3.83
C VAL F 147 3.38 28.81 -5.08
N LEU F 148 2.72 29.93 -4.90
CA LEU F 148 2.32 30.78 -6.02
C LEU F 148 3.49 31.59 -6.48
N GLU F 149 3.46 31.94 -7.77
CA GLU F 149 4.54 32.72 -8.38
C GLU F 149 4.26 34.22 -8.21
N THR F 150 2.99 34.62 -8.09
CA THR F 150 2.63 36.00 -7.67
C THR F 150 2.57 36.09 -6.14
N GLU F 151 2.44 37.30 -5.61
CA GLU F 151 2.31 37.48 -4.18
C GLU F 151 0.84 37.69 -3.83
N LEU F 152 0.49 37.33 -2.59
CA LEU F 152 -0.87 37.48 -2.09
C LEU F 152 -0.90 38.69 -1.18
N ALA F 153 -1.98 39.46 -1.28
CA ALA F 153 -2.17 40.63 -0.44
C ALA F 153 -3.43 40.49 0.41
N ASP F 154 -3.39 41.07 1.62
CA ASP F 154 -4.57 41.15 2.50
C ASP F 154 -5.23 39.77 2.73
N VAL F 155 -4.42 38.88 3.28
CA VAL F 155 -4.84 37.55 3.60
C VAL F 155 -5.45 37.57 5.01
N ILE F 156 -6.62 36.98 5.18
CA ILE F 156 -7.33 37.12 6.46
C ILE F 156 -7.58 35.78 7.17
N PHE F 157 -6.94 35.63 8.32
CA PHE F 157 -7.10 34.46 9.17
C PHE F 157 -8.17 34.74 10.19
N THR F 158 -9.11 33.80 10.33
CA THR F 158 -10.24 33.97 11.23
C THR F 158 -10.33 32.85 12.25
N ILE F 159 -10.34 33.21 13.52
CA ILE F 159 -10.49 32.27 14.61
C ILE F 159 -11.92 32.40 15.13
N PRO F 160 -12.61 31.26 15.35
CA PRO F 160 -13.99 31.37 15.79
C PRO F 160 -14.14 31.54 17.31
N VAL F 161 -13.63 32.65 17.84
CA VAL F 161 -13.87 33.03 19.24
C VAL F 161 -14.01 34.56 19.35
N PHE F 162 -14.75 34.97 20.38
CA PHE F 162 -14.92 36.38 20.75
C PHE F 162 -14.33 36.55 22.15
N PRO F 163 -13.10 37.06 22.26
CA PRO F 163 -12.50 37.18 23.59
C PRO F 163 -12.79 38.53 24.22
N GLN F 164 -12.60 38.61 25.53
CA GLN F 164 -12.89 39.82 26.28
C GLN F 164 -11.70 40.77 26.19
N GLU F 165 -10.56 40.36 26.75
CA GLU F 165 -9.29 41.05 26.57
C GLU F 165 -8.92 41.05 25.09
N PRO F 166 -8.30 42.12 24.58
CA PRO F 166 -8.02 42.08 23.15
C PRO F 166 -6.85 41.13 22.83
N VAL F 167 -6.69 40.82 21.55
CA VAL F 167 -5.62 39.94 21.07
C VAL F 167 -4.26 40.63 21.17
N ASP F 168 -3.24 39.89 21.59
CA ASP F 168 -1.86 40.38 21.58
C ASP F 168 -1.08 39.66 20.48
N ILE F 169 -0.78 40.39 19.41
CA ILE F 169 0.05 39.85 18.34
C ILE F 169 1.51 39.87 18.75
N ASN F 170 2.17 38.71 18.77
CA ASN F 170 3.62 38.65 18.96
C ASN F 170 4.28 39.07 17.67
N THR F 171 4.78 40.29 17.65
CA THR F 171 5.25 40.93 16.42
C THR F 171 6.71 40.54 16.09
N GLU F 172 7.42 40.01 17.09
CA GLU F 172 8.78 39.56 16.95
C GLU F 172 8.76 38.11 16.40
N SER F 173 7.78 37.31 16.82
CA SER F 173 7.69 35.87 16.48
C SER F 173 6.88 35.66 15.18
N SER F 174 6.28 36.73 14.65
CA SER F 174 5.58 36.71 13.36
C SER F 174 6.55 37.05 12.24
N THR F 175 6.06 37.05 11.01
CA THR F 175 6.88 37.31 9.81
C THR F 175 6.50 38.62 9.16
N CYS F 176 5.21 38.88 9.06
CA CYS F 176 4.73 40.19 8.64
C CYS F 176 4.33 40.94 9.90
N SER F 177 5.24 41.79 10.39
CA SER F 177 5.21 42.32 11.76
C SER F 177 4.02 43.25 12.01
N ASP F 178 3.63 44.00 10.98
CA ASP F 178 2.46 44.91 11.01
C ASP F 178 1.12 44.23 10.68
N ALA F 179 0.93 42.98 11.10
CA ALA F 179 -0.36 42.30 11.03
C ALA F 179 -1.28 42.98 12.03
N GLU F 180 -2.56 43.13 11.68
CA GLU F 180 -3.49 43.81 12.58
C GLU F 180 -4.82 43.07 12.68
N VAL F 181 -5.43 43.09 13.86
CA VAL F 181 -6.81 42.60 13.99
C VAL F 181 -7.71 43.57 13.21
N VAL F 182 -8.69 43.04 12.48
CA VAL F 182 -9.64 43.89 11.73
C VAL F 182 -11.09 43.60 12.06
N ASN F 183 -11.33 42.67 12.99
CA ASN F 183 -12.69 42.31 13.33
C ASN F 183 -12.78 41.37 14.52
N MET F 184 -13.23 41.88 15.65
CA MET F 184 -13.83 41.02 16.67
C MET F 184 -15.31 41.22 16.49
N ASP F 185 -16.09 40.31 17.05
CA ASP F 185 -17.48 40.13 16.66
C ASP F 185 -17.89 38.75 17.14
N GLN F 186 -19.07 38.64 17.73
CA GLN F 186 -19.56 37.36 18.22
C GLN F 186 -20.02 36.40 17.11
N GLU F 187 -20.58 36.96 16.05
CA GLU F 187 -21.06 36.18 14.91
C GLU F 187 -19.90 35.48 14.22
N MET F 188 -18.99 36.28 13.65
CA MET F 188 -17.84 35.77 12.90
C MET F 188 -16.68 35.23 13.75
N GLY F 189 -16.42 35.88 14.89
CA GLY F 189 -15.24 35.61 15.68
C GLY F 189 -14.16 36.63 15.37
N THR F 190 -12.91 36.29 15.68
CA THR F 190 -11.76 37.21 15.55
C THR F 190 -10.99 37.01 14.24
N SER F 191 -10.79 38.10 13.50
CA SER F 191 -10.13 38.06 12.19
C SER F 191 -8.88 38.94 12.14
N ILE F 192 -7.75 38.33 11.77
CA ILE F 192 -6.47 39.00 11.70
C ILE F 192 -6.04 39.09 10.24
N LYS F 193 -5.57 40.26 9.84
CA LYS F 193 -5.16 40.50 8.47
C LYS F 193 -3.64 40.57 8.37
N ILE F 194 -3.13 40.13 7.23
CA ILE F 194 -1.70 40.19 6.92
C ILE F 194 -1.52 40.97 5.61
N SER F 195 -0.50 41.84 5.57
CA SER F 195 -0.26 42.67 4.40
C SER F 195 -0.01 41.82 3.17
N LYS F 196 1.03 41.00 3.25
CA LYS F 196 1.56 40.32 2.07
C LYS F 196 2.05 38.93 2.45
N ILE F 197 1.86 37.99 1.53
CA ILE F 197 2.58 36.72 1.58
C ILE F 197 3.37 36.62 0.28
N ALA F 198 4.69 36.56 0.43
CA ALA F 198 5.59 36.63 -0.70
C ALA F 198 5.51 35.35 -1.50
N ALA F 199 5.53 35.50 -2.82
CA ALA F 199 5.61 34.35 -3.74
C ALA F 199 6.63 33.31 -3.29
N ASN F 200 6.26 32.04 -3.38
CA ASN F 200 7.10 30.92 -2.95
C ASN F 200 7.81 31.04 -1.59
N ASP F 201 7.31 31.87 -0.69
CA ASP F 201 7.95 32.04 0.62
C ASP F 201 7.06 31.53 1.74
N ALA F 202 7.70 30.95 2.75
CA ALA F 202 7.07 30.58 4.01
C ALA F 202 7.03 31.76 4.98
N GLY F 203 6.22 31.61 6.01
CA GLY F 203 6.04 32.63 7.00
C GLY F 203 5.29 32.08 8.18
N ALA F 204 5.02 32.94 9.15
CA ALA F 204 4.26 32.56 10.34
C ALA F 204 3.53 33.76 10.87
N LEU F 205 2.46 33.47 11.61
CA LEU F 205 1.65 34.47 12.26
C LEU F 205 1.43 34.02 13.67
N ALA F 206 1.91 34.80 14.63
CA ALA F 206 1.94 34.38 16.03
C ALA F 206 1.21 35.37 16.88
N PHE F 207 0.47 34.86 17.85
CA PHE F 207 -0.35 35.70 18.69
C PHE F 207 -0.90 34.94 19.88
N THR F 208 -1.45 35.72 20.79
CA THR F 208 -2.06 35.18 21.99
C THR F 208 -3.51 35.59 22.00
N ILE F 209 -4.36 34.68 22.44
CA ILE F 209 -5.80 34.90 22.42
C ILE F 209 -6.51 34.16 23.55
N GLU F 210 -7.57 34.79 24.06
CA GLU F 210 -8.39 34.24 25.14
C GLU F 210 -9.35 33.18 24.63
N ALA F 211 -9.41 32.05 25.31
CA ALA F 211 -10.38 31.02 24.96
C ALA F 211 -10.49 29.97 26.06
N PRO F 212 -11.66 29.32 26.15
CA PRO F 212 -11.92 28.27 27.15
C PRO F 212 -11.03 27.03 27.09
N TYR F 213 -10.92 26.42 25.91
CA TYR F 213 -10.12 25.21 25.71
C TYR F 213 -9.63 25.18 24.26
N GLU F 214 -8.71 24.26 23.99
CA GLU F 214 -8.06 24.24 22.69
C GLU F 214 -9.06 24.12 21.52
N ASP F 215 -9.97 23.13 21.57
CA ASP F 215 -10.90 22.87 20.44
C ASP F 215 -11.72 24.09 20.05
N ALA F 216 -11.81 25.06 20.96
CA ALA F 216 -12.57 26.29 20.72
C ALA F 216 -11.97 27.20 19.65
N LEU F 217 -10.69 26.99 19.34
CA LEU F 217 -9.97 27.77 18.36
C LEU F 217 -10.19 27.30 16.94
N TYR F 218 -10.79 26.13 16.78
CA TYR F 218 -10.94 25.56 15.45
C TYR F 218 -12.41 25.48 15.15
N PRO F 219 -12.78 25.47 13.87
CA PRO F 219 -11.90 25.59 12.70
C PRO F 219 -11.46 27.03 12.43
N MET F 220 -10.18 27.19 12.09
CA MET F 220 -9.63 28.45 11.65
C MET F 220 -9.77 28.57 10.15
N THR F 221 -10.21 29.72 9.68
CA THR F 221 -10.41 29.91 8.26
C THR F 221 -9.43 30.89 7.73
N VAL F 222 -8.90 30.60 6.56
CA VAL F 222 -8.11 31.56 5.83
C VAL F 222 -8.90 32.04 4.64
N SER F 223 -8.60 33.27 4.23
CA SER F 223 -9.27 33.86 3.09
C SER F 223 -8.28 34.70 2.30
N PHE F 224 -8.19 34.44 1.00
CA PHE F 224 -7.22 35.10 0.14
C PHE F 224 -7.72 35.12 -1.28
N GLN F 225 -7.01 35.84 -2.13
CA GLN F 225 -7.51 36.21 -3.43
C GLN F 225 -6.35 36.69 -4.27
N GLU F 226 -6.45 36.60 -5.60
CA GLU F 226 -5.31 36.90 -6.46
C GLU F 226 -5.77 37.04 -7.89
N SER F 227 -5.18 37.98 -8.61
CA SER F 227 -5.63 38.29 -9.96
C SER F 227 -4.48 38.84 -10.81
N THR F 228 -4.41 38.46 -12.08
CA THR F 228 -3.52 39.15 -13.04
C THR F 228 -4.19 39.33 -14.41
N ARG F 229 -3.81 40.40 -15.10
CA ARG F 229 -4.43 40.76 -16.38
C ARG F 229 -3.51 40.46 -17.57
N ASP F 230 -2.26 40.13 -17.30
CA ASP F 230 -1.33 39.62 -18.34
C ASP F 230 -2.03 38.71 -19.38
N LYS F 231 -1.78 38.96 -20.65
CA LYS F 231 -2.37 38.20 -21.77
C LYS F 231 -1.77 36.79 -21.93
N LEU F 232 -0.60 36.55 -21.31
CA LEU F 232 0.09 35.25 -21.34
C LEU F 232 -0.11 34.49 -20.02
N ALA F 233 -1.14 34.89 -19.27
CA ALA F 233 -1.37 34.35 -17.93
C ALA F 233 -1.88 32.92 -17.99
N LYS F 234 -1.35 32.09 -17.10
CA LYS F 234 -1.85 30.75 -16.88
C LYS F 234 -2.61 30.74 -15.54
N SER F 235 -3.60 29.87 -15.43
CA SER F 235 -4.32 29.71 -14.16
C SER F 235 -3.45 28.89 -13.24
N PHE F 236 -3.90 28.73 -12.00
CA PHE F 236 -3.20 27.88 -11.03
C PHE F 236 -3.11 26.44 -11.52
N THR F 237 -4.13 25.96 -12.24
CA THR F 237 -4.16 24.60 -12.78
C THR F 237 -3.61 24.50 -14.21
N GLY F 238 -2.98 25.56 -14.70
CA GLY F 238 -2.39 25.57 -16.05
C GLY F 238 -3.33 25.93 -17.19
N MET F 239 -4.49 26.46 -16.84
CA MET F 239 -5.49 26.85 -17.84
C MET F 239 -5.12 28.17 -18.48
N ALA F 240 -5.33 28.30 -19.80
CA ALA F 240 -4.92 29.52 -20.53
C ALA F 240 -5.38 29.56 -21.99
N ILE F 241 -5.33 30.74 -22.58
CA ILE F 241 -5.78 30.95 -23.96
C ILE F 241 -4.59 31.03 -24.88
N GLN F 242 -4.68 30.38 -26.04
CA GLN F 242 -3.65 30.54 -27.06
C GLN F 242 -3.92 31.76 -27.95
N SER F 243 -5.11 31.77 -28.53
CA SER F 243 -5.52 32.86 -29.39
C SER F 243 -7.03 32.95 -29.48
N VAL F 244 -7.50 34.08 -29.99
CA VAL F 244 -8.88 34.23 -30.39
C VAL F 244 -8.85 34.50 -31.88
N VAL F 245 -9.91 34.09 -32.58
CA VAL F 245 -9.83 33.79 -34.00
C VAL F 245 -11.20 33.93 -34.67
N MET F 246 -11.22 34.42 -35.90
CA MET F 246 -12.46 34.53 -36.66
C MET F 246 -13.12 33.16 -36.83
N ALA F 247 -14.44 33.10 -36.67
CA ALA F 247 -15.18 31.86 -36.82
C ALA F 247 -15.05 31.22 -38.21
N ASN F 248 -14.75 32.01 -39.25
CA ASN F 248 -14.56 31.47 -40.61
C ASN F 248 -13.09 31.33 -40.97
N ASP F 249 -12.35 32.42 -40.91
CA ASP F 249 -10.93 32.41 -41.24
C ASP F 249 -10.09 32.10 -39.98
N HIS F 250 -9.81 30.83 -39.75
CA HIS F 250 -9.05 30.43 -38.56
C HIS F 250 -7.60 30.92 -38.50
N ASP F 251 -7.08 31.45 -39.61
CA ASP F 251 -5.76 32.08 -39.62
C ASP F 251 -5.84 33.54 -39.16
N GLN F 252 -7.06 34.10 -39.20
CA GLN F 252 -7.32 35.50 -38.85
C GLN F 252 -7.47 35.69 -37.32
N GLU F 253 -6.38 36.10 -36.67
CA GLU F 253 -6.41 36.37 -35.22
C GLU F 253 -7.21 37.64 -34.89
N LEU F 254 -7.71 37.73 -33.66
CA LEU F 254 -8.43 38.91 -33.17
C LEU F 254 -7.78 39.38 -31.87
N PRO F 255 -8.02 40.64 -31.46
CA PRO F 255 -7.42 41.15 -30.21
C PRO F 255 -8.27 40.83 -28.95
N TYR F 256 -7.58 40.61 -27.83
CA TYR F 256 -8.27 40.27 -26.59
C TYR F 256 -7.44 40.52 -25.34
N ASP F 257 -8.12 40.61 -24.22
CA ASP F 257 -7.51 40.63 -22.90
C ASP F 257 -7.92 39.38 -22.15
N VAL F 258 -7.20 39.08 -21.07
CA VAL F 258 -7.55 37.94 -20.23
C VAL F 258 -7.16 38.15 -18.77
N ILE F 259 -8.13 37.94 -17.89
CA ILE F 259 -7.92 37.99 -16.47
C ILE F 259 -7.95 36.59 -15.89
N THR F 260 -6.98 36.30 -15.03
CA THR F 260 -6.85 35.03 -14.39
C THR F 260 -6.95 35.23 -12.87
N SER F 261 -8.04 34.74 -12.28
CA SER F 261 -8.26 34.87 -10.81
C SER F 261 -8.10 33.52 -10.05
N LEU F 262 -7.87 33.63 -8.75
CA LEU F 262 -7.92 32.48 -7.83
C LEU F 262 -8.36 32.95 -6.45
N LYS F 263 -9.57 32.57 -6.05
CA LYS F 263 -10.08 32.96 -4.73
C LYS F 263 -10.19 31.72 -3.88
N SER F 264 -10.03 31.87 -2.59
CA SER F 264 -10.28 30.80 -1.66
C SER F 264 -11.74 30.82 -1.28
N ASP F 265 -12.32 29.66 -0.97
CA ASP F 265 -13.68 29.60 -0.41
C ASP F 265 -13.65 28.98 1.00
N GLU F 266 -14.01 27.71 1.15
CA GLU F 266 -13.88 26.99 2.43
C GLU F 266 -12.49 26.42 2.53
N TYR F 267 -11.59 27.22 3.09
CA TYR F 267 -10.19 26.89 3.19
C TYR F 267 -9.91 26.98 4.66
N LEU F 268 -9.65 25.85 5.31
CA LEU F 268 -9.59 25.84 6.77
C LEU F 268 -8.75 24.76 7.40
N VAL F 269 -8.43 25.01 8.66
CA VAL F 269 -7.73 24.08 9.50
C VAL F 269 -8.71 23.63 10.57
N GLN F 270 -8.76 22.33 10.85
CA GLN F 270 -9.80 21.78 11.70
C GLN F 270 -9.31 20.82 12.77
N ASP G 8 13.46 20.44 -32.10
CA ASP G 8 14.79 19.66 -32.10
C ASP G 8 14.71 18.32 -32.86
N VAL G 9 13.59 18.03 -33.55
CA VAL G 9 13.45 16.85 -34.41
C VAL G 9 14.30 16.97 -35.67
N PRO G 10 15.21 16.01 -35.92
CA PRO G 10 16.16 16.14 -37.04
C PRO G 10 15.50 16.10 -38.41
N GLU G 11 16.18 16.69 -39.38
CA GLU G 11 15.60 16.90 -40.71
C GLU G 11 15.73 15.63 -41.57
N ASN G 12 14.66 15.29 -42.29
CA ASN G 12 14.65 14.11 -43.14
C ASN G 12 14.62 14.48 -44.62
N ASN G 13 15.57 13.95 -45.38
CA ASN G 13 15.64 14.20 -46.82
C ASN G 13 15.07 13.08 -47.69
N GLY G 14 14.18 12.26 -47.14
CA GLY G 14 13.67 11.08 -47.82
C GLY G 14 13.57 9.89 -46.88
N ILE G 15 14.70 9.19 -46.70
CA ILE G 15 14.84 8.12 -45.71
C ILE G 15 15.81 8.54 -44.63
N LEU G 16 15.34 8.50 -43.39
CA LEU G 16 16.18 8.72 -42.22
C LEU G 16 16.08 7.55 -41.26
N ILE G 17 17.23 6.97 -40.98
CA ILE G 17 17.31 5.87 -40.04
C ILE G 17 17.97 6.32 -38.75
N SER G 18 17.23 6.18 -37.65
CA SER G 18 17.76 6.55 -36.35
C SER G 18 18.02 5.29 -35.51
N ILE G 19 19.24 5.20 -34.99
CA ILE G 19 19.68 4.08 -34.16
C ILE G 19 19.95 4.64 -32.77
N LYS G 20 19.10 4.28 -31.84
CA LYS G 20 19.09 4.97 -30.56
C LYS G 20 19.31 4.02 -29.42
N GLU G 21 20.42 4.24 -28.74
CA GLU G 21 20.82 3.41 -27.64
C GLU G 21 20.82 4.20 -26.34
N VAL G 22 20.31 3.59 -25.28
CA VAL G 22 20.25 4.19 -23.97
C VAL G 22 20.93 3.27 -22.97
N ILE G 23 21.78 3.86 -22.13
CA ILE G 23 22.60 3.10 -21.19
C ILE G 23 22.27 3.45 -19.74
N ASN G 24 21.99 2.42 -18.94
CA ASN G 24 21.88 2.52 -17.48
C ASN G 24 23.09 1.85 -16.87
N ALA G 25 23.55 2.35 -15.72
CA ALA G 25 24.67 1.73 -15.04
C ALA G 25 24.73 2.16 -13.57
N GLU G 26 25.20 1.26 -12.71
CA GLU G 26 25.33 1.54 -11.31
C GLU G 26 26.73 1.14 -10.84
N PHE G 27 27.44 2.08 -10.20
CA PHE G 27 28.79 1.87 -9.68
C PHE G 27 28.78 2.01 -8.17
N SER G 28 29.72 1.33 -7.50
CA SER G 28 30.01 1.59 -6.09
C SER G 28 30.81 2.86 -6.02
N ARG G 29 30.94 3.41 -4.83
CA ARG G 29 31.76 4.59 -4.60
C ARG G 29 33.20 4.38 -4.99
N ASP G 30 33.70 3.17 -4.74
CA ASP G 30 35.08 2.84 -5.06
C ASP G 30 35.30 2.48 -6.54
N GLY G 31 34.25 2.43 -7.34
CA GLY G 31 34.39 2.25 -8.77
C GLY G 31 33.99 0.91 -9.36
N THR G 32 33.55 -0.02 -8.52
CA THR G 32 33.18 -1.35 -9.01
C THR G 32 31.83 -1.32 -9.70
N ILE G 33 31.71 -2.03 -10.81
CA ILE G 33 30.47 -2.02 -11.58
C ILE G 33 29.51 -3.00 -10.92
N HIS G 34 28.38 -2.52 -10.41
CA HIS G 34 27.38 -3.41 -9.81
CA HIS G 34 27.33 -3.37 -9.82
C HIS G 34 26.43 -3.96 -10.88
N SER G 35 26.10 -3.16 -11.89
CA SER G 35 25.20 -3.59 -12.98
C SER G 35 25.15 -2.62 -14.16
N SER G 36 24.76 -3.13 -15.32
CA SER G 36 24.49 -2.25 -16.45
C SER G 36 23.44 -2.88 -17.37
N GLU G 37 22.70 -2.02 -18.07
CA GLU G 37 21.65 -2.45 -18.99
C GLU G 37 21.58 -1.46 -20.15
N LEU G 38 21.70 -1.98 -21.37
CA LEU G 38 21.60 -1.15 -22.57
C LEU G 38 20.39 -1.52 -23.42
N LYS G 39 19.55 -0.52 -23.71
CA LYS G 39 18.39 -0.70 -24.57
C LYS G 39 18.62 0.04 -25.85
N GLY G 40 18.16 -0.52 -26.94
CA GLY G 40 18.36 0.09 -28.22
C GLY G 40 17.20 -0.16 -29.14
N VAL G 41 17.11 0.68 -30.16
CA VAL G 41 16.03 0.60 -31.13
C VAL G 41 16.44 1.21 -32.47
N LEU G 42 15.92 0.64 -33.54
CA LEU G 42 16.18 1.12 -34.89
C LEU G 42 14.88 1.67 -35.41
N GLU G 43 14.87 2.99 -35.59
CA GLU G 43 13.69 3.67 -36.05
C GLU G 43 13.86 4.06 -37.50
N LEU G 44 12.75 4.00 -38.21
CA LEU G 44 12.72 4.28 -39.62
C LEU G 44 11.72 5.41 -39.92
N ARG G 45 12.22 6.52 -40.47
CA ARG G 45 11.38 7.64 -40.94
C ARG G 45 11.47 7.84 -42.46
N ILE G 46 10.33 7.79 -43.13
CA ILE G 46 10.29 7.97 -44.58
C ILE G 46 9.21 8.96 -44.94
N ASN G 47 9.54 9.93 -45.81
CA ASN G 47 8.59 10.99 -46.21
C ASN G 47 8.24 11.05 -47.69
N ASP G 48 8.70 10.09 -48.48
CA ASP G 48 8.50 10.11 -49.93
C ASP G 48 8.04 8.74 -50.43
N HIS G 49 6.85 8.68 -51.02
CA HIS G 49 6.29 7.41 -51.52
C HIS G 49 7.19 6.65 -52.50
N ASP G 50 8.05 7.37 -53.22
CA ASP G 50 9.08 6.74 -54.08
C ASP G 50 9.95 5.73 -53.30
N LEU G 51 10.20 6.01 -52.02
CA LEU G 51 11.07 5.19 -51.19
C LEU G 51 10.35 4.29 -50.17
N SER G 52 9.02 4.42 -50.05
CA SER G 52 8.22 3.58 -49.17
C SER G 52 8.51 2.11 -49.36
N HIS G 53 8.74 1.71 -50.61
CA HIS G 53 8.80 0.30 -50.95
C HIS G 53 10.24 -0.16 -50.99
N SER G 54 10.81 -0.25 -49.78
CA SER G 54 12.23 -0.51 -49.58
C SER G 54 12.52 -1.54 -48.46
N ASN G 55 13.79 -1.99 -48.40
CA ASN G 55 14.32 -2.96 -47.43
C ASN G 55 15.65 -2.48 -46.87
N LEU G 56 15.94 -2.80 -45.61
CA LEU G 56 17.21 -2.40 -44.97
C LEU G 56 18.14 -3.57 -44.81
N LYS G 57 19.40 -3.37 -45.18
CA LYS G 57 20.43 -4.36 -44.96
C LYS G 57 21.30 -3.89 -43.81
N LEU G 58 21.34 -4.69 -42.74
CA LEU G 58 22.19 -4.38 -41.60
C LEU G 58 23.64 -4.73 -41.94
N ALA G 59 24.59 -4.01 -41.35
CA ALA G 59 26.00 -4.36 -41.51
C ALA G 59 26.18 -5.85 -41.33
N ASP G 60 26.93 -6.50 -42.22
CA ASP G 60 27.20 -7.95 -42.06
C ASP G 60 28.24 -8.16 -40.93
N SER G 61 28.79 -7.07 -40.39
CA SER G 61 29.57 -7.12 -39.15
C SER G 61 28.76 -7.61 -37.93
N ILE G 62 27.43 -7.56 -38.00
CA ILE G 62 26.55 -7.79 -36.84
C ILE G 62 26.06 -9.22 -36.76
N ASP G 63 26.11 -9.79 -35.56
CA ASP G 63 25.55 -11.12 -35.34
C ASP G 63 24.08 -10.99 -34.91
N VAL G 64 23.18 -11.20 -35.86
CA VAL G 64 21.74 -11.06 -35.60
C VAL G 64 21.18 -12.25 -34.84
N ARG G 65 22.04 -13.20 -34.49
CA ARG G 65 21.62 -14.36 -33.73
C ARG G 65 22.20 -14.39 -32.32
N ASP G 66 22.93 -13.34 -31.94
CA ASP G 66 23.48 -13.23 -30.59
C ASP G 66 22.34 -13.17 -29.56
N LYS G 67 22.21 -14.22 -28.77
CA LYS G 67 21.14 -14.31 -27.75
C LYS G 67 21.19 -13.20 -26.73
N SER G 68 22.38 -12.67 -26.46
CA SER G 68 22.55 -11.68 -25.37
C SER G 68 21.94 -10.32 -25.71
N PHE G 69 21.80 -10.05 -27.02
CA PHE G 69 21.14 -8.84 -27.52
C PHE G 69 19.62 -8.91 -27.50
N GLN G 70 19.03 -10.09 -27.32
CA GLN G 70 17.57 -10.23 -27.24
CA GLN G 70 17.58 -10.23 -27.24
C GLN G 70 16.87 -9.43 -28.35
N PHE G 71 17.34 -9.58 -29.58
CA PHE G 71 16.75 -8.85 -30.72
C PHE G 71 15.29 -9.17 -30.90
N LYS G 72 14.45 -8.15 -30.99
CA LYS G 72 13.02 -8.33 -31.33
C LYS G 72 12.64 -7.39 -32.48
N THR G 73 11.99 -7.99 -33.48
CA THR G 73 11.52 -7.27 -34.63
C THR G 73 10.04 -6.91 -34.48
N HIS G 74 9.67 -5.78 -35.07
CA HIS G 74 8.30 -5.35 -35.15
C HIS G 74 7.47 -6.49 -35.73
N PRO G 75 6.28 -6.75 -35.18
CA PRO G 75 5.45 -7.89 -35.60
C PRO G 75 5.14 -8.01 -37.09
N ASN G 76 5.35 -6.96 -37.88
CA ASN G 76 5.05 -7.00 -39.31
C ASN G 76 6.30 -7.20 -40.15
N ILE G 77 7.45 -7.17 -39.49
CA ILE G 77 8.73 -7.48 -40.13
C ILE G 77 8.90 -8.99 -40.29
N ASP G 78 9.62 -9.39 -41.35
CA ASP G 78 9.88 -10.80 -41.64
C ASP G 78 11.01 -11.30 -40.75
N LYS G 79 10.67 -12.07 -39.71
CA LYS G 79 11.69 -12.64 -38.79
C LYS G 79 12.70 -13.45 -39.55
N GLN G 80 12.18 -14.23 -40.49
CA GLN G 80 12.99 -15.14 -41.28
C GLN G 80 14.10 -14.41 -42.03
N SER G 81 13.72 -13.47 -42.89
CA SER G 81 14.69 -12.71 -43.68
C SER G 81 15.67 -11.98 -42.77
N PHE G 82 15.19 -11.55 -41.61
CA PHE G 82 16.06 -10.87 -40.66
C PHE G 82 17.15 -11.83 -40.18
N LEU G 83 16.70 -12.99 -39.72
CA LEU G 83 17.60 -13.96 -39.09
C LEU G 83 18.61 -14.57 -40.06
N SER G 84 18.14 -14.94 -41.25
CA SER G 84 19.05 -15.52 -42.24
C SER G 84 19.89 -14.46 -42.97
N THR G 85 19.27 -13.39 -43.47
CA THR G 85 19.95 -12.43 -44.36
C THR G 85 20.34 -11.08 -43.74
N LYS G 86 20.02 -10.86 -42.45
CA LYS G 86 20.21 -9.54 -41.80
C LYS G 86 19.46 -8.43 -42.54
N LEU G 87 18.23 -8.75 -42.91
CA LEU G 87 17.42 -7.97 -43.84
C LEU G 87 16.13 -7.54 -43.13
N ILE G 88 15.87 -6.24 -43.08
CA ILE G 88 14.64 -5.71 -42.48
C ILE G 88 13.62 -5.45 -43.58
N SER G 89 12.54 -6.22 -43.58
CA SER G 89 11.50 -6.09 -44.61
C SER G 89 10.18 -6.57 -44.09
N LEU G 90 9.12 -6.19 -44.78
CA LEU G 90 7.78 -6.58 -44.36
C LEU G 90 7.45 -8.01 -44.76
N ARG G 91 6.69 -8.70 -43.91
CA ARG G 91 6.30 -10.08 -44.18
C ARG G 91 5.51 -10.10 -45.47
N ASP G 92 4.50 -9.23 -45.54
CA ASP G 92 3.68 -9.07 -46.73
C ASP G 92 4.45 -8.23 -47.75
N LYS G 93 4.94 -8.90 -48.80
CA LYS G 93 5.83 -8.26 -49.79
C LYS G 93 5.05 -7.28 -50.71
N SER G 94 3.73 -7.39 -50.72
CA SER G 94 2.87 -6.46 -51.45
C SER G 94 2.75 -5.07 -50.79
N LYS G 95 3.01 -4.96 -49.48
CA LYS G 95 2.86 -3.68 -48.77
C LYS G 95 4.16 -2.91 -48.65
N ALA G 96 4.04 -1.61 -48.37
CA ALA G 96 5.18 -0.71 -48.22
C ALA G 96 5.17 -0.04 -46.86
N PHE G 97 6.28 0.59 -46.49
CA PHE G 97 6.38 1.30 -45.21
C PHE G 97 5.59 2.61 -45.27
N PRO G 98 5.14 3.11 -44.11
CA PRO G 98 4.50 4.42 -44.04
C PRO G 98 5.40 5.51 -44.58
N ALA G 99 4.82 6.42 -45.37
CA ALA G 99 5.57 7.54 -45.95
C ALA G 99 5.16 8.89 -45.36
N ASN G 100 4.65 8.87 -44.14
CA ASN G 100 4.21 10.05 -43.45
C ASN G 100 5.28 10.70 -42.54
N ASP G 101 6.55 10.42 -42.79
CA ASP G 101 7.68 10.94 -41.98
C ASP G 101 7.56 10.66 -40.48
N GLN G 102 6.83 9.61 -40.13
CA GLN G 102 6.65 9.23 -38.72
C GLN G 102 7.59 8.10 -38.33
N SER G 103 8.10 8.18 -37.11
CA SER G 103 9.04 7.18 -36.62
C SER G 103 8.39 5.82 -36.41
N LEU G 104 8.94 4.81 -37.09
CA LEU G 104 8.54 3.42 -36.93
C LEU G 104 9.69 2.65 -36.32
N GLY G 105 9.43 2.01 -35.18
CA GLY G 105 10.44 1.18 -34.53
C GLY G 105 10.33 -0.21 -35.08
N VAL G 106 11.31 -0.60 -35.90
CA VAL G 106 11.31 -1.88 -36.60
C VAL G 106 12.09 -2.97 -35.88
N LEU G 107 13.03 -2.55 -35.03
CA LEU G 107 13.87 -3.49 -34.33
C LEU G 107 14.33 -2.96 -32.99
N ARG G 108 14.16 -3.80 -31.96
CA ARG G 108 14.61 -3.47 -30.60
C ARG G 108 15.66 -4.42 -30.16
N TRP G 109 16.45 -3.98 -29.19
CA TRP G 109 17.36 -4.88 -28.52
C TRP G 109 17.68 -4.46 -27.10
N ARG G 110 18.07 -5.44 -26.30
CA ARG G 110 18.39 -5.20 -24.91
C ARG G 110 19.49 -6.12 -24.45
N LYS G 111 20.46 -5.58 -23.74
CA LYS G 111 21.61 -6.34 -23.26
C LYS G 111 21.82 -6.01 -21.80
N VAL G 112 21.98 -7.04 -20.98
CA VAL G 112 22.15 -6.82 -19.54
C VAL G 112 23.46 -7.43 -19.14
N ALA G 113 24.29 -6.68 -18.44
CA ALA G 113 25.54 -7.19 -17.94
C ALA G 113 25.50 -7.33 -16.42
N PRO G 114 26.15 -8.41 -15.92
CA PRO G 114 26.18 -8.66 -14.48
C PRO G 114 27.29 -7.83 -13.84
N ALA G 115 27.33 -7.83 -12.50
CA ALA G 115 28.38 -7.16 -11.75
C ALA G 115 29.76 -7.45 -12.33
N GLU G 116 30.60 -6.41 -12.37
CA GLU G 116 31.99 -6.47 -12.82
C GLU G 116 32.22 -6.67 -14.32
N ASP G 117 31.15 -6.81 -15.10
CA ASP G 117 31.24 -6.79 -16.55
C ASP G 117 31.21 -5.33 -17.03
N ASP G 118 32.29 -4.89 -17.68
CA ASP G 118 32.44 -3.49 -18.09
C ASP G 118 32.23 -3.26 -19.59
N SER G 119 31.59 -4.19 -20.27
CA SER G 119 31.50 -4.16 -21.73
C SER G 119 30.49 -3.15 -22.27
N LEU G 120 29.49 -2.78 -21.47
CA LEU G 120 28.48 -1.78 -21.86
C LEU G 120 28.75 -0.39 -21.27
N ILE G 121 29.91 -0.21 -20.66
CA ILE G 121 30.20 1.02 -19.95
C ILE G 121 30.98 1.96 -20.86
N PRO G 122 30.35 3.05 -21.29
CA PRO G 122 31.10 4.03 -22.05
C PRO G 122 31.93 4.97 -21.17
N LEU G 123 31.59 5.07 -19.89
CA LEU G 123 32.21 6.04 -19.01
C LEU G 123 32.32 5.49 -17.58
N THR G 124 33.53 5.20 -17.15
CA THR G 124 33.74 4.68 -15.80
C THR G 124 33.71 5.80 -14.76
N LEU G 125 33.43 5.47 -13.51
CA LEU G 125 33.28 6.46 -12.45
C LEU G 125 33.77 5.95 -11.10
N THR G 126 34.42 6.83 -10.36
CA THR G 126 34.93 6.54 -9.04
C THR G 126 34.89 7.83 -8.26
N THR G 127 34.72 7.73 -6.96
CA THR G 127 34.73 8.92 -6.14
C THR G 127 35.73 8.81 -5.03
N TRP G 128 36.29 9.95 -4.65
CA TRP G 128 37.14 10.06 -3.50
C TRP G 128 36.63 11.23 -2.69
N VAL G 129 36.43 10.98 -1.39
CA VAL G 129 35.72 11.92 -0.54
C VAL G 129 36.37 12.01 0.84
N SER G 130 36.85 13.21 1.18
CA SER G 130 37.34 13.47 2.53
C SER G 130 36.61 14.68 3.10
N PRO G 131 36.51 14.77 4.45
CA PRO G 131 35.96 15.97 5.10
C PRO G 131 36.82 17.19 4.80
N SER G 132 36.21 18.36 4.62
CA SER G 132 36.96 19.56 4.18
C SER G 132 37.32 20.54 5.30
N GLU G 133 38.25 21.45 5.00
CA GLU G 133 38.68 22.51 5.92
C GLU G 133 37.75 23.69 5.72
N SER G 134 37.65 24.14 4.46
CA SER G 134 37.04 25.42 4.11
C SER G 134 35.51 25.51 4.25
N GLN G 135 34.83 24.36 4.33
CA GLN G 135 33.38 24.33 4.54
C GLN G 135 32.96 23.26 5.53
N GLN G 136 31.70 23.36 5.97
CA GLN G 136 31.12 22.35 6.84
C GLN G 136 30.57 21.22 5.96
N GLY G 137 31.47 20.35 5.53
CA GLY G 137 31.13 19.30 4.59
C GLY G 137 32.32 18.55 4.04
N PHE G 138 32.41 18.50 2.71
CA PHE G 138 33.25 17.49 2.08
C PHE G 138 33.99 17.97 0.84
N ASP G 139 35.25 17.54 0.74
CA ASP G 139 36.04 17.66 -0.48
C ASP G 139 35.84 16.39 -1.31
N VAL G 140 35.45 16.59 -2.57
CA VAL G 140 35.04 15.48 -3.42
C VAL G 140 35.80 15.50 -4.73
N ILE G 141 36.22 14.32 -5.18
CA ILE G 141 36.78 14.19 -6.51
C ILE G 141 36.07 13.06 -7.20
N ILE G 142 35.57 13.33 -8.39
CA ILE G 142 35.00 12.29 -9.22
C ILE G 142 35.95 12.00 -10.36
N GLU G 143 36.55 10.81 -10.37
CA GLU G 143 37.40 10.38 -11.48
C GLU G 143 36.52 9.72 -12.54
N TYR G 144 36.73 10.10 -13.79
CA TYR G 144 36.00 9.49 -14.89
C TYR G 144 36.97 9.03 -15.95
N GLU G 145 36.56 8.08 -16.78
CA GLU G 145 37.29 7.74 -18.00
C GLU G 145 36.34 7.34 -19.14
N SER G 146 36.48 7.99 -20.30
CA SER G 146 35.72 7.62 -21.48
C SER G 146 36.43 6.52 -22.23
N VAL G 147 35.65 5.71 -22.93
CA VAL G 147 36.19 4.73 -23.88
C VAL G 147 35.54 4.96 -25.26
N LEU G 148 34.82 6.07 -25.38
CA LEU G 148 34.20 6.44 -26.64
C LEU G 148 35.23 7.02 -27.60
N GLU G 149 34.96 6.87 -28.90
CA GLU G 149 35.84 7.38 -29.93
C GLU G 149 35.48 8.84 -30.26
N THR G 150 34.21 9.22 -30.08
CA THR G 150 33.82 10.65 -30.16
C THR G 150 34.02 11.33 -28.80
N GLU G 151 33.90 12.66 -28.75
CA GLU G 151 33.97 13.38 -27.48
C GLU G 151 32.57 13.64 -26.97
N LEU G 152 32.47 13.79 -25.66
CA LEU G 152 31.21 14.08 -25.00
C LEU G 152 31.22 15.54 -24.63
N ALA G 153 30.09 16.20 -24.81
CA ALA G 153 29.96 17.60 -24.48
C ALA G 153 28.87 17.77 -23.43
N ASP G 154 29.06 18.76 -22.57
CA ASP G 154 28.02 19.15 -21.59
C ASP G 154 27.52 17.98 -20.74
N VAL G 155 28.46 17.38 -20.03
CA VAL G 155 28.21 16.26 -19.15
C VAL G 155 27.85 16.81 -17.78
N ILE G 156 26.77 16.31 -17.20
CA ILE G 156 26.25 16.92 -15.99
C ILE G 156 26.23 15.95 -14.81
N PHE G 157 27.06 16.25 -13.82
CA PHE G 157 27.11 15.48 -12.58
C PHE G 157 26.17 16.11 -11.56
N THR G 158 25.35 15.29 -10.93
CA THR G 158 24.37 15.78 -9.98
C THR G 158 24.55 15.14 -8.61
N ILE G 159 24.72 15.97 -7.58
CA ILE G 159 24.80 15.50 -6.19
C ILE G 159 23.46 15.79 -5.52
N PRO G 160 22.91 14.82 -4.76
CA PRO G 160 21.59 15.06 -4.17
C PRO G 160 21.66 15.80 -2.81
N VAL G 161 22.16 17.04 -2.84
CA VAL G 161 22.11 17.92 -1.68
C VAL G 161 21.87 19.35 -2.13
N PHE G 162 21.26 20.13 -1.22
CA PHE G 162 21.05 21.57 -1.38
C PHE G 162 21.83 22.26 -0.26
N PRO G 163 23.02 22.79 -0.58
CA PRO G 163 23.78 23.45 0.47
C PRO G 163 23.47 24.94 0.58
N GLN G 164 23.86 25.53 1.71
CA GLN G 164 23.59 26.93 1.98
C GLN G 164 24.65 27.80 1.32
N GLU G 165 25.90 27.65 1.78
CA GLU G 165 27.06 28.26 1.12
C GLU G 165 27.19 27.68 -0.30
N PRO G 166 27.64 28.51 -1.28
CA PRO G 166 27.71 27.91 -2.61
C PRO G 166 28.91 26.94 -2.75
N VAL G 167 28.89 26.15 -3.82
CA VAL G 167 29.95 25.18 -4.10
C VAL G 167 31.24 25.86 -4.51
N ASP G 168 32.37 25.36 -4.02
CA ASP G 168 33.69 25.83 -4.45
C ASP G 168 34.38 24.77 -5.30
N ILE G 169 34.47 25.03 -6.60
CA ILE G 169 35.15 24.13 -7.51
C ILE G 169 36.64 24.34 -7.40
N ASN G 170 37.38 23.28 -7.07
CA ASN G 170 38.85 23.32 -7.12
C ASN G 170 39.28 23.22 -8.57
N THR G 171 39.67 24.33 -9.14
CA THR G 171 39.89 24.44 -10.57
C THR G 171 41.31 23.98 -10.99
N GLU G 172 42.19 23.89 -10.00
CA GLU G 172 43.56 23.43 -10.22
C GLU G 172 43.57 21.88 -10.17
N SER G 173 42.75 21.28 -9.30
CA SER G 173 42.72 19.83 -9.05
C SER G 173 41.77 19.12 -10.03
N SER G 174 41.00 19.90 -10.82
CA SER G 174 40.10 19.36 -11.83
C SER G 174 40.85 19.23 -13.14
N THR G 175 40.17 18.74 -14.18
CA THR G 175 40.76 18.56 -15.51
C THR G 175 40.17 19.51 -16.56
N CYS G 176 38.86 19.70 -16.52
CA CYS G 176 38.22 20.74 -17.30
C CYS G 176 37.95 21.94 -16.37
N SER G 177 38.86 22.91 -16.41
CA SER G 177 38.99 23.94 -15.35
C SER G 177 37.79 24.86 -15.26
N ASP G 178 37.18 25.15 -16.41
CA ASP G 178 35.98 25.99 -16.50
C ASP G 178 34.65 25.21 -16.33
N ALA G 179 34.64 24.22 -15.45
CA ALA G 179 33.40 23.57 -15.03
C ALA G 179 32.60 24.57 -14.22
N GLU G 180 31.27 24.56 -14.36
CA GLU G 180 30.42 25.50 -13.63
C GLU G 180 29.19 24.83 -13.03
N VAL G 181 28.76 25.28 -11.86
CA VAL G 181 27.47 24.85 -11.32
C VAL G 181 26.39 25.42 -12.23
N VAL G 182 25.35 24.65 -12.53
CA VAL G 182 24.23 25.14 -13.35
C VAL G 182 22.88 24.96 -12.67
N ASN G 183 22.86 24.45 -11.45
CA ASN G 183 21.59 24.23 -10.77
C ASN G 183 21.77 23.81 -9.33
N MET G 184 21.45 24.71 -8.41
CA MET G 184 21.10 24.27 -7.07
C MET G 184 19.59 24.35 -7.05
N ASP G 185 18.98 23.73 -6.06
CA ASP G 185 17.57 23.41 -6.09
C ASP G 185 17.35 22.32 -5.06
N GLN G 186 16.29 22.43 -4.27
CA GLN G 186 16.00 21.43 -3.24
C GLN G 186 15.45 20.12 -3.80
N GLU G 187 14.68 20.22 -4.89
CA GLU G 187 14.10 19.04 -5.54
C GLU G 187 15.20 18.16 -6.12
N MET G 188 15.94 18.69 -7.09
CA MET G 188 17.00 17.95 -7.80
C MET G 188 18.31 17.79 -7.02
N GLY G 189 18.69 18.83 -6.29
CA GLY G 189 20.01 18.90 -5.66
C GLY G 189 20.94 19.74 -6.52
N THR G 190 22.24 19.57 -6.32
CA THR G 190 23.26 20.39 -6.98
C THR G 190 23.83 19.72 -8.24
N SER G 191 23.83 20.45 -9.37
CA SER G 191 24.30 19.93 -10.66
C SER G 191 25.45 20.73 -11.24
N ILE G 192 26.55 20.05 -11.54
CA ILE G 192 27.75 20.67 -12.10
C ILE G 192 27.95 20.20 -13.52
N LYS G 193 28.25 21.14 -14.41
CA LYS G 193 28.42 20.84 -15.82
C LYS G 193 29.89 20.89 -16.21
N ILE G 194 30.26 20.06 -17.17
CA ILE G 194 31.60 20.01 -17.72
C ILE G 194 31.52 20.25 -19.23
N SER G 195 32.45 21.03 -19.76
CA SER G 195 32.44 21.35 -21.19
C SER G 195 32.55 20.10 -22.05
N LYS G 196 33.65 19.39 -21.85
CA LYS G 196 34.06 18.32 -22.75
C LYS G 196 34.71 17.19 -21.96
N ILE G 197 34.45 15.95 -22.41
CA ILE G 197 35.27 14.82 -22.01
C ILE G 197 35.84 14.25 -23.29
N ALA G 198 37.16 14.28 -23.35
CA ALA G 198 37.85 13.91 -24.56
C ALA G 198 37.74 12.41 -24.81
N ALA G 199 37.53 12.05 -26.08
CA ALA G 199 37.54 10.65 -26.51
C ALA G 199 38.70 9.89 -25.87
N ASN G 200 38.41 8.67 -25.41
CA ASN G 200 39.41 7.78 -24.77
C ASN G 200 40.32 8.40 -23.71
N ASP G 201 39.92 9.51 -23.09
CA ASP G 201 40.76 10.18 -22.09
C ASP G 201 40.10 10.13 -20.72
N ALA G 202 40.93 9.97 -19.70
CA ALA G 202 40.54 10.11 -18.30
C ALA G 202 40.55 11.56 -17.85
N GLY G 203 39.90 11.81 -16.72
CA GLY G 203 39.82 13.13 -16.17
C GLY G 203 39.33 13.06 -14.74
N ALA G 204 39.17 14.23 -14.13
CA ALA G 204 38.64 14.34 -12.78
C ALA G 204 37.90 15.64 -12.62
N LEU G 205 36.99 15.65 -11.67
CA LEU G 205 36.23 16.83 -11.32
C LEU G 205 36.29 16.96 -9.81
N ALA G 206 36.86 18.04 -9.32
CA ALA G 206 37.12 18.20 -7.90
C ALA G 206 36.42 19.43 -7.39
N PHE G 207 35.86 19.32 -6.19
CA PHE G 207 35.12 20.43 -5.59
C PHE G 207 34.87 20.21 -4.12
N THR G 208 34.40 21.27 -3.47
CA THR G 208 34.01 21.23 -2.06
C THR G 208 32.54 21.59 -1.93
N ILE G 209 31.85 20.89 -1.04
CA ILE G 209 30.41 21.05 -0.91
C ILE G 209 29.95 20.80 0.53
N GLU G 210 28.94 21.54 0.95
CA GLU G 210 28.31 21.44 2.27
C GLU G 210 27.38 20.24 2.38
N ALA G 211 27.52 19.45 3.44
CA ALA G 211 26.61 18.33 3.67
C ALA G 211 26.76 17.76 5.07
N PRO G 212 25.70 17.13 5.58
CA PRO G 212 25.68 16.57 6.93
C PRO G 212 26.67 15.45 7.19
N TYR G 213 26.65 14.45 6.33
CA TYR G 213 27.51 13.29 6.47
C TYR G 213 27.78 12.71 5.07
N GLU G 214 28.72 11.76 5.00
CA GLU G 214 29.15 11.24 3.72
C GLU G 214 28.00 10.63 2.89
N ASP G 215 27.20 9.73 3.47
CA ASP G 215 26.11 9.05 2.72
C ASP G 215 25.12 10.01 2.05
N ALA G 216 25.08 11.25 2.52
CA ALA G 216 24.20 12.27 1.97
C ALA G 216 24.55 12.72 0.57
N LEU G 217 25.78 12.44 0.14
CA LEU G 217 26.27 12.80 -1.19
C LEU G 217 25.88 11.81 -2.28
N TYR G 218 25.37 10.65 -1.87
CA TYR G 218 25.04 9.61 -2.81
C TYR G 218 23.54 9.36 -2.79
N PRO G 219 22.98 8.84 -3.89
CA PRO G 219 23.63 8.56 -5.14
C PRO G 219 23.91 9.80 -6.04
N MET G 220 25.11 9.84 -6.63
CA MET G 220 25.47 10.86 -7.62
C MET G 220 25.08 10.38 -8.98
N THR G 221 24.46 11.25 -9.76
CA THR G 221 24.02 10.85 -11.09
C THR G 221 24.79 11.61 -12.15
N VAL G 222 25.18 10.90 -13.18
CA VAL G 222 25.80 11.53 -14.34
C VAL G 222 24.80 11.50 -15.46
N SER G 223 24.93 12.49 -16.34
CA SER G 223 24.04 12.60 -17.46
C SER G 223 24.81 13.10 -18.68
N PHE G 224 24.72 12.34 -19.77
CA PHE G 224 25.50 12.64 -20.96
C PHE G 224 24.78 12.11 -22.18
N GLN G 225 25.27 12.49 -23.34
CA GLN G 225 24.52 12.34 -24.56
C GLN G 225 25.50 12.48 -25.71
N GLU G 226 25.19 11.89 -26.84
CA GLU G 226 26.15 11.86 -27.95
C GLU G 226 25.44 11.46 -29.23
N SER G 227 25.81 12.08 -30.33
CA SER G 227 25.09 11.90 -31.58
C SER G 227 26.02 12.14 -32.76
N THR G 228 25.91 11.33 -33.80
CA THR G 228 26.54 11.63 -35.08
C THR G 228 25.62 11.29 -36.26
N ARG G 229 25.76 12.04 -37.35
CA ARG G 229 24.91 11.89 -38.54
C ARG G 229 25.65 11.21 -39.69
N ASP G 230 26.96 11.03 -39.57
CA ASP G 230 27.75 10.21 -40.50
C ASP G 230 26.96 8.96 -41.00
N LYS G 231 26.96 8.74 -42.31
CA LYS G 231 26.28 7.60 -42.93
C LYS G 231 26.99 6.24 -42.70
N LEU G 232 28.26 6.28 -42.27
CA LEU G 232 29.05 5.07 -41.98
C LEU G 232 29.12 4.82 -40.45
N ALA G 233 28.20 5.45 -39.71
CA ALA G 233 28.25 5.46 -38.24
C ALA G 233 27.88 4.11 -37.66
N LYS G 234 28.63 3.69 -36.65
CA LYS G 234 28.33 2.51 -35.86
C LYS G 234 27.81 2.96 -34.51
N SER G 235 26.92 2.16 -33.91
CA SER G 235 26.45 2.44 -32.55
C SER G 235 27.52 2.01 -31.56
N PHE G 236 27.28 2.28 -30.28
CA PHE G 236 28.21 1.88 -29.22
C PHE G 236 28.37 0.38 -29.18
N THR G 237 27.28 -0.34 -29.46
CA THR G 237 27.30 -1.80 -29.47
C THR G 237 27.63 -2.40 -30.84
N GLY G 238 28.06 -1.56 -31.80
CA GLY G 238 28.43 -2.03 -33.16
C GLY G 238 27.29 -2.14 -34.17
N MET G 239 26.15 -1.57 -33.83
CA MET G 239 24.98 -1.60 -34.69
C MET G 239 25.10 -0.58 -35.83
N ALA G 240 24.68 -0.94 -37.04
CA ALA G 240 24.87 -0.08 -38.24
C ALA G 240 24.21 -0.61 -39.51
N ILE G 241 24.05 0.28 -40.48
CA ILE G 241 23.36 -0.05 -41.72
C ILE G 241 24.38 -0.28 -42.82
N GLN G 242 24.17 -1.29 -43.64
CA GLN G 242 25.01 -1.49 -44.84
C GLN G 242 24.49 -0.71 -46.05
N SER G 243 23.22 -0.94 -46.38
CA SER G 243 22.56 -0.23 -47.46
C SER G 243 21.05 -0.24 -47.30
N VAL G 244 20.40 0.62 -48.07
CA VAL G 244 18.95 0.57 -48.24
C VAL G 244 18.71 0.30 -49.72
N VAL G 245 17.60 -0.37 -50.03
CA VAL G 245 17.49 -1.16 -51.23
C VAL G 245 16.04 -1.33 -51.64
N MET G 246 15.78 -1.32 -52.94
CA MET G 246 14.41 -1.56 -53.46
C MET G 246 13.87 -2.93 -53.02
N ALA G 247 12.61 -2.98 -52.60
CA ALA G 247 12.01 -4.22 -52.14
C ALA G 247 11.97 -5.31 -53.22
N ASN G 248 12.00 -4.94 -54.49
CA ASN G 248 12.04 -5.92 -55.59
C ASN G 248 13.45 -6.12 -56.16
N ASP G 249 14.07 -5.05 -56.63
CA ASP G 249 15.41 -5.11 -57.19
C ASP G 249 16.46 -4.92 -56.09
N HIS G 250 16.91 -6.02 -55.49
CA HIS G 250 17.90 -5.92 -54.40
C HIS G 250 19.28 -5.36 -54.80
N ASP G 251 19.55 -5.25 -56.10
CA ASP G 251 20.78 -4.62 -56.58
C ASP G 251 20.61 -3.11 -56.67
N GLN G 252 19.36 -2.66 -56.68
CA GLN G 252 19.00 -1.25 -56.76
C GLN G 252 19.08 -0.50 -55.40
N GLU G 253 20.20 0.17 -55.13
CA GLU G 253 20.38 0.93 -53.89
C GLU G 253 19.51 2.21 -53.90
N LEU G 254 19.20 2.71 -52.69
CA LEU G 254 18.44 3.96 -52.52
C LEU G 254 19.23 4.87 -51.60
N PRO G 255 18.91 6.16 -51.61
CA PRO G 255 19.67 7.09 -50.76
C PRO G 255 19.09 7.21 -49.34
N TYR G 256 19.97 7.46 -48.36
CA TYR G 256 19.51 7.57 -46.98
C TYR G 256 20.52 8.26 -46.08
N ASP G 257 20.02 8.73 -44.94
CA ASP G 257 20.86 9.27 -43.87
C ASP G 257 20.70 8.35 -42.67
N VAL G 258 21.60 8.50 -41.70
CA VAL G 258 21.49 7.75 -40.48
C VAL G 258 22.09 8.51 -39.28
N ILE G 259 21.30 8.60 -38.22
CA ILE G 259 21.74 9.19 -36.97
C ILE G 259 21.93 8.11 -35.93
N THR G 260 23.04 8.19 -35.22
CA THR G 260 23.42 7.23 -34.20
C THR G 260 23.55 7.97 -32.89
N SER G 261 22.64 7.69 -31.96
CA SER G 261 22.65 8.32 -30.65
C SER G 261 23.04 7.38 -29.50
N LEU G 262 23.48 7.95 -28.39
CA LEU G 262 23.70 7.24 -27.13
C LEU G 262 23.44 8.18 -25.96
N LYS G 263 22.34 7.98 -25.25
CA LYS G 263 22.03 8.80 -24.09
C LYS G 263 22.13 7.98 -22.83
N SER G 264 22.49 8.62 -21.73
CA SER G 264 22.51 7.97 -20.45
C SER G 264 21.14 8.11 -19.85
N ASP G 265 20.69 7.14 -19.05
CA ASP G 265 19.45 7.27 -18.28
C ASP G 265 19.78 7.21 -16.77
N GLU G 266 19.54 6.07 -16.11
CA GLU G 266 19.94 5.88 -14.70
C GLU G 266 21.39 5.42 -14.64
N TYR G 267 22.29 6.39 -14.60
CA TYR G 267 23.70 6.16 -14.63
C TYR G 267 24.21 6.81 -13.36
N LEU G 268 24.66 6.02 -12.40
CA LEU G 268 24.95 6.57 -11.10
C LEU G 268 25.97 5.83 -10.23
N VAL G 269 26.47 6.55 -9.22
CA VAL G 269 27.38 6.02 -8.24
C VAL G 269 26.64 6.02 -6.91
N GLN G 270 26.73 4.93 -6.16
CA GLN G 270 25.85 4.71 -5.01
C GLN G 270 26.58 4.23 -3.76
N ASP H 8 9.55 -40.45 -3.01
CA ASP H 8 10.65 -41.29 -3.56
C ASP H 8 11.68 -41.77 -2.50
N VAL H 9 11.39 -41.57 -1.20
CA VAL H 9 12.25 -42.03 -0.10
C VAL H 9 12.22 -43.55 0.08
N PRO H 10 13.39 -44.21 -0.02
CA PRO H 10 13.43 -45.67 0.06
C PRO H 10 13.00 -46.27 1.42
N GLU H 11 12.56 -47.52 1.38
CA GLU H 11 11.94 -48.17 2.53
C GLU H 11 13.01 -48.74 3.47
N ASN H 12 12.83 -48.55 4.77
CA ASN H 12 13.78 -49.03 5.77
C ASN H 12 13.21 -50.17 6.61
N ASN H 13 13.92 -51.30 6.64
CA ASN H 13 13.49 -52.47 7.43
C ASN H 13 14.19 -52.61 8.77
N GLY H 14 14.70 -51.51 9.32
CA GLY H 14 15.50 -51.55 10.56
C GLY H 14 16.70 -50.63 10.48
N ILE H 15 17.77 -51.13 9.86
CA ILE H 15 18.94 -50.34 9.52
C ILE H 15 19.07 -50.20 8.01
N LEU H 16 19.13 -48.97 7.55
CA LEU H 16 19.41 -48.67 6.15
C LEU H 16 20.59 -47.72 6.01
N ILE H 17 21.59 -48.17 5.28
CA ILE H 17 22.77 -47.37 5.04
C ILE H 17 22.79 -46.90 3.61
N SER H 18 22.83 -45.59 3.43
CA SER H 18 22.92 -45.01 2.11
C SER H 18 24.30 -44.39 1.87
N ILE H 19 24.91 -44.79 0.76
CA ILE H 19 26.22 -44.30 0.32
C ILE H 19 26.00 -43.51 -0.96
N LYS H 20 26.18 -42.20 -0.87
CA LYS H 20 25.75 -41.34 -1.96
C LYS H 20 26.86 -40.49 -2.51
N GLU H 21 27.18 -40.74 -3.78
CA GLU H 21 28.30 -40.09 -4.46
C GLU H 21 27.82 -39.26 -5.63
N VAL H 22 28.40 -38.08 -5.77
CA VAL H 22 28.08 -37.17 -6.85
C VAL H 22 29.35 -36.79 -7.61
N ILE H 23 29.28 -36.80 -8.94
CA ILE H 23 30.44 -36.58 -9.77
C ILE H 23 30.28 -35.36 -10.68
N ASN H 24 31.26 -34.46 -10.63
CA ASN H 24 31.40 -33.36 -11.58
C ASN H 24 32.58 -33.65 -12.48
N ALA H 25 32.51 -33.19 -13.73
CA ALA H 25 33.64 -33.36 -14.63
C ALA H 25 33.57 -32.43 -15.81
N GLU H 26 34.72 -32.05 -16.33
CA GLU H 26 34.78 -31.15 -17.47
C GLU H 26 35.74 -31.71 -18.50
N PHE H 27 35.27 -31.85 -19.74
CA PHE H 27 36.08 -32.35 -20.85
C PHE H 27 36.27 -31.28 -21.90
N SER H 28 37.36 -31.37 -22.67
CA SER H 28 37.53 -30.58 -23.88
C SER H 28 36.72 -31.23 -24.97
N ARG H 29 36.51 -30.51 -26.06
CA ARG H 29 35.78 -31.02 -27.19
C ARG H 29 36.41 -32.26 -27.76
N ASP H 30 37.74 -32.29 -27.75
CA ASP H 30 38.49 -33.43 -28.26
C ASP H 30 38.61 -34.60 -27.27
N GLY H 31 38.08 -34.47 -26.07
CA GLY H 31 38.01 -35.59 -25.14
C GLY H 31 38.97 -35.58 -23.96
N THR H 32 39.82 -34.57 -23.86
CA THR H 32 40.78 -34.51 -22.76
C THR H 32 40.09 -34.09 -21.48
N ILE H 33 40.47 -34.72 -20.38
CA ILE H 33 39.86 -34.41 -19.10
C ILE H 33 40.55 -33.14 -18.56
N HIS H 34 39.80 -32.06 -18.38
CA HIS H 34 40.35 -30.82 -17.81
CA HIS H 34 40.38 -30.85 -17.80
C HIS H 34 40.29 -30.87 -16.27
N SER H 35 39.24 -31.48 -15.72
CA SER H 35 39.07 -31.58 -14.26
C SER H 35 37.94 -32.52 -13.82
N SER H 36 38.01 -33.03 -12.60
CA SER H 36 36.90 -33.77 -12.01
C SER H 36 36.90 -33.66 -10.49
N GLU H 37 35.71 -33.78 -9.91
CA GLU H 37 35.54 -33.66 -8.47
C GLU H 37 34.40 -34.57 -8.06
N LEU H 38 34.68 -35.46 -7.12
CA LEU H 38 33.67 -36.34 -6.57
C LEU H 38 33.40 -36.05 -5.10
N LYS H 39 32.12 -35.85 -4.75
CA LYS H 39 31.69 -35.69 -3.35
C LYS H 39 30.86 -36.89 -2.93
N GLY H 40 31.01 -37.31 -1.67
CA GLY H 40 30.34 -38.49 -1.18
C GLY H 40 30.00 -38.38 0.29
N VAL H 41 29.04 -39.21 0.71
CA VAL H 41 28.58 -39.21 2.08
C VAL H 41 27.98 -40.54 2.44
N LEU H 42 28.13 -40.92 3.70
CA LEU H 42 27.56 -42.15 4.22
C LEU H 42 26.49 -41.75 5.21
N GLU H 43 25.25 -42.05 4.85
CA GLU H 43 24.09 -41.75 5.70
C GLU H 43 23.59 -43.00 6.38
N LEU H 44 23.15 -42.82 7.62
CA LEU H 44 22.67 -43.91 8.45
C LEU H 44 21.24 -43.64 8.90
N ARG H 45 20.31 -44.52 8.53
CA ARG H 45 18.91 -44.45 8.97
C ARG H 45 18.55 -45.66 9.82
N ILE H 46 18.09 -45.43 11.05
CA ILE H 46 17.65 -46.52 11.92
C ILE H 46 16.27 -46.22 12.48
N ASN H 47 15.36 -47.21 12.46
CA ASN H 47 13.98 -47.04 12.96
C ASN H 47 13.55 -47.94 14.13
N ASP H 48 14.48 -48.71 14.68
CA ASP H 48 14.16 -49.69 15.73
C ASP H 48 15.18 -49.61 16.89
N HIS H 49 14.70 -49.29 18.09
CA HIS H 49 15.59 -49.12 19.25
CA HIS H 49 15.49 -49.17 19.34
C HIS H 49 16.46 -50.34 19.56
N ASP H 50 16.02 -51.53 19.17
CA ASP H 50 16.84 -52.75 19.26
C ASP H 50 18.20 -52.59 18.57
N LEU H 51 18.24 -51.82 17.49
CA LEU H 51 19.44 -51.66 16.68
C LEU H 51 20.16 -50.31 16.86
N SER H 52 19.57 -49.38 17.63
CA SER H 52 20.17 -48.08 17.94
C SER H 52 21.61 -48.21 18.37
N HIS H 53 21.88 -49.24 19.16
CA HIS H 53 23.14 -49.34 19.85
C HIS H 53 24.11 -50.25 19.07
N SER H 54 24.57 -49.70 17.96
CA SER H 54 25.35 -50.44 16.95
C SER H 54 26.57 -49.65 16.42
N ASN H 55 27.44 -50.35 15.69
CA ASN H 55 28.67 -49.82 15.08
C ASN H 55 28.78 -50.32 13.65
N LEU H 56 29.37 -49.52 12.76
CA LEU H 56 29.56 -49.94 11.36
C LEU H 56 31.01 -50.26 11.08
N LYS H 57 31.23 -51.39 10.39
CA LYS H 57 32.56 -51.77 9.94
C LYS H 57 32.63 -51.55 8.46
N LEU H 58 33.54 -50.68 8.03
CA LEU H 58 33.73 -50.41 6.62
C LEU H 58 34.52 -51.55 6.03
N ALA H 59 34.32 -51.82 4.74
CA ALA H 59 35.11 -52.82 4.04
C ALA H 59 36.59 -52.60 4.36
N ASP H 60 37.32 -53.66 4.69
CA ASP H 60 38.76 -53.52 4.94
C ASP H 60 39.51 -53.33 3.61
N SER H 61 38.79 -53.43 2.48
CA SER H 61 39.30 -52.99 1.18
C SER H 61 39.62 -51.47 1.08
N ILE H 62 39.08 -50.68 2.00
CA ILE H 62 39.17 -49.22 1.94
C ILE H 62 40.30 -48.63 2.77
N ASP H 63 41.03 -47.69 2.17
CA ASP H 63 42.08 -47.00 2.89
C ASP H 63 41.50 -45.75 3.55
N VAL H 64 41.20 -45.84 4.84
CA VAL H 64 40.60 -44.72 5.57
C VAL H 64 41.62 -43.63 5.90
N ARG H 65 42.86 -43.81 5.46
CA ARG H 65 43.89 -42.81 5.71
C ARG H 65 44.37 -42.13 4.44
N ASP H 66 43.74 -42.46 3.31
CA ASP H 66 44.06 -41.82 2.06
C ASP H 66 43.74 -40.33 2.14
N LYS H 67 44.80 -39.51 2.17
CA LYS H 67 44.71 -38.05 2.26
C LYS H 67 43.83 -37.44 1.10
N SER H 68 43.78 -38.11 -0.05
CA SER H 68 43.12 -37.56 -1.25
C SER H 68 41.59 -37.60 -1.15
N PHE H 69 41.09 -38.50 -0.31
CA PHE H 69 39.66 -38.62 -0.03
C PHE H 69 39.16 -37.59 0.98
N GLN H 70 40.04 -36.90 1.70
CA GLN H 70 39.63 -35.86 2.63
C GLN H 70 38.46 -36.36 3.47
N PHE H 71 38.57 -37.56 4.02
CA PHE H 71 37.53 -38.09 4.89
C PHE H 71 37.27 -37.22 6.12
N LYS H 72 36.01 -36.88 6.35
CA LYS H 72 35.60 -36.18 7.56
C LYS H 72 34.43 -36.90 8.21
N THR H 73 34.58 -37.15 9.51
CA THR H 73 33.59 -37.82 10.31
C THR H 73 32.77 -36.80 11.07
N HIS H 74 31.50 -37.12 11.26
CA HIS H 74 30.61 -36.33 12.07
C HIS H 74 31.28 -36.10 13.41
N PRO H 75 31.21 -34.88 13.93
CA PRO H 75 31.86 -34.52 15.19
C PRO H 75 31.60 -35.42 16.41
N ASN H 76 30.58 -36.26 16.41
CA ASN H 76 30.29 -37.15 17.53
C ASN H 76 30.80 -38.56 17.33
N ILE H 77 31.29 -38.83 16.13
CA ILE H 77 31.89 -40.09 15.81
C ILE H 77 33.32 -40.13 16.38
N ASP H 78 33.78 -41.33 16.72
CA ASP H 78 35.12 -41.55 17.26
C ASP H 78 36.14 -41.55 16.11
N LYS H 79 36.88 -40.45 15.96
CA LYS H 79 37.90 -40.34 14.89
C LYS H 79 38.91 -41.47 15.03
N GLN H 80 39.29 -41.74 16.27
CA GLN H 80 40.31 -42.75 16.60
C GLN H 80 39.93 -44.14 16.08
N SER H 81 38.80 -44.66 16.54
CA SER H 81 38.34 -45.96 16.10
C SER H 81 38.18 -45.99 14.59
N PHE H 82 37.76 -44.87 13.99
CA PHE H 82 37.59 -44.82 12.54
C PHE H 82 38.95 -45.04 11.86
N LEU H 83 39.93 -44.28 12.30
CA LEU H 83 41.23 -44.26 11.65
C LEU H 83 42.00 -45.55 11.84
N SER H 84 41.98 -46.10 13.05
CA SER H 84 42.70 -47.36 13.30
C SER H 84 41.93 -48.59 12.81
N THR H 85 40.64 -48.69 13.15
CA THR H 85 39.86 -49.91 12.93
C THR H 85 38.86 -49.88 11.75
N LYS H 86 38.74 -48.75 11.05
CA LYS H 86 37.71 -48.56 10.00
C LYS H 86 36.29 -48.77 10.55
N LEU H 87 36.08 -48.20 11.74
CA LEU H 87 34.94 -48.47 12.58
C LEU H 87 34.19 -47.17 12.84
N ILE H 88 32.90 -47.13 12.50
CA ILE H 88 32.05 -45.95 12.73
C ILE H 88 31.27 -46.14 14.02
N SER H 89 31.57 -45.34 15.02
CA SER H 89 30.93 -45.46 16.32
C SER H 89 30.97 -44.14 17.05
N LEU H 90 30.14 -44.02 18.07
CA LEU H 90 30.08 -42.77 18.82
C LEU H 90 31.21 -42.66 19.83
N ARG H 91 31.68 -41.44 20.05
CA ARG H 91 32.76 -41.22 20.99
C ARG H 91 32.30 -41.67 22.36
N ASP H 92 31.13 -41.17 22.75
CA ASP H 92 30.50 -41.56 24.01
C ASP H 92 29.87 -42.94 23.84
N LYS H 93 30.51 -43.96 24.44
CA LYS H 93 30.08 -45.36 24.25
C LYS H 93 28.76 -45.68 24.99
N SER H 94 28.39 -44.82 25.93
CA SER H 94 27.11 -44.94 26.63
C SER H 94 25.89 -44.57 25.77
N LYS H 95 26.07 -43.77 24.72
CA LYS H 95 24.94 -43.30 23.88
C LYS H 95 24.74 -44.15 22.63
N ALA H 96 23.55 -44.03 22.06
CA ALA H 96 23.17 -44.81 20.87
C ALA H 96 22.75 -43.86 19.77
N PHE H 97 22.65 -44.40 18.56
CA PHE H 97 22.23 -43.59 17.41
C PHE H 97 20.74 -43.28 17.53
N PRO H 98 20.29 -42.17 16.92
CA PRO H 98 18.87 -41.91 16.76
C PRO H 98 18.11 -43.07 16.11
N ALA H 99 16.95 -43.42 16.67
CA ALA H 99 16.11 -44.48 16.12
C ALA H 99 14.80 -43.92 15.52
N ASN H 100 14.85 -42.67 15.09
CA ASN H 100 13.68 -42.00 14.50
C ASN H 100 13.61 -42.11 12.95
N ASP H 101 14.29 -43.08 12.36
CA ASP H 101 14.34 -43.27 10.88
C ASP H 101 14.80 -42.01 10.09
N GLN H 102 15.55 -41.13 10.76
CA GLN H 102 16.06 -39.91 10.12
C GLN H 102 17.50 -40.09 9.65
N SER H 103 17.81 -39.52 8.49
CA SER H 103 19.13 -39.64 7.90
C SER H 103 20.16 -38.86 8.71
N LEU H 104 21.19 -39.60 9.15
CA LEU H 104 22.34 -39.02 9.82
C LEU H 104 23.56 -39.22 8.94
N GLY H 105 24.23 -38.12 8.59
CA GLY H 105 25.45 -38.17 7.79
C GLY H 105 26.62 -38.32 8.74
N VAL H 106 27.20 -39.51 8.76
CA VAL H 106 28.26 -39.85 9.71
C VAL H 106 29.63 -39.63 9.13
N LEU H 107 29.72 -39.65 7.80
CA LEU H 107 30.99 -39.58 7.14
C LEU H 107 30.85 -38.92 5.78
N ARG H 108 31.71 -37.94 5.53
CA ARG H 108 31.80 -37.30 4.22
C ARG H 108 33.15 -37.53 3.59
N TRP H 109 33.20 -37.36 2.26
CA TRP H 109 34.46 -37.36 1.55
C TRP H 109 34.43 -36.58 0.27
N ARG H 110 35.60 -36.12 -0.15
CA ARG H 110 35.74 -35.37 -1.37
C ARG H 110 37.07 -35.65 -2.01
N LYS H 111 37.05 -35.84 -3.31
CA LYS H 111 38.27 -36.15 -4.06
C LYS H 111 38.30 -35.23 -5.26
N VAL H 112 39.43 -34.60 -5.50
CA VAL H 112 39.60 -33.74 -6.66
C VAL H 112 40.73 -34.26 -7.52
N ALA H 113 40.47 -34.45 -8.80
CA ALA H 113 41.50 -34.90 -9.71
C ALA H 113 41.91 -33.76 -10.63
N PRO H 114 43.22 -33.71 -10.95
CA PRO H 114 43.73 -32.69 -11.83
C PRO H 114 43.52 -33.10 -13.28
N ALA H 115 43.80 -32.18 -14.18
CA ALA H 115 43.73 -32.46 -15.61
C ALA H 115 44.38 -33.80 -15.95
N GLU H 116 43.74 -34.53 -16.86
CA GLU H 116 44.25 -35.78 -17.43
C GLU H 116 44.21 -36.99 -16.50
N ASP H 117 43.79 -36.79 -15.26
CA ASP H 117 43.53 -37.90 -14.36
C ASP H 117 42.10 -38.40 -14.60
N ASP H 118 41.98 -39.66 -15.02
CA ASP H 118 40.68 -40.23 -15.40
C ASP H 118 40.08 -41.19 -14.37
N SER H 119 40.56 -41.11 -13.14
CA SER H 119 40.22 -42.12 -12.14
C SER H 119 38.82 -41.95 -11.58
N LEU H 120 38.28 -40.72 -11.65
CA LEU H 120 36.93 -40.44 -11.14
C LEU H 120 35.89 -40.39 -12.24
N ILE H 121 36.26 -40.77 -13.45
CA ILE H 121 35.40 -40.62 -14.62
C ILE H 121 34.64 -41.93 -14.89
N PRO H 122 33.33 -41.95 -14.63
CA PRO H 122 32.57 -43.13 -14.98
C PRO H 122 32.20 -43.16 -16.46
N LEU H 123 32.24 -42.02 -17.13
CA LEU H 123 31.75 -41.92 -18.50
C LEU H 123 32.56 -40.91 -19.29
N THR H 124 33.36 -41.39 -20.23
CA THR H 124 34.18 -40.48 -21.04
C THR H 124 33.35 -39.84 -22.16
N LEU H 125 33.81 -38.71 -22.68
CA LEU H 125 33.07 -37.98 -23.70
C LEU H 125 33.97 -37.31 -24.69
N THR H 126 33.56 -37.33 -25.95
CA THR H 126 34.27 -36.65 -27.03
C THR H 126 33.26 -36.24 -28.07
N THR H 127 33.55 -35.17 -28.80
CA THR H 127 32.62 -34.72 -29.80
C THR H 127 33.32 -34.57 -31.11
N TRP H 128 32.55 -34.80 -32.17
CA TRP H 128 33.00 -34.57 -33.52
C TRP H 128 31.92 -33.75 -34.20
N VAL H 129 32.32 -32.66 -34.83
CA VAL H 129 31.38 -31.66 -35.30
C VAL H 129 31.82 -31.11 -36.65
N SER H 130 30.98 -31.31 -37.66
CA SER H 130 31.19 -30.69 -38.97
C SER H 130 29.92 -29.92 -39.36
N PRO H 131 30.07 -28.87 -40.21
CA PRO H 131 28.92 -28.18 -40.79
C PRO H 131 28.08 -29.13 -41.64
N SER H 132 26.75 -28.99 -41.59
CA SER H 132 25.86 -29.95 -42.26
C SER H 132 25.36 -29.48 -43.63
N GLU H 133 24.84 -30.44 -44.39
CA GLU H 133 24.23 -30.18 -45.68
C GLU H 133 22.76 -29.87 -45.46
N SER H 134 22.07 -30.78 -44.77
CA SER H 134 20.62 -30.79 -44.67
C SER H 134 19.97 -29.67 -43.83
N GLN H 135 20.76 -29.00 -42.99
CA GLN H 135 20.27 -27.87 -42.18
C GLN H 135 21.26 -26.71 -42.15
N GLN H 136 20.81 -25.55 -41.69
CA GLN H 136 21.67 -24.40 -41.47
C GLN H 136 22.30 -24.55 -40.09
N GLY H 137 23.34 -25.37 -40.02
CA GLY H 137 23.96 -25.70 -38.75
C GLY H 137 24.98 -26.82 -38.84
N PHE H 138 24.82 -27.83 -38.00
CA PHE H 138 25.91 -28.74 -37.70
C PHE H 138 25.52 -30.19 -37.52
N ASP H 139 26.37 -31.06 -38.07
CA ASP H 139 26.29 -32.49 -37.83
C ASP H 139 27.20 -32.79 -36.65
N VAL H 140 26.63 -33.45 -35.65
CA VAL H 140 27.31 -33.67 -34.39
C VAL H 140 27.31 -35.16 -34.02
N ILE H 141 28.44 -35.63 -33.52
CA ILE H 141 28.51 -36.95 -32.93
C ILE H 141 29.14 -36.84 -31.57
N ILE H 142 28.49 -37.41 -30.58
CA ILE H 142 29.04 -37.49 -29.26
C ILE H 142 29.42 -38.94 -29.00
N GLU H 143 30.73 -39.21 -28.90
CA GLU H 143 31.20 -40.54 -28.50
C GLU H 143 31.24 -40.64 -26.99
N TYR H 144 30.73 -41.72 -26.43
CA TYR H 144 30.83 -41.95 -25.00
C TYR H 144 31.36 -43.33 -24.73
N GLU H 145 31.90 -43.54 -23.53
CA GLU H 145 32.25 -44.87 -23.06
C GLU H 145 32.06 -45.00 -21.54
N SER H 146 31.29 -46.01 -21.11
CA SER H 146 31.11 -46.30 -19.69
C SER H 146 32.21 -47.20 -19.22
N VAL H 147 32.55 -47.07 -17.95
CA VAL H 147 33.45 -48.01 -17.26
C VAL H 147 32.74 -48.59 -16.05
N LEU H 148 31.44 -48.34 -15.96
CA LEU H 148 30.64 -48.85 -14.85
C LEU H 148 30.30 -50.31 -15.10
N GLU H 149 30.10 -51.04 -14.01
CA GLU H 149 29.77 -52.46 -14.09
C GLU H 149 28.23 -52.64 -14.20
N THR H 150 27.45 -51.69 -13.67
CA THR H 150 25.99 -51.65 -13.95
C THR H 150 25.72 -50.88 -15.23
N GLU H 151 24.48 -50.92 -15.71
CA GLU H 151 24.11 -50.15 -16.89
C GLU H 151 23.43 -48.85 -16.46
N LEU H 152 23.52 -47.85 -17.32
CA LEU H 152 22.90 -46.55 -17.07
C LEU H 152 21.65 -46.47 -17.91
N ALA H 153 20.60 -45.90 -17.33
CA ALA H 153 19.34 -45.72 -18.03
C ALA H 153 19.00 -44.23 -18.12
N ASP H 154 18.34 -43.85 -19.22
CA ASP H 154 17.78 -42.49 -19.37
C ASP H 154 18.82 -41.39 -19.16
N VAL H 155 19.85 -41.45 -19.99
CA VAL H 155 20.96 -40.52 -19.95
C VAL H 155 20.61 -39.35 -20.84
N ILE H 156 20.78 -38.13 -20.35
CA ILE H 156 20.28 -36.98 -21.07
C ILE H 156 21.36 -35.99 -21.46
N PHE H 157 21.60 -35.88 -22.76
CA PHE H 157 22.56 -34.94 -23.31
C PHE H 157 21.85 -33.63 -23.66
N THR H 158 22.40 -32.51 -23.24
CA THR H 158 21.78 -31.21 -23.43
C THR H 158 22.68 -30.26 -24.17
N ILE H 159 22.20 -29.73 -25.29
CA ILE H 159 22.93 -28.74 -26.09
C ILE H 159 22.29 -27.37 -25.82
N PRO H 160 23.11 -26.33 -25.58
CA PRO H 160 22.53 -25.05 -25.23
C PRO H 160 22.15 -24.22 -26.46
N VAL H 161 21.21 -24.72 -27.25
CA VAL H 161 20.62 -23.95 -28.35
C VAL H 161 19.14 -24.28 -28.48
N PHE H 162 18.39 -23.30 -29.00
CA PHE H 162 16.97 -23.45 -29.33
C PHE H 162 16.86 -23.26 -30.85
N PRO H 163 16.76 -24.37 -31.61
CA PRO H 163 16.67 -24.21 -33.06
C PRO H 163 15.22 -24.09 -33.53
N GLN H 164 15.05 -23.61 -34.76
CA GLN H 164 13.74 -23.39 -35.35
C GLN H 164 13.21 -24.70 -35.94
N GLU H 165 13.90 -25.19 -36.97
CA GLU H 165 13.67 -26.54 -37.51
C GLU H 165 13.95 -27.58 -36.43
N PRO H 166 13.19 -28.69 -36.39
CA PRO H 166 13.49 -29.63 -35.33
C PRO H 166 14.78 -30.42 -35.59
N VAL H 167 15.28 -31.09 -34.56
CA VAL H 167 16.50 -31.90 -34.64
C VAL H 167 16.28 -33.15 -35.46
N ASP H 168 17.25 -33.50 -36.30
CA ASP H 168 17.24 -34.75 -37.03
C ASP H 168 18.28 -35.71 -36.46
N ILE H 169 17.80 -36.74 -35.76
CA ILE H 169 18.69 -37.78 -35.22
C ILE H 169 19.07 -38.72 -36.33
N ASN H 170 20.38 -38.87 -36.60
CA ASN H 170 20.86 -39.92 -37.50
C ASN H 170 20.83 -41.23 -36.76
N THR H 171 19.83 -42.04 -37.08
CA THR H 171 19.53 -43.24 -36.32
C THR H 171 20.40 -44.45 -36.76
N GLU H 172 21.01 -44.34 -37.93
CA GLU H 172 21.88 -45.36 -38.47
C GLU H 172 23.30 -45.15 -37.89
N SER H 173 23.70 -43.89 -37.70
CA SER H 173 25.06 -43.52 -37.26
C SER H 173 25.15 -43.49 -35.72
N SER H 174 24.01 -43.64 -35.04
CA SER H 174 23.94 -43.70 -33.56
C SER H 174 24.04 -45.15 -33.12
N THR H 175 24.02 -45.38 -31.81
CA THR H 175 24.19 -46.72 -31.24
C THR H 175 22.92 -47.19 -30.56
N CYS H 176 22.28 -46.28 -29.83
CA CYS H 176 20.95 -46.53 -29.32
C CYS H 176 19.98 -45.82 -30.26
N SER H 177 19.42 -46.58 -31.20
CA SER H 177 18.74 -46.03 -32.39
C SER H 177 17.46 -45.26 -32.06
N ASP H 178 16.74 -45.72 -31.03
CA ASP H 178 15.53 -45.06 -30.52
C ASP H 178 15.78 -43.93 -29.50
N ALA H 179 16.84 -43.16 -29.68
CA ALA H 179 17.08 -41.94 -28.92
C ALA H 179 16.04 -40.92 -29.36
N GLU H 180 15.53 -40.12 -28.42
CA GLU H 180 14.50 -39.14 -28.75
C GLU H 180 14.76 -37.79 -28.08
N VAL H 181 14.43 -36.71 -28.77
CA VAL H 181 14.43 -35.38 -28.14
C VAL H 181 13.33 -35.38 -27.10
N VAL H 182 13.59 -34.79 -25.93
CA VAL H 182 12.57 -34.70 -24.87
C VAL H 182 12.36 -33.28 -24.39
N ASN H 183 13.05 -32.31 -24.99
CA ASN H 183 12.91 -30.94 -24.55
C ASN H 183 13.65 -29.97 -25.46
N MET H 184 12.90 -29.20 -26.23
CA MET H 184 13.41 -27.94 -26.71
C MET H 184 12.78 -26.91 -25.80
N ASP H 185 13.33 -25.70 -25.83
CA ASP H 185 13.09 -24.72 -24.77
C ASP H 185 14.20 -23.70 -24.87
N GLN H 186 13.88 -22.42 -24.76
CA GLN H 186 14.88 -21.37 -24.87
C GLN H 186 15.75 -21.25 -23.60
N GLU H 187 15.16 -21.53 -22.44
CA GLU H 187 15.88 -21.45 -21.16
C GLU H 187 16.97 -22.51 -21.12
N MET H 188 16.56 -23.78 -21.16
CA MET H 188 17.49 -24.91 -21.06
C MET H 188 18.26 -25.25 -22.35
N GLY H 189 17.61 -25.09 -23.50
CA GLY H 189 18.16 -25.52 -24.78
C GLY H 189 17.58 -26.87 -25.14
N THR H 190 18.27 -27.59 -26.03
CA THR H 190 17.78 -28.86 -26.56
C THR H 190 18.35 -30.09 -25.83
N SER H 191 17.46 -30.99 -25.37
CA SER H 191 17.86 -32.17 -24.59
C SER H 191 17.44 -33.48 -25.25
N ILE H 192 18.41 -34.37 -25.47
CA ILE H 192 18.20 -35.66 -26.13
C ILE H 192 18.41 -36.77 -25.12
N LYS H 193 17.49 -37.73 -25.10
CA LYS H 193 17.53 -38.81 -24.14
C LYS H 193 17.95 -40.11 -24.82
N ILE H 194 18.66 -40.96 -24.08
CA ILE H 194 19.10 -42.26 -24.55
C ILE H 194 18.58 -43.32 -23.58
N SER H 195 18.10 -44.43 -24.13
CA SER H 195 17.50 -45.49 -23.31
C SER H 195 18.52 -46.03 -22.31
N LYS H 196 19.62 -46.55 -22.84
CA LYS H 196 20.55 -47.35 -22.06
C LYS H 196 21.97 -47.09 -22.54
N ILE H 197 22.90 -47.09 -21.60
CA ILE H 197 24.31 -47.22 -21.91
C ILE H 197 24.80 -48.47 -21.20
N ALA H 198 25.26 -49.43 -22.00
CA ALA H 198 25.59 -50.74 -21.50
C ALA H 198 26.87 -50.68 -20.68
N ALA H 199 26.87 -51.40 -19.56
CA ALA H 199 28.06 -51.54 -18.72
C ALA H 199 29.32 -51.78 -19.57
N ASN H 200 30.40 -51.12 -19.21
CA ASN H 200 31.69 -51.20 -19.92
C ASN H 200 31.68 -51.13 -21.46
N ASP H 201 30.63 -50.55 -22.05
CA ASP H 201 30.53 -50.48 -23.50
C ASP H 201 30.61 -49.02 -23.97
N ALA H 202 31.26 -48.84 -25.12
CA ALA H 202 31.25 -47.59 -25.85
C ALA H 202 30.01 -47.44 -26.73
N GLY H 203 29.78 -46.22 -27.18
CA GLY H 203 28.66 -45.90 -28.02
C GLY H 203 28.84 -44.53 -28.65
N ALA H 204 27.84 -44.12 -29.42
CA ALA H 204 27.82 -42.80 -30.01
C ALA H 204 26.38 -42.32 -30.17
N LEU H 205 26.23 -41.01 -30.23
CA LEU H 205 24.95 -40.39 -30.45
C LEU H 205 25.18 -39.35 -31.54
N ALA H 206 24.49 -39.51 -32.67
CA ALA H 206 24.72 -38.68 -33.84
C ALA H 206 23.45 -37.98 -34.23
N PHE H 207 23.59 -36.73 -34.64
CA PHE H 207 22.43 -35.92 -35.00
C PHE H 207 22.84 -34.65 -35.74
N THR H 208 21.82 -34.00 -36.30
CA THR H 208 22.00 -32.71 -36.95
C THR H 208 21.15 -31.67 -36.24
N ILE H 209 21.70 -30.46 -36.10
CA ILE H 209 21.03 -29.40 -35.37
C ILE H 209 21.39 -28.02 -35.92
N GLU H 210 20.41 -27.13 -35.85
CA GLU H 210 20.54 -25.73 -36.30
C GLU H 210 21.30 -24.90 -35.28
N ALA H 211 22.28 -24.14 -35.76
CA ALA H 211 22.98 -23.19 -34.88
C ALA H 211 23.83 -22.20 -35.68
N PRO H 212 24.08 -21.01 -35.10
CA PRO H 212 24.83 -19.95 -35.77
C PRO H 212 26.28 -20.29 -36.09
N TYR H 213 27.01 -20.80 -35.10
CA TYR H 213 28.43 -21.13 -35.26
C TYR H 213 28.78 -22.24 -34.27
N GLU H 214 29.97 -22.81 -34.44
CA GLU H 214 30.35 -23.98 -33.67
C GLU H 214 30.31 -23.76 -32.15
N ASP H 215 30.95 -22.68 -31.67
CA ASP H 215 31.01 -22.41 -30.21
C ASP H 215 29.64 -22.36 -29.53
N ALA H 216 28.58 -22.14 -30.32
CA ALA H 216 27.22 -22.04 -29.80
C ALA H 216 26.67 -23.35 -29.28
N LEU H 217 27.30 -24.46 -29.67
CA LEU H 217 26.90 -25.79 -29.24
C LEU H 217 27.44 -26.18 -27.88
N TYR H 218 28.37 -25.40 -27.36
CA TYR H 218 29.01 -25.75 -26.11
C TYR H 218 28.65 -24.71 -25.07
N PRO H 219 28.66 -25.06 -23.79
CA PRO H 219 28.97 -26.38 -23.28
C PRO H 219 27.79 -27.34 -23.37
N MET H 220 28.09 -28.60 -23.75
CA MET H 220 27.11 -29.68 -23.72
C MET H 220 27.12 -30.36 -22.39
N THR H 221 25.95 -30.62 -21.84
CA THR H 221 25.85 -31.23 -20.53
C THR H 221 25.29 -32.60 -20.62
N VAL H 222 25.87 -33.53 -19.87
CA VAL H 222 25.31 -34.85 -19.73
C VAL H 222 24.74 -34.98 -18.34
N SER H 223 23.73 -35.82 -18.23
CA SER H 223 23.09 -36.05 -16.97
C SER H 223 22.68 -37.51 -16.84
N PHE H 224 23.09 -38.15 -15.75
CA PHE H 224 22.87 -39.58 -15.56
C PHE H 224 22.85 -39.89 -14.07
N GLN H 225 22.49 -41.13 -13.76
CA GLN H 225 22.13 -41.49 -12.41
C GLN H 225 22.12 -43.00 -12.32
N GLU H 226 22.31 -43.55 -11.12
CA GLU H 226 22.48 -44.97 -10.97
C GLU H 226 22.36 -45.36 -9.52
N SER H 227 21.74 -46.49 -9.26
CA SER H 227 21.43 -46.91 -7.90
C SER H 227 21.33 -48.44 -7.82
N THR H 228 21.87 -49.02 -6.75
CA THR H 228 21.59 -50.43 -6.46
C THR H 228 21.40 -50.67 -4.96
N ARG H 229 20.58 -51.67 -4.64
CA ARG H 229 20.23 -51.98 -3.25
C ARG H 229 20.92 -53.24 -2.74
N ASP H 230 21.58 -53.98 -3.62
CA ASP H 230 22.45 -55.09 -3.26
C ASP H 230 23.24 -54.80 -1.95
N LYS H 231 23.24 -55.77 -1.03
CA LYS H 231 23.97 -55.65 0.25
C LYS H 231 25.49 -55.80 0.13
N LEU H 232 25.97 -56.31 -1.01
CA LEU H 232 27.42 -56.44 -1.30
C LEU H 232 27.92 -55.32 -2.24
N ALA H 233 27.14 -54.24 -2.33
CA ALA H 233 27.40 -53.17 -3.29
C ALA H 233 28.62 -52.34 -2.89
N LYS H 234 29.45 -52.02 -3.88
CA LYS H 234 30.53 -51.08 -3.72
C LYS H 234 30.14 -49.77 -4.41
N SER H 235 30.64 -48.64 -3.90
CA SER H 235 30.44 -47.37 -4.57
C SER H 235 31.39 -47.31 -5.75
N PHE H 236 31.26 -46.26 -6.53
CA PHE H 236 32.15 -46.06 -7.65
C PHE H 236 33.61 -45.94 -7.18
N THR H 237 33.82 -45.32 -6.02
CA THR H 237 35.16 -45.12 -5.47
C THR H 237 35.59 -46.25 -4.58
N GLY H 238 34.84 -47.36 -4.60
CA GLY H 238 35.17 -48.54 -3.81
C GLY H 238 34.69 -48.52 -2.37
N MET H 239 33.80 -47.60 -2.06
CA MET H 239 33.26 -47.45 -0.72
C MET H 239 32.19 -48.50 -0.45
N ALA H 240 32.19 -49.09 0.75
CA ALA H 240 31.27 -50.19 1.08
C ALA H 240 31.31 -50.61 2.54
N ILE H 241 30.29 -51.35 2.94
CA ILE H 241 30.15 -51.81 4.31
C ILE H 241 30.54 -53.27 4.44
N GLN H 242 31.28 -53.62 5.48
CA GLN H 242 31.59 -55.02 5.74
C GLN H 242 30.49 -55.68 6.56
N SER H 243 30.19 -55.07 7.70
CA SER H 243 29.15 -55.55 8.58
C SER H 243 28.63 -54.45 9.48
N VAL H 244 27.49 -54.72 10.10
CA VAL H 244 26.99 -53.91 11.20
C VAL H 244 26.95 -54.83 12.41
N VAL H 245 27.12 -54.25 13.58
CA VAL H 245 27.61 -54.98 14.72
C VAL H 245 27.18 -54.32 16.03
N MET H 246 26.88 -55.15 17.05
CA MET H 246 26.52 -54.62 18.37
C MET H 246 27.64 -53.77 18.96
N ALA H 247 27.28 -52.64 19.55
CA ALA H 247 28.28 -51.73 20.13
C ALA H 247 29.11 -52.37 21.24
N ASN H 248 28.59 -53.41 21.90
CA ASN H 248 29.35 -54.13 22.94
C ASN H 248 29.96 -55.43 22.43
N ASP H 249 29.13 -56.32 21.91
CA ASP H 249 29.60 -57.60 21.40
C ASP H 249 29.96 -57.49 19.91
N HIS H 250 31.22 -57.19 19.64
CA HIS H 250 31.66 -56.99 18.24
C HIS H 250 31.59 -58.26 17.36
N ASP H 251 31.40 -59.43 17.98
CA ASP H 251 31.18 -60.69 17.21
C ASP H 251 29.72 -60.82 16.80
N GLN H 252 28.85 -60.07 17.49
CA GLN H 252 27.40 -60.11 17.28
C GLN H 252 26.94 -59.25 16.08
N GLU H 253 26.77 -59.87 14.91
CA GLU H 253 26.32 -59.15 13.71
C GLU H 253 24.84 -58.76 13.82
N LEU H 254 24.44 -57.73 13.07
CA LEU H 254 23.05 -57.28 13.00
C LEU H 254 22.63 -57.22 11.53
N PRO H 255 21.32 -57.18 11.27
CA PRO H 255 20.84 -57.14 9.88
C PRO H 255 20.74 -55.72 9.31
N TYR H 256 20.97 -55.58 8.02
CA TYR H 256 20.94 -54.26 7.39
C TYR H 256 20.80 -54.33 5.88
N ASP H 257 20.36 -53.21 5.31
CA ASP H 257 20.34 -53.01 3.87
C ASP H 257 21.32 -51.89 3.54
N VAL H 258 21.66 -51.77 2.27
CA VAL H 258 22.51 -50.68 1.83
C VAL H 258 22.22 -50.27 0.37
N ILE H 259 22.02 -48.98 0.18
CA ILE H 259 21.83 -48.41 -1.14
C ILE H 259 23.06 -47.61 -1.53
N THR H 260 23.50 -47.82 -2.78
CA THR H 260 24.68 -47.19 -3.32
C THR H 260 24.29 -46.39 -4.55
N SER H 261 24.37 -45.06 -4.44
CA SER H 261 23.99 -44.19 -5.55
C SER H 261 25.21 -43.50 -6.21
N LEU H 262 25.02 -43.06 -7.45
CA LEU H 262 25.98 -42.19 -8.15
C LEU H 262 25.25 -41.26 -9.15
N LYS H 263 25.17 -39.97 -8.86
CA LYS H 263 24.51 -39.03 -9.75
C LYS H 263 25.54 -38.10 -10.33
N SER H 264 25.30 -37.63 -11.54
CA SER H 264 26.13 -36.62 -12.15
C SER H 264 25.61 -35.26 -11.72
N ASP H 265 26.48 -34.27 -11.60
CA ASP H 265 26.04 -32.87 -11.38
C ASP H 265 26.48 -32.00 -12.57
N GLU H 266 27.56 -31.22 -12.41
CA GLU H 266 28.13 -30.45 -13.53
C GLU H 266 29.12 -31.31 -14.30
N TYR H 267 28.59 -32.01 -15.30
CA TYR H 267 29.34 -32.98 -16.07
C TYR H 267 29.19 -32.51 -17.49
N LEU H 268 30.26 -32.03 -18.09
CA LEU H 268 30.13 -31.34 -19.36
C LEU H 268 31.33 -31.34 -20.29
N VAL H 269 31.06 -31.02 -21.54
CA VAL H 269 32.08 -30.83 -22.56
C VAL H 269 32.07 -29.37 -22.94
N GLN H 270 33.25 -28.77 -23.07
CA GLN H 270 33.34 -27.32 -23.21
C GLN H 270 34.29 -26.85 -24.30
#